data_1UMC
#
_entry.id   1UMC
#
_cell.length_a   127.197
_cell.length_b   247.216
_cell.length_c   137.557
_cell.angle_alpha   90.00
_cell.angle_beta   90.00
_cell.angle_gamma   90.00
#
_symmetry.space_group_name_H-M   'C 2 2 21'
#
loop_
_entity.id
_entity.type
_entity.pdbx_description
1 polymer '2-oxo acid dehydrogenase alpha subunit'
2 polymer '2-oxo acid dehydrogenase beta subunit'
3 non-polymer 'MAGNESIUM ION'
4 non-polymer 'THIAMINE DIPHOSPHATE'
5 non-polymer '4-METHYL VALERIC ACID'
6 water water
#
loop_
_entity_poly.entity_id
_entity_poly.type
_entity_poly.pdbx_seq_one_letter_code
_entity_poly.pdbx_strand_id
1 'polypeptide(L)'
;MVKETHRFETFTEEPIRLIGEEGEWLGDFPLDLEGEKLRRLYRDMLAARMLDERYTILIRTGKTSFIAPAAGHEAAQVAI
AHAIRPGFDWVFPYYRDHGLALALGIPLKELLGQMLATKADPNKGRQMPEHPGSKALNFFTVASPIASHVPPAAGAAISM
KLLRTGQVAVCTFGDGATSEGDWYAGINFAAVQGAPAVFIAENNFYAISVDYRHQTHSPTIADKAHAFGIPGYLVDGMDV
LASYYVVKEAVERARRGEGPSLVELRVYRYGPHSSADDDSRYRPKEEVAFWRKKDPIPRFRRFLEARGLWNEEWEEDVRE
EIRAELERGLKEAEEAGPVPPEWMFEDVFAEKPWHLLRQEALLKEEL
;
A,C
2 'polypeptide(L)'
;MALMTMVQALNRALDEEMAKDPRVVVLGEDVGKRGGVFLVTEGLLQKYGPDRVMDTPLSEAAIVGAALGMAAHGLRPVAE
IQFADYIFPGFDQLVSQVAKLRYRSGGQFTAPLVVRMPSGGGVRGGHHHSQSPEAHFVHTAGLKVVAVSTPYDAKGLLKA
AIRDEDPVVFLEPKRLYRSVKEEVPEEDYTLPIGKAALRREGKDLTLICYGTVMPEVLQAAAELAKAGVSAEVLDLRTLM
PWDYEAVMNSVAKTGRVVLVSDAPRHASFVSEVAATIAEDLLDMLLAPPIRVTGFDTPYPYAQDKLYLPTVTRILNAAKR
ALDY
;
B,D
#
loop_
_chem_comp.id
_chem_comp.type
_chem_comp.name
_chem_comp.formula
4MV non-polymer '4-METHYL VALERIC ACID' 'C6 H12 O2'
MG non-polymer 'MAGNESIUM ION' 'Mg 2'
TPP non-polymer 'THIAMINE DIPHOSPHATE' 'C12 H19 N4 O7 P2 S 1'
#
# COMPACT_ATOMS: atom_id res chain seq x y z
N HIS A 6 -29.51 1.14 29.30
CA HIS A 6 -30.03 1.79 28.05
C HIS A 6 -29.18 1.49 26.83
N ARG A 7 -29.83 1.44 25.67
CA ARG A 7 -29.16 1.18 24.41
C ARG A 7 -29.86 1.94 23.27
N PHE A 8 -29.09 2.75 22.53
CA PHE A 8 -29.65 3.50 21.41
C PHE A 8 -29.93 2.55 20.26
N GLU A 9 -30.82 2.94 19.36
CA GLU A 9 -31.14 2.12 18.21
C GLU A 9 -30.04 2.22 17.17
N THR A 10 -29.70 1.10 16.55
CA THR A 10 -28.65 1.08 15.55
C THR A 10 -29.24 1.26 14.15
N PHE A 11 -28.42 1.74 13.22
CA PHE A 11 -28.84 1.92 11.84
C PHE A 11 -30.20 2.61 11.67
N THR A 12 -30.51 3.58 12.53
CA THR A 12 -31.78 4.29 12.44
C THR A 12 -31.86 5.06 11.12
N GLU A 13 -33.07 5.22 10.58
CA GLU A 13 -33.24 5.93 9.33
C GLU A 13 -33.03 7.42 9.58
N GLU A 14 -33.56 7.89 10.69
CA GLU A 14 -33.43 9.28 11.07
C GLU A 14 -32.28 9.38 12.07
N PRO A 15 -31.37 10.36 11.88
CA PRO A 15 -30.28 10.46 12.84
C PRO A 15 -30.78 10.72 14.26
N ILE A 16 -30.13 10.09 15.22
CA ILE A 16 -30.49 10.21 16.63
C ILE A 16 -30.34 11.65 17.12
N ARG A 17 -31.39 12.15 17.80
CA ARG A 17 -31.39 13.50 18.35
C ARG A 17 -31.88 13.48 19.79
N LEU A 18 -31.38 14.40 20.61
CA LEU A 18 -31.80 14.48 21.99
C LEU A 18 -32.29 15.88 22.35
N ILE A 19 -31.83 16.88 21.62
CA ILE A 19 -32.24 18.25 21.87
C ILE A 19 -33.32 18.72 20.92
N GLY A 20 -34.50 19.01 21.45
CA GLY A 20 -35.60 19.48 20.62
C GLY A 20 -35.27 20.88 20.12
N GLU A 21 -36.07 21.39 19.17
CA GLU A 21 -35.81 22.73 18.62
C GLU A 21 -36.17 23.86 19.59
N GLU A 22 -36.89 23.51 20.65
CA GLU A 22 -37.29 24.48 21.67
C GLU A 22 -36.60 24.18 22.99
N GLY A 23 -35.57 23.35 22.94
CA GLY A 23 -34.83 22.98 24.14
C GLY A 23 -35.42 21.80 24.90
N GLU A 24 -36.36 21.10 24.27
CA GLU A 24 -36.99 19.95 24.90
C GLU A 24 -36.13 18.70 24.81
N TRP A 25 -36.12 17.93 25.90
CA TRP A 25 -35.35 16.70 25.99
C TRP A 25 -36.13 15.59 25.28
N LEU A 26 -35.53 14.99 24.26
CA LEU A 26 -36.19 13.94 23.49
C LEU A 26 -35.83 12.51 23.90
N GLY A 27 -34.83 12.38 24.77
CA GLY A 27 -34.38 11.07 25.19
C GLY A 27 -35.42 10.14 25.80
N ASP A 28 -35.18 8.85 25.67
CA ASP A 28 -36.05 7.84 26.23
C ASP A 28 -35.35 7.28 27.46
N PHE A 29 -34.65 8.18 28.14
CA PHE A 29 -33.92 7.93 29.37
C PHE A 29 -33.75 9.31 29.97
N PRO A 30 -33.65 9.40 31.30
CA PRO A 30 -33.49 10.71 31.93
C PRO A 30 -32.12 11.37 31.77
N LEU A 31 -32.12 12.68 31.50
CA LEU A 31 -30.89 13.45 31.36
C LEU A 31 -30.18 13.33 32.70
N ASP A 32 -28.93 12.88 32.68
CA ASP A 32 -28.20 12.69 33.92
C ASP A 32 -26.98 13.58 34.09
N LEU A 33 -26.77 14.50 33.17
CA LEU A 33 -25.63 15.40 33.28
C LEU A 33 -25.95 16.52 34.26
N GLU A 34 -25.08 16.70 35.26
CA GLU A 34 -25.25 17.75 36.26
C GLU A 34 -25.27 19.10 35.55
N GLY A 35 -25.82 20.12 36.21
CA GLY A 35 -25.87 21.44 35.59
C GLY A 35 -24.50 21.96 35.19
N GLU A 36 -23.51 21.72 36.06
CA GLU A 36 -22.15 22.16 35.81
C GLU A 36 -21.59 21.53 34.54
N LYS A 37 -21.67 20.21 34.46
CA LYS A 37 -21.17 19.48 33.30
C LYS A 37 -21.82 19.96 32.01
N LEU A 38 -23.11 20.25 32.05
CA LEU A 38 -23.84 20.73 30.87
C LEU A 38 -23.25 22.05 30.40
N ARG A 39 -23.01 22.96 31.35
CA ARG A 39 -22.46 24.26 31.03
C ARG A 39 -21.04 24.13 30.49
N ARG A 40 -20.31 23.13 30.97
CA ARG A 40 -18.94 22.91 30.52
C ARG A 40 -18.94 22.54 29.04
N LEU A 41 -19.86 21.66 28.64
CA LEU A 41 -19.97 21.26 27.25
C LEU A 41 -20.17 22.51 26.40
N TYR A 42 -21.01 23.42 26.88
CA TYR A 42 -21.27 24.65 26.14
C TYR A 42 -20.00 25.49 26.08
N ARG A 43 -19.37 25.67 27.24
CA ARG A 43 -18.14 26.44 27.35
C ARG A 43 -17.11 25.94 26.34
N ASP A 44 -16.85 24.64 26.34
CA ASP A 44 -15.88 24.07 25.40
C ASP A 44 -16.23 24.27 23.93
N MET A 45 -17.51 24.25 23.60
CA MET A 45 -17.89 24.46 22.20
C MET A 45 -17.57 25.90 21.81
N LEU A 46 -17.77 26.83 22.73
CA LEU A 46 -17.48 28.23 22.47
C LEU A 46 -15.98 28.35 22.24
N ALA A 47 -15.22 27.74 23.15
CA ALA A 47 -13.76 27.75 23.07
C ALA A 47 -13.31 27.17 21.73
N ALA A 48 -13.86 26.02 21.37
CA ALA A 48 -13.51 25.39 20.11
C ALA A 48 -13.78 26.35 18.95
N ARG A 49 -14.98 26.93 18.94
CA ARG A 49 -15.36 27.87 17.90
C ARG A 49 -14.43 29.08 17.87
N MET A 50 -14.14 29.63 19.04
CA MET A 50 -13.28 30.80 19.13
C MET A 50 -11.83 30.51 18.73
N LEU A 51 -11.37 29.29 19.01
CA LEU A 51 -10.02 28.91 18.63
C LEU A 51 -9.96 28.87 17.10
N ASP A 52 -11.03 28.35 16.51
CA ASP A 52 -11.12 28.23 15.07
C ASP A 52 -11.07 29.60 14.40
N GLU A 53 -11.77 30.57 14.95
CA GLU A 53 -11.79 31.91 14.39
C GLU A 53 -10.44 32.57 14.61
N ARG A 54 -9.77 32.16 15.69
CA ARG A 54 -8.45 32.69 15.99
C ARG A 54 -7.49 32.17 14.92
N TYR A 55 -7.68 30.92 14.51
CA TYR A 55 -6.83 30.31 13.48
C TYR A 55 -6.94 31.10 12.19
N THR A 56 -8.14 31.59 11.90
CA THR A 56 -8.40 32.39 10.70
C THR A 56 -7.49 33.62 10.70
N ILE A 57 -7.35 34.23 11.87
CA ILE A 57 -6.53 35.41 12.01
C ILE A 57 -5.04 35.07 11.88
N LEU A 58 -4.66 33.91 12.40
CA LEU A 58 -3.26 33.48 12.31
C LEU A 58 -2.86 33.36 10.85
N ILE A 59 -3.81 32.99 9.99
CA ILE A 59 -3.53 32.86 8.56
C ILE A 59 -3.43 34.25 7.95
N ARG A 60 -4.44 35.08 8.21
CA ARG A 60 -4.48 36.44 7.69
C ARG A 60 -3.22 37.22 8.05
N THR A 61 -2.76 37.05 9.29
CA THR A 61 -1.57 37.74 9.77
C THR A 61 -0.28 37.03 9.40
N GLY A 62 -0.38 35.96 8.63
CA GLY A 62 0.80 35.21 8.23
C GLY A 62 1.57 34.51 9.33
N LYS A 63 0.92 34.24 10.47
CA LYS A 63 1.55 33.57 11.60
C LYS A 63 1.69 32.06 11.35
N THR A 64 0.73 31.51 10.62
CA THR A 64 0.73 30.09 10.28
C THR A 64 0.40 29.97 8.80
N SER A 65 0.90 28.93 8.15
CA SER A 65 0.68 28.74 6.71
C SER A 65 -0.48 27.85 6.31
N PHE A 66 -1.16 27.24 7.27
CA PHE A 66 -2.27 26.36 6.92
C PHE A 66 -3.20 26.05 8.08
N ILE A 67 -4.50 26.13 7.82
CA ILE A 67 -5.49 25.79 8.84
C ILE A 67 -6.58 24.98 8.17
N ALA A 68 -7.27 24.18 8.97
CA ALA A 68 -8.38 23.35 8.53
C ALA A 68 -9.55 23.76 9.41
N PRO A 69 -10.36 24.73 8.94
CA PRO A 69 -11.52 25.22 9.70
C PRO A 69 -12.41 24.13 10.27
N ALA A 70 -12.61 24.14 11.58
CA ALA A 70 -13.43 23.13 12.25
C ALA A 70 -14.80 23.67 12.68
N ALA A 71 -15.12 24.89 12.27
CA ALA A 71 -16.41 25.48 12.62
C ALA A 71 -17.51 24.56 12.09
N GLY A 72 -18.39 24.12 12.99
CA GLY A 72 -19.47 23.23 12.61
C GLY A 72 -19.27 21.84 13.22
N HIS A 73 -18.03 21.53 13.60
CA HIS A 73 -17.69 20.24 14.19
C HIS A 73 -17.64 20.29 15.72
N GLU A 74 -17.92 21.47 16.29
CA GLU A 74 -17.86 21.63 17.75
C GLU A 74 -18.64 20.63 18.58
N ALA A 75 -19.91 20.43 18.25
CA ALA A 75 -20.73 19.50 19.03
C ALA A 75 -20.12 18.10 19.02
N ALA A 76 -19.73 17.65 17.84
CA ALA A 76 -19.13 16.32 17.70
C ALA A 76 -17.81 16.20 18.45
N GLN A 77 -16.89 17.13 18.19
CA GLN A 77 -15.58 17.10 18.83
C GLN A 77 -15.62 17.28 20.35
N VAL A 78 -16.40 18.23 20.84
CA VAL A 78 -16.48 18.45 22.29
C VAL A 78 -17.13 17.24 22.96
N ALA A 79 -18.15 16.67 22.32
CA ALA A 79 -18.82 15.51 22.88
C ALA A 79 -17.85 14.35 23.05
N ILE A 80 -17.07 14.06 22.02
CA ILE A 80 -16.12 12.96 22.07
C ILE A 80 -15.12 13.17 23.20
N ALA A 81 -14.60 14.39 23.31
CA ALA A 81 -13.64 14.72 24.35
C ALA A 81 -14.19 14.43 25.75
N HIS A 82 -15.49 14.62 25.92
CA HIS A 82 -16.11 14.38 27.22
C HIS A 82 -16.66 12.98 27.42
N ALA A 83 -16.80 12.22 26.35
CA ALA A 83 -17.31 10.86 26.46
C ALA A 83 -16.23 9.90 26.99
N ILE A 84 -14.98 10.32 26.92
CA ILE A 84 -13.88 9.51 27.40
C ILE A 84 -13.22 10.13 28.62
N ARG A 85 -12.19 9.46 29.13
CA ARG A 85 -11.44 9.92 30.30
C ARG A 85 -10.06 10.37 29.82
N PRO A 86 -9.90 11.68 29.57
CA PRO A 86 -8.61 12.23 29.10
C PRO A 86 -7.43 11.88 30.00
N GLY A 87 -6.31 11.52 29.38
CA GLY A 87 -5.13 11.16 30.14
C GLY A 87 -5.11 9.66 30.35
N PHE A 88 -6.29 9.04 30.26
CA PHE A 88 -6.41 7.60 30.44
C PHE A 88 -6.70 6.90 29.11
N ASP A 89 -7.81 7.28 28.48
CA ASP A 89 -8.18 6.70 27.20
C ASP A 89 -7.31 7.32 26.10
N TRP A 90 -7.22 6.65 24.96
CA TRP A 90 -6.43 7.16 23.85
C TRP A 90 -7.30 7.77 22.76
N VAL A 91 -6.70 8.68 22.01
CA VAL A 91 -7.40 9.36 20.91
C VAL A 91 -6.53 9.27 19.67
N PHE A 92 -7.12 8.82 18.57
CA PHE A 92 -6.42 8.74 17.29
C PHE A 92 -7.22 9.67 16.39
N PRO A 93 -6.86 10.96 16.41
CA PRO A 93 -7.51 12.02 15.62
C PRO A 93 -6.91 12.31 14.26
N TYR A 94 -7.52 13.25 13.56
CA TYR A 94 -6.99 13.69 12.28
C TYR A 94 -6.84 15.22 12.34
N TYR A 95 -6.33 15.80 11.28
CA TYR A 95 -6.05 17.23 11.23
C TYR A 95 -7.12 18.25 11.61
N ARG A 96 -8.40 17.92 11.44
CA ARG A 96 -9.43 18.90 11.76
C ARG A 96 -9.91 18.86 13.21
N ASP A 97 -9.30 18.03 14.04
CA ASP A 97 -9.72 17.90 15.43
C ASP A 97 -9.10 18.83 16.47
N HIS A 98 -8.74 20.07 16.10
CA HIS A 98 -8.17 20.94 17.12
C HIS A 98 -9.21 21.32 18.18
N GLY A 99 -10.48 21.22 17.83
CA GLY A 99 -11.54 21.50 18.79
C GLY A 99 -11.55 20.40 19.83
N LEU A 100 -11.42 19.16 19.35
CA LEU A 100 -11.39 17.99 20.22
C LEU A 100 -10.14 18.06 21.10
N ALA A 101 -9.03 18.46 20.50
CA ALA A 101 -7.77 18.58 21.22
C ALA A 101 -7.89 19.63 22.33
N LEU A 102 -8.54 20.74 22.04
CA LEU A 102 -8.72 21.79 23.03
C LEU A 102 -9.55 21.28 24.21
N ALA A 103 -10.71 20.70 23.89
CA ALA A 103 -11.62 20.19 24.91
C ALA A 103 -11.02 19.03 25.70
N LEU A 104 -10.11 18.29 25.06
CA LEU A 104 -9.48 17.16 25.70
C LEU A 104 -8.51 17.63 26.79
N GLY A 105 -8.09 18.88 26.72
CA GLY A 105 -7.19 19.41 27.72
C GLY A 105 -5.76 19.67 27.28
N ILE A 106 -5.50 19.64 25.98
CA ILE A 106 -4.15 19.90 25.48
C ILE A 106 -3.88 21.41 25.61
N PRO A 107 -2.74 21.78 26.21
CA PRO A 107 -2.40 23.19 26.40
C PRO A 107 -2.36 23.98 25.09
N LEU A 108 -2.99 25.15 25.10
CA LEU A 108 -3.00 26.00 23.91
C LEU A 108 -1.56 26.26 23.45
N LYS A 109 -0.67 26.39 24.43
CA LYS A 109 0.74 26.63 24.16
C LYS A 109 1.27 25.58 23.19
N GLU A 110 0.85 24.33 23.39
CA GLU A 110 1.27 23.22 22.55
C GLU A 110 0.54 23.15 21.21
N LEU A 111 -0.75 23.47 21.21
CA LEU A 111 -1.52 23.46 19.96
C LEU A 111 -1.05 24.58 19.05
N LEU A 112 -0.95 25.78 19.60
CA LEU A 112 -0.52 26.93 18.81
C LEU A 112 0.96 26.78 18.48
N GLY A 113 1.70 26.16 19.41
CA GLY A 113 3.12 25.95 19.18
C GLY A 113 3.30 25.08 17.95
N GLN A 114 2.47 24.06 17.83
CA GLN A 114 2.54 23.16 16.68
C GLN A 114 2.13 23.94 15.43
N MET A 115 1.16 24.84 15.56
CA MET A 115 0.70 25.65 14.44
C MET A 115 1.79 26.62 13.96
N LEU A 116 2.57 27.14 14.90
CA LEU A 116 3.64 28.09 14.59
C LEU A 116 5.01 27.44 14.44
N ALA A 117 5.06 26.13 14.70
CA ALA A 117 6.30 25.38 14.60
C ALA A 117 7.43 25.92 15.49
N THR A 118 7.07 26.35 16.70
CA THR A 118 8.07 26.86 17.63
C THR A 118 8.46 25.77 18.62
N LYS A 119 9.48 26.04 19.42
CA LYS A 119 9.96 25.06 20.38
C LYS A 119 8.87 24.67 21.37
N ALA A 120 7.74 25.37 21.31
CA ALA A 120 6.61 25.10 22.19
C ALA A 120 5.87 23.83 21.76
N ASP A 121 6.06 23.46 20.50
CA ASP A 121 5.43 22.26 19.96
C ASP A 121 6.18 21.01 20.40
N PRO A 122 5.53 20.15 21.20
CA PRO A 122 6.18 18.92 21.67
C PRO A 122 6.49 17.99 20.50
N ASN A 123 5.96 18.34 19.33
CA ASN A 123 6.20 17.54 18.12
C ASN A 123 7.36 18.15 17.36
N LYS A 124 8.00 19.14 17.98
CA LYS A 124 9.17 19.81 17.43
C LYS A 124 9.09 20.40 16.01
N GLY A 125 7.94 20.94 15.64
CA GLY A 125 7.79 21.55 14.33
C GLY A 125 8.16 20.66 13.16
N ARG A 126 8.05 19.35 13.36
CA ARG A 126 8.37 18.39 12.31
C ARG A 126 7.38 18.39 11.15
N GLN A 127 6.09 18.59 11.45
CA GLN A 127 5.07 18.59 10.40
C GLN A 127 4.40 19.94 10.22
N MET A 128 3.61 20.07 9.16
CA MET A 128 2.91 21.31 8.89
C MET A 128 1.79 21.53 9.93
N PRO A 129 1.14 22.71 9.91
CA PRO A 129 0.08 22.97 10.89
C PRO A 129 -1.06 21.94 10.88
N GLU A 130 -1.83 21.94 11.97
CA GLU A 130 -2.95 21.03 12.15
C GLU A 130 -2.50 19.58 12.33
N HIS A 131 -1.35 19.40 12.97
CA HIS A 131 -0.83 18.06 13.24
C HIS A 131 -0.40 17.97 14.71
N PRO A 132 -1.31 18.33 15.62
CA PRO A 132 -0.96 18.26 17.04
C PRO A 132 -0.74 16.83 17.49
N GLY A 133 -0.19 16.67 18.69
CA GLY A 133 0.07 15.35 19.22
C GLY A 133 0.54 15.51 20.66
N SER A 134 0.03 14.68 21.55
CA SER A 134 0.41 14.77 22.96
C SER A 134 0.51 13.42 23.65
N LYS A 135 1.69 13.14 24.20
CA LYS A 135 1.92 11.91 24.93
C LYS A 135 1.15 11.93 26.24
N ALA A 136 1.17 13.08 26.91
CA ALA A 136 0.48 13.23 28.19
C ALA A 136 -1.01 12.92 28.10
N LEU A 137 -1.64 13.33 27.00
CA LEU A 137 -3.06 13.09 26.82
C LEU A 137 -3.43 11.98 25.84
N ASN A 138 -2.48 11.07 25.58
CA ASN A 138 -2.72 9.96 24.66
C ASN A 138 -3.37 10.40 23.35
N PHE A 139 -2.93 11.55 22.85
CA PHE A 139 -3.44 12.11 21.59
C PHE A 139 -2.44 11.75 20.51
N PHE A 140 -2.61 10.56 19.92
CA PHE A 140 -1.72 10.05 18.88
C PHE A 140 -1.46 11.11 17.80
N THR A 141 -0.21 11.54 17.69
CA THR A 141 0.15 12.58 16.73
C THR A 141 -0.42 12.36 15.32
N VAL A 142 -1.18 13.36 14.87
CA VAL A 142 -1.81 13.35 13.55
C VAL A 142 -0.82 13.03 12.43
N ALA A 143 -1.24 12.18 11.50
CA ALA A 143 -0.40 11.81 10.36
C ALA A 143 -1.08 12.37 9.12
N SER A 144 -0.32 12.67 8.07
CA SER A 144 -0.89 13.24 6.86
C SER A 144 -1.75 12.31 5.99
N PRO A 145 -1.26 11.12 5.67
CA PRO A 145 -2.07 10.22 4.84
C PRO A 145 -3.41 9.81 5.46
N ILE A 146 -4.49 10.19 4.79
CA ILE A 146 -5.86 9.91 5.22
C ILE A 146 -6.12 8.47 5.69
N ALA A 147 -6.75 8.36 6.86
CA ALA A 147 -7.11 7.07 7.44
C ALA A 147 -5.95 6.16 7.83
N SER A 148 -4.71 6.62 7.65
CA SER A 148 -3.57 5.79 8.01
C SER A 148 -3.51 5.53 9.51
N HIS A 149 -4.26 6.30 10.28
CA HIS A 149 -4.28 6.13 11.73
C HIS A 149 -5.32 5.14 12.24
N VAL A 150 -6.15 4.61 11.34
CA VAL A 150 -7.18 3.66 11.74
C VAL A 150 -6.59 2.32 12.19
N PRO A 151 -5.70 1.73 11.38
CA PRO A 151 -5.12 0.44 11.82
C PRO A 151 -4.40 0.59 13.17
N PRO A 152 -3.57 1.64 13.32
CA PRO A 152 -2.88 1.82 14.60
C PRO A 152 -3.85 1.89 15.79
N ALA A 153 -4.96 2.60 15.60
CA ALA A 153 -5.97 2.71 16.65
C ALA A 153 -6.39 1.30 17.08
N ALA A 154 -6.61 0.43 16.09
CA ALA A 154 -7.02 -0.94 16.34
C ALA A 154 -5.96 -1.71 17.13
N GLY A 155 -4.69 -1.51 16.78
CA GLY A 155 -3.62 -2.16 17.50
C GLY A 155 -3.57 -1.70 18.95
N ALA A 156 -3.65 -0.38 19.15
CA ALA A 156 -3.63 0.17 20.51
C ALA A 156 -4.74 -0.49 21.34
N ALA A 157 -5.93 -0.56 20.78
CA ALA A 157 -7.08 -1.17 21.46
C ALA A 157 -6.79 -2.64 21.82
N ILE A 158 -6.24 -3.39 20.88
CA ILE A 158 -5.93 -4.78 21.14
C ILE A 158 -4.93 -4.86 22.29
N SER A 159 -4.00 -3.91 22.31
CA SER A 159 -3.00 -3.86 23.36
C SER A 159 -3.69 -3.63 24.71
N MET A 160 -4.64 -2.70 24.72
CA MET A 160 -5.38 -2.38 25.95
C MET A 160 -6.15 -3.59 26.46
N LYS A 161 -6.61 -4.42 25.54
CA LYS A 161 -7.37 -5.60 25.92
C LYS A 161 -6.47 -6.68 26.51
N LEU A 162 -5.33 -6.93 25.85
CA LEU A 162 -4.40 -7.95 26.30
C LEU A 162 -3.77 -7.58 27.64
N LEU A 163 -3.49 -6.29 27.82
CA LEU A 163 -2.88 -5.80 29.05
C LEU A 163 -3.89 -5.46 30.14
N ARG A 164 -5.16 -5.71 29.87
CA ARG A 164 -6.24 -5.45 30.83
C ARG A 164 -6.16 -4.07 31.50
N THR A 165 -5.88 -3.03 30.72
CA THR A 165 -5.77 -1.70 31.28
C THR A 165 -7.13 -1.03 31.50
N GLY A 166 -8.15 -1.52 30.82
CA GLY A 166 -9.48 -0.93 30.98
C GLY A 166 -9.65 0.34 30.18
N GLN A 167 -8.65 0.65 29.35
CA GLN A 167 -8.73 1.84 28.52
C GLN A 167 -9.52 1.54 27.26
N VAL A 168 -9.86 2.60 26.54
CA VAL A 168 -10.59 2.48 25.28
C VAL A 168 -9.85 3.39 24.30
N ALA A 169 -9.94 3.07 23.01
CA ALA A 169 -9.30 3.90 22.00
C ALA A 169 -10.37 4.46 21.08
N VAL A 170 -10.45 5.80 21.00
CA VAL A 170 -11.42 6.42 20.12
C VAL A 170 -10.65 6.89 18.89
N CYS A 171 -11.23 6.66 17.72
CA CYS A 171 -10.59 7.01 16.47
C CYS A 171 -11.54 7.85 15.62
N THR A 172 -11.13 9.07 15.32
CA THR A 172 -11.96 9.97 14.50
C THR A 172 -11.41 10.17 13.10
N PHE A 173 -12.31 10.41 12.16
CA PHE A 173 -11.93 10.60 10.76
C PHE A 173 -13.12 11.23 10.03
N GLY A 174 -12.88 11.72 8.81
CA GLY A 174 -13.95 12.32 8.03
C GLY A 174 -14.63 11.31 7.13
N ASP A 175 -15.64 11.75 6.38
CA ASP A 175 -16.35 10.85 5.47
C ASP A 175 -15.44 10.32 4.37
N GLY A 176 -14.60 11.18 3.81
CA GLY A 176 -13.69 10.74 2.77
C GLY A 176 -12.79 9.58 3.17
N ALA A 177 -12.31 9.62 4.40
CA ALA A 177 -11.43 8.58 4.91
C ALA A 177 -12.05 7.18 4.89
N THR A 178 -13.37 7.12 4.94
CA THR A 178 -14.04 5.83 4.95
C THR A 178 -13.92 5.07 3.63
N SER A 179 -13.37 5.73 2.61
CA SER A 179 -13.18 5.10 1.32
C SER A 179 -11.82 4.42 1.18
N GLU A 180 -10.89 4.72 2.08
CA GLU A 180 -9.55 4.12 2.03
C GLU A 180 -9.60 2.66 2.45
N GLY A 181 -8.73 1.85 1.86
CA GLY A 181 -8.69 0.44 2.20
C GLY A 181 -8.27 0.19 3.64
N ASP A 182 -7.29 0.94 4.12
CA ASP A 182 -6.81 0.77 5.49
C ASP A 182 -7.89 1.07 6.51
N TRP A 183 -8.84 1.92 6.15
CA TRP A 183 -9.93 2.25 7.05
C TRP A 183 -10.66 0.95 7.35
N TYR A 184 -11.06 0.27 6.27
CA TYR A 184 -11.78 -0.99 6.33
C TYR A 184 -10.96 -2.11 6.96
N ALA A 185 -9.71 -2.24 6.53
CA ALA A 185 -8.85 -3.30 7.03
C ALA A 185 -8.60 -3.19 8.54
N GLY A 186 -8.38 -1.97 9.02
CA GLY A 186 -8.12 -1.76 10.43
C GLY A 186 -9.30 -2.10 11.31
N ILE A 187 -10.46 -1.55 10.97
CA ILE A 187 -11.67 -1.78 11.74
C ILE A 187 -12.07 -3.25 11.74
N ASN A 188 -11.88 -3.91 10.60
CA ASN A 188 -12.23 -5.31 10.47
C ASN A 188 -11.45 -6.13 11.50
N PHE A 189 -10.16 -5.86 11.62
CA PHE A 189 -9.31 -6.57 12.57
C PHE A 189 -9.76 -6.27 14.00
N ALA A 190 -10.04 -5.01 14.28
CA ALA A 190 -10.49 -4.62 15.62
C ALA A 190 -11.78 -5.36 16.00
N ALA A 191 -12.70 -5.44 15.05
CA ALA A 191 -13.97 -6.12 15.28
C ALA A 191 -13.78 -7.61 15.55
N VAL A 192 -12.93 -8.25 14.74
CA VAL A 192 -12.67 -9.67 14.90
C VAL A 192 -12.08 -9.96 16.28
N GLN A 193 -11.23 -9.07 16.79
CA GLN A 193 -10.63 -9.25 18.10
C GLN A 193 -11.49 -8.72 19.23
N GLY A 194 -12.63 -8.11 18.91
CA GLY A 194 -13.47 -7.56 19.96
C GLY A 194 -12.69 -6.53 20.75
N ALA A 195 -11.83 -5.78 20.08
CA ALA A 195 -11.00 -4.78 20.73
C ALA A 195 -11.80 -3.56 21.19
N PRO A 196 -11.42 -2.98 22.34
CA PRO A 196 -12.11 -1.81 22.89
C PRO A 196 -11.79 -0.55 22.08
N ALA A 197 -12.32 -0.49 20.86
CA ALA A 197 -12.09 0.67 20.00
C ALA A 197 -13.42 1.25 19.51
N VAL A 198 -13.48 2.57 19.39
CA VAL A 198 -14.68 3.21 18.91
C VAL A 198 -14.29 4.09 17.72
N PHE A 199 -14.84 3.76 16.55
CA PHE A 199 -14.58 4.50 15.33
C PHE A 199 -15.70 5.51 15.10
N ILE A 200 -15.32 6.78 15.06
CA ILE A 200 -16.26 7.87 14.90
C ILE A 200 -16.02 8.70 13.65
N ALA A 201 -17.06 8.82 12.85
CA ALA A 201 -16.98 9.59 11.63
C ALA A 201 -17.55 10.98 11.81
N GLU A 202 -16.77 11.99 11.44
CA GLU A 202 -17.22 13.36 11.49
C GLU A 202 -17.59 13.61 10.04
N ASN A 203 -18.82 13.22 9.69
CA ASN A 203 -19.32 13.32 8.34
C ASN A 203 -19.84 14.71 8.01
N ASN A 204 -19.08 15.45 7.20
CA ASN A 204 -19.48 16.78 6.78
C ASN A 204 -19.88 16.77 5.30
N PHE A 205 -20.08 15.56 4.77
CA PHE A 205 -20.51 15.37 3.38
C PHE A 205 -19.56 15.82 2.28
N TYR A 206 -18.33 16.15 2.65
CA TYR A 206 -17.33 16.59 1.68
C TYR A 206 -15.94 16.09 2.03
N ALA A 207 -15.19 15.75 0.98
CA ALA A 207 -13.80 15.31 1.08
C ALA A 207 -13.13 16.34 0.17
N ILE A 208 -12.87 17.51 0.75
CA ILE A 208 -12.34 18.66 0.04
C ILE A 208 -13.48 19.12 -0.88
N SER A 209 -13.47 18.73 -2.15
CA SER A 209 -14.53 19.13 -3.07
C SER A 209 -15.44 17.97 -3.47
N VAL A 210 -14.98 16.73 -3.26
CA VAL A 210 -15.77 15.55 -3.61
C VAL A 210 -16.91 15.35 -2.61
N ASP A 211 -18.15 15.44 -3.08
CA ASP A 211 -19.30 15.27 -2.20
C ASP A 211 -19.60 13.81 -1.88
N TYR A 212 -20.35 13.60 -0.80
CA TYR A 212 -20.71 12.26 -0.35
C TYR A 212 -21.17 11.34 -1.47
N ARG A 213 -22.02 11.87 -2.34
CA ARG A 213 -22.56 11.11 -3.47
C ARG A 213 -21.48 10.49 -4.36
N HIS A 214 -20.33 11.16 -4.46
CA HIS A 214 -19.24 10.64 -5.28
C HIS A 214 -18.19 9.93 -4.43
N GLN A 215 -18.42 9.92 -3.12
CA GLN A 215 -17.51 9.29 -2.17
C GLN A 215 -17.81 7.80 -1.97
N THR A 216 -19.07 7.48 -1.71
CA THR A 216 -19.48 6.10 -1.51
C THR A 216 -20.96 5.93 -1.87
N HIS A 217 -21.36 4.70 -2.20
CA HIS A 217 -22.74 4.44 -2.58
C HIS A 217 -23.64 4.03 -1.42
N SER A 218 -23.05 3.70 -0.28
CA SER A 218 -23.87 3.34 0.88
C SER A 218 -24.59 4.61 1.29
N PRO A 219 -25.90 4.51 1.55
CA PRO A 219 -26.67 5.70 1.95
C PRO A 219 -26.10 6.42 3.17
N THR A 220 -25.46 5.68 4.07
CA THR A 220 -24.86 6.30 5.25
C THR A 220 -23.53 5.63 5.56
N ILE A 221 -22.75 6.24 6.44
CA ILE A 221 -21.48 5.65 6.81
C ILE A 221 -21.75 4.61 7.89
N ALA A 222 -22.79 4.86 8.68
CA ALA A 222 -23.18 3.94 9.73
C ALA A 222 -23.49 2.54 9.16
N ASP A 223 -24.07 2.49 7.96
CA ASP A 223 -24.40 1.21 7.34
C ASP A 223 -23.19 0.33 7.10
N LYS A 224 -22.01 0.96 7.01
CA LYS A 224 -20.79 0.20 6.78
C LYS A 224 -20.48 -0.73 7.94
N ALA A 225 -21.00 -0.43 9.13
CA ALA A 225 -20.75 -1.29 10.27
C ALA A 225 -21.16 -2.74 9.96
N HIS A 226 -22.17 -2.91 9.11
CA HIS A 226 -22.62 -4.25 8.75
C HIS A 226 -21.51 -5.13 8.19
N ALA A 227 -20.50 -4.51 7.58
CA ALA A 227 -19.39 -5.26 7.01
C ALA A 227 -18.47 -5.84 8.07
N PHE A 228 -18.64 -5.41 9.32
CA PHE A 228 -17.80 -5.89 10.41
C PHE A 228 -18.62 -6.60 11.48
N GLY A 229 -19.94 -6.59 11.33
CA GLY A 229 -20.77 -7.23 12.33
C GLY A 229 -20.73 -6.49 13.65
N ILE A 230 -20.55 -5.18 13.60
CA ILE A 230 -20.53 -4.36 14.81
C ILE A 230 -21.69 -3.38 14.73
N PRO A 231 -22.08 -2.81 15.87
CA PRO A 231 -23.19 -1.84 15.82
C PRO A 231 -22.82 -0.54 15.11
N GLY A 232 -23.77 0.01 14.36
CA GLY A 232 -23.55 1.25 13.65
C GLY A 232 -24.60 2.26 14.06
N TYR A 233 -24.19 3.50 14.32
CA TYR A 233 -25.11 4.54 14.75
C TYR A 233 -25.09 5.79 13.88
N LEU A 234 -26.28 6.31 13.59
CA LEU A 234 -26.44 7.53 12.79
C LEU A 234 -26.90 8.59 13.79
N VAL A 235 -26.04 9.57 14.03
CA VAL A 235 -26.35 10.63 15.00
C VAL A 235 -26.31 12.04 14.42
N ASP A 236 -27.10 12.92 15.00
CA ASP A 236 -27.11 14.32 14.57
C ASP A 236 -25.88 14.96 15.21
N GLY A 237 -24.82 15.11 14.41
CA GLY A 237 -23.58 15.68 14.91
C GLY A 237 -23.65 17.13 15.33
N MET A 238 -24.80 17.77 15.14
CA MET A 238 -24.95 19.16 15.55
C MET A 238 -25.65 19.21 16.89
N ASP A 239 -25.94 18.04 17.44
CA ASP A 239 -26.60 17.90 18.75
C ASP A 239 -25.54 17.34 19.70
N VAL A 240 -24.99 18.21 20.53
CA VAL A 240 -23.94 17.82 21.47
C VAL A 240 -24.36 16.74 22.47
N LEU A 241 -25.62 16.74 22.88
CA LEU A 241 -26.08 15.73 23.82
C LEU A 241 -26.22 14.37 23.15
N ALA A 242 -26.78 14.36 21.94
CA ALA A 242 -26.93 13.11 21.20
C ALA A 242 -25.54 12.56 20.90
N SER A 243 -24.63 13.44 20.49
CA SER A 243 -23.27 13.01 20.18
C SER A 243 -22.57 12.48 21.43
N TYR A 244 -22.73 13.19 22.54
CA TYR A 244 -22.10 12.78 23.79
C TYR A 244 -22.59 11.40 24.25
N TYR A 245 -23.91 11.26 24.36
CA TYR A 245 -24.50 10.01 24.81
C TYR A 245 -24.28 8.79 23.92
N VAL A 246 -24.41 8.95 22.61
CA VAL A 246 -24.20 7.81 21.73
C VAL A 246 -22.73 7.36 21.81
N VAL A 247 -21.81 8.32 21.75
CA VAL A 247 -20.39 7.98 21.83
C VAL A 247 -20.06 7.37 23.20
N LYS A 248 -20.58 7.99 24.25
CA LYS A 248 -20.36 7.50 25.61
C LYS A 248 -20.80 6.04 25.72
N GLU A 249 -21.98 5.73 25.19
CA GLU A 249 -22.48 4.38 25.26
C GLU A 249 -21.56 3.41 24.52
N ALA A 250 -21.05 3.83 23.37
CA ALA A 250 -20.14 2.97 22.60
C ALA A 250 -18.83 2.77 23.39
N VAL A 251 -18.37 3.83 24.06
CA VAL A 251 -17.16 3.75 24.86
C VAL A 251 -17.35 2.74 25.98
N GLU A 252 -18.51 2.80 26.64
CA GLU A 252 -18.82 1.89 27.74
C GLU A 252 -18.92 0.46 27.24
N ARG A 253 -19.50 0.29 26.06
CA ARG A 253 -19.63 -1.03 25.45
C ARG A 253 -18.23 -1.58 25.24
N ALA A 254 -17.34 -0.75 24.71
CA ALA A 254 -15.96 -1.14 24.46
C ALA A 254 -15.26 -1.44 25.78
N ARG A 255 -15.41 -0.53 26.74
CA ARG A 255 -14.75 -0.69 28.04
C ARG A 255 -15.16 -1.98 28.72
N ARG A 256 -16.37 -2.44 28.51
CA ARG A 256 -16.79 -3.66 29.17
C ARG A 256 -16.52 -4.92 28.34
N GLY A 257 -15.68 -4.76 27.31
CA GLY A 257 -15.29 -5.88 26.47
C GLY A 257 -16.25 -6.37 25.40
N GLU A 258 -17.21 -5.54 25.01
CA GLU A 258 -18.18 -5.94 24.00
C GLU A 258 -17.77 -5.62 22.56
N GLY A 259 -16.52 -5.22 22.37
CA GLY A 259 -16.07 -4.92 21.02
C GLY A 259 -16.28 -3.50 20.56
N PRO A 260 -15.89 -3.20 19.31
CA PRO A 260 -16.02 -1.85 18.73
C PRO A 260 -17.38 -1.43 18.18
N SER A 261 -17.50 -0.15 17.89
CA SER A 261 -18.72 0.43 17.32
C SER A 261 -18.31 1.46 16.28
N LEU A 262 -19.20 1.72 15.33
CA LEU A 262 -18.95 2.73 14.32
C LEU A 262 -20.04 3.78 14.54
N VAL A 263 -19.63 4.98 14.91
CA VAL A 263 -20.59 6.06 15.16
C VAL A 263 -20.45 7.16 14.11
N GLU A 264 -21.53 7.44 13.41
CA GLU A 264 -21.51 8.51 12.40
C GLU A 264 -22.15 9.77 12.95
N LEU A 265 -21.34 10.83 13.07
CA LEU A 265 -21.81 12.12 13.56
C LEU A 265 -21.97 13.05 12.36
N ARG A 266 -23.22 13.30 11.97
CA ARG A 266 -23.50 14.18 10.84
C ARG A 266 -23.30 15.63 11.24
N VAL A 267 -22.33 16.28 10.60
CA VAL A 267 -22.03 17.67 10.90
C VAL A 267 -21.91 18.43 9.58
N TYR A 268 -21.40 19.65 9.64
CA TYR A 268 -21.22 20.43 8.43
C TYR A 268 -19.98 21.29 8.57
N ARG A 269 -19.23 21.41 7.48
CA ARG A 269 -18.01 22.19 7.46
C ARG A 269 -18.37 23.60 6.98
N TYR A 270 -18.53 24.53 7.91
CA TYR A 270 -18.89 25.91 7.54
C TYR A 270 -17.84 26.63 6.70
N GLY A 271 -16.57 26.41 7.02
CA GLY A 271 -15.51 27.07 6.28
C GLY A 271 -15.07 26.25 5.08
N PRO A 272 -14.04 26.70 4.37
CA PRO A 272 -13.57 25.93 3.20
C PRO A 272 -12.83 24.71 3.75
N HIS A 273 -12.51 23.76 2.88
CA HIS A 273 -11.78 22.58 3.33
C HIS A 273 -10.56 23.00 4.15
N SER A 274 -9.80 23.96 3.62
CA SER A 274 -8.61 24.48 4.28
C SER A 274 -8.28 25.87 3.73
N SER A 275 -7.25 26.49 4.28
CA SER A 275 -6.83 27.82 3.85
C SER A 275 -6.27 27.80 2.43
N ALA A 276 -6.08 26.61 1.89
CA ALA A 276 -5.57 26.45 0.53
C ALA A 276 -6.69 26.18 -0.45
N ASP A 277 -7.91 26.04 0.07
CA ASP A 277 -9.08 25.73 -0.74
C ASP A 277 -10.05 26.92 -0.91
N ASP A 278 -11.07 26.72 -1.75
CA ASP A 278 -12.09 27.74 -2.01
C ASP A 278 -13.47 27.09 -1.98
N ASP A 279 -14.12 27.15 -0.82
CA ASP A 279 -15.45 26.56 -0.62
C ASP A 279 -16.43 27.04 -1.69
N SER A 280 -16.47 28.35 -1.90
CA SER A 280 -17.36 28.94 -2.91
C SER A 280 -16.77 28.68 -4.30
N ARG A 281 -16.77 27.41 -4.68
CA ARG A 281 -16.25 26.97 -5.98
C ARG A 281 -16.80 25.58 -6.31
N TYR A 282 -17.63 25.05 -5.42
CA TYR A 282 -18.23 23.74 -5.61
C TYR A 282 -19.39 23.49 -4.65
N ARG A 283 -19.79 24.54 -3.93
CA ARG A 283 -20.91 24.46 -3.00
C ARG A 283 -21.88 25.62 -3.16
N PRO A 284 -23.18 25.31 -3.25
CA PRO A 284 -24.23 26.32 -3.40
C PRO A 284 -24.43 27.09 -2.10
N LYS A 285 -24.42 28.41 -2.18
CA LYS A 285 -24.60 29.24 -0.99
C LYS A 285 -25.83 28.83 -0.19
N GLU A 286 -26.81 28.22 -0.86
CA GLU A 286 -28.03 27.77 -0.21
C GLU A 286 -27.74 26.66 0.80
N GLU A 287 -27.02 25.64 0.36
CA GLU A 287 -26.67 24.50 1.21
C GLU A 287 -25.97 24.98 2.48
N VAL A 288 -24.97 25.84 2.30
CA VAL A 288 -24.20 26.37 3.43
C VAL A 288 -25.08 27.15 4.39
N ALA A 289 -25.87 28.09 3.85
CA ALA A 289 -26.75 28.91 4.67
C ALA A 289 -27.76 28.05 5.42
N PHE A 290 -28.26 27.01 4.75
CA PHE A 290 -29.23 26.11 5.36
C PHE A 290 -28.66 25.42 6.60
N TRP A 291 -27.41 24.96 6.52
CA TRP A 291 -26.78 24.31 7.66
C TRP A 291 -26.29 25.31 8.70
N ARG A 292 -26.17 26.57 8.28
CA ARG A 292 -25.77 27.62 9.20
C ARG A 292 -26.81 27.73 10.30
N LYS A 293 -28.08 27.59 9.93
CA LYS A 293 -29.17 27.66 10.88
C LYS A 293 -29.09 26.52 11.88
N LYS A 294 -28.28 25.52 11.55
CA LYS A 294 -28.12 24.35 12.41
C LYS A 294 -26.90 24.40 13.32
N ASP A 295 -26.28 25.57 13.43
CA ASP A 295 -25.10 25.75 14.27
C ASP A 295 -25.36 25.09 15.62
N PRO A 296 -24.48 24.14 16.03
CA PRO A 296 -24.65 23.45 17.30
C PRO A 296 -24.56 24.33 18.54
N ILE A 297 -23.88 25.47 18.44
CA ILE A 297 -23.75 26.35 19.58
C ILE A 297 -25.07 27.00 19.99
N PRO A 298 -25.74 27.70 19.06
CA PRO A 298 -27.01 28.32 19.44
C PRO A 298 -28.05 27.30 19.89
N ARG A 299 -28.06 26.15 19.23
CA ARG A 299 -29.00 25.10 19.55
C ARG A 299 -28.87 24.62 21.00
N PHE A 300 -27.64 24.38 21.44
CA PHE A 300 -27.45 23.93 22.81
C PHE A 300 -27.69 25.08 23.77
N ARG A 301 -27.48 26.31 23.30
CA ARG A 301 -27.70 27.48 24.15
C ARG A 301 -29.16 27.52 24.57
N ARG A 302 -30.06 27.41 23.58
CA ARG A 302 -31.50 27.43 23.85
C ARG A 302 -31.89 26.34 24.83
N PHE A 303 -31.24 25.20 24.74
CA PHE A 303 -31.53 24.09 25.63
C PHE A 303 -31.19 24.42 27.08
N LEU A 304 -30.08 25.13 27.28
CA LEU A 304 -29.66 25.51 28.64
C LEU A 304 -30.52 26.66 29.13
N GLU A 305 -30.86 27.54 28.20
CA GLU A 305 -31.68 28.70 28.50
C GLU A 305 -33.03 28.28 29.05
N ALA A 306 -33.63 27.29 28.40
CA ALA A 306 -34.93 26.78 28.81
C ALA A 306 -34.91 26.11 30.18
N ARG A 307 -33.72 25.96 30.77
CA ARG A 307 -33.63 25.33 32.08
C ARG A 307 -32.98 26.25 33.12
N GLY A 308 -32.84 27.52 32.77
CA GLY A 308 -32.25 28.47 33.69
C GLY A 308 -30.79 28.14 33.94
N LEU A 309 -30.13 27.61 32.92
CA LEU A 309 -28.72 27.24 33.01
C LEU A 309 -27.84 28.09 32.11
N TRP A 310 -28.40 29.17 31.58
CA TRP A 310 -27.67 30.08 30.70
C TRP A 310 -28.28 31.48 30.74
N ASN A 311 -27.44 32.49 30.56
CA ASN A 311 -27.86 33.88 30.52
C ASN A 311 -26.76 34.73 29.88
N GLU A 312 -27.15 35.85 29.27
CA GLU A 312 -26.22 36.75 28.60
C GLU A 312 -24.95 37.06 29.40
N GLU A 313 -25.13 37.47 30.64
CA GLU A 313 -24.02 37.81 31.50
C GLU A 313 -22.99 36.68 31.58
N TRP A 314 -23.45 35.47 31.84
CA TRP A 314 -22.55 34.32 31.95
C TRP A 314 -21.79 34.10 30.66
N GLU A 315 -22.47 34.25 29.53
CA GLU A 315 -21.82 34.06 28.25
C GLU A 315 -20.62 34.97 28.11
N GLU A 316 -20.87 36.28 28.27
CA GLU A 316 -19.82 37.28 28.15
C GLU A 316 -18.66 36.97 29.07
N ASP A 317 -18.96 36.54 30.29
CA ASP A 317 -17.92 36.19 31.25
C ASP A 317 -17.05 35.06 30.72
N VAL A 318 -17.70 34.06 30.13
CA VAL A 318 -16.98 32.91 29.58
C VAL A 318 -16.14 33.32 28.37
N ARG A 319 -16.75 34.06 27.46
CA ARG A 319 -16.06 34.51 26.25
C ARG A 319 -14.82 35.32 26.59
N GLU A 320 -14.96 36.23 27.55
CA GLU A 320 -13.83 37.07 27.94
C GLU A 320 -12.70 36.23 28.54
N GLU A 321 -13.05 35.28 29.39
CA GLU A 321 -12.03 34.43 29.99
C GLU A 321 -11.33 33.62 28.90
N ILE A 322 -12.09 33.22 27.89
CA ILE A 322 -11.56 32.44 26.79
C ILE A 322 -10.60 33.23 25.91
N ARG A 323 -11.03 34.41 25.45
CA ARG A 323 -10.15 35.20 24.61
C ARG A 323 -8.85 35.59 25.32
N ALA A 324 -8.91 35.68 26.64
CA ALA A 324 -7.72 36.02 27.40
C ALA A 324 -6.79 34.81 27.35
N GLU A 325 -7.36 33.62 27.54
CA GLU A 325 -6.57 32.39 27.52
C GLU A 325 -5.92 32.21 26.15
N LEU A 326 -6.65 32.55 25.10
CA LEU A 326 -6.13 32.43 23.74
C LEU A 326 -4.92 33.33 23.55
N GLU A 327 -5.04 34.59 23.97
CA GLU A 327 -3.94 35.53 23.82
C GLU A 327 -2.72 35.10 24.63
N ARG A 328 -2.97 34.55 25.82
CA ARG A 328 -1.89 34.07 26.67
C ARG A 328 -1.22 32.87 26.03
N GLY A 329 -2.03 31.97 25.48
CA GLY A 329 -1.49 30.79 24.84
C GLY A 329 -0.65 31.11 23.61
N LEU A 330 -1.13 32.06 22.80
CA LEU A 330 -0.40 32.46 21.61
C LEU A 330 0.92 33.10 22.01
N LYS A 331 0.87 33.93 23.05
CA LYS A 331 2.06 34.61 23.53
C LYS A 331 3.13 33.61 23.96
N GLU A 332 2.75 32.63 24.76
CA GLU A 332 3.70 31.62 25.23
C GLU A 332 4.25 30.81 24.06
N ALA A 333 3.38 30.50 23.10
CA ALA A 333 3.76 29.73 21.94
C ALA A 333 4.82 30.47 21.12
N GLU A 334 4.63 31.77 20.95
CA GLU A 334 5.56 32.59 20.19
C GLU A 334 6.89 32.80 20.88
N GLU A 335 6.84 33.21 22.14
CA GLU A 335 8.07 33.46 22.88
C GLU A 335 8.91 32.20 23.08
N ALA A 336 8.39 31.07 22.62
CA ALA A 336 9.12 29.81 22.73
C ALA A 336 10.35 29.82 21.84
N GLY A 337 10.26 30.52 20.71
CA GLY A 337 11.40 30.58 19.81
C GLY A 337 11.35 29.53 18.71
N PRO A 338 12.01 29.80 17.57
CA PRO A 338 12.06 28.87 16.43
C PRO A 338 12.73 27.56 16.79
N VAL A 339 12.33 26.48 16.13
CA VAL A 339 12.94 25.19 16.39
C VAL A 339 14.33 25.22 15.77
N PRO A 340 15.32 24.68 16.48
CA PRO A 340 16.71 24.63 16.01
C PRO A 340 16.88 23.75 14.77
N PRO A 341 17.76 24.17 13.85
CA PRO A 341 18.00 23.39 12.64
C PRO A 341 18.51 21.98 12.94
N GLU A 342 19.27 21.83 14.02
CA GLU A 342 19.83 20.53 14.40
C GLU A 342 18.75 19.48 14.65
N TRP A 343 17.63 19.91 15.24
CA TRP A 343 16.53 18.99 15.54
C TRP A 343 16.08 18.22 14.31
N MET A 344 16.50 18.69 13.14
CA MET A 344 16.15 18.04 11.89
C MET A 344 16.60 16.58 11.85
N PHE A 345 17.68 16.26 12.56
CA PHE A 345 18.20 14.90 12.57
C PHE A 345 17.84 14.09 13.82
N GLU A 346 17.13 14.73 14.74
CA GLU A 346 16.71 14.09 15.99
C GLU A 346 15.42 13.28 15.81
N ASP A 347 15.29 12.23 16.61
CA ASP A 347 14.10 11.37 16.62
C ASP A 347 13.81 10.50 15.39
N VAL A 348 14.75 10.43 14.45
CA VAL A 348 14.55 9.56 13.30
C VAL A 348 14.63 8.16 13.90
N PHE A 349 15.56 8.00 14.83
CA PHE A 349 15.77 6.75 15.57
C PHE A 349 15.99 7.18 17.01
N ALA A 350 16.13 6.22 17.91
CA ALA A 350 16.37 6.57 19.31
C ALA A 350 17.67 7.38 19.37
N GLU A 351 18.68 6.89 18.67
CA GLU A 351 19.98 7.56 18.61
C GLU A 351 20.40 7.75 17.14
N LYS A 352 21.08 8.86 16.87
CA LYS A 352 21.54 9.17 15.51
C LYS A 352 22.63 8.22 15.05
N PRO A 353 22.39 7.49 13.94
CA PRO A 353 23.38 6.54 13.41
C PRO A 353 24.52 7.27 12.71
N TRP A 354 25.51 6.51 12.23
CA TRP A 354 26.65 7.11 11.57
C TRP A 354 26.33 8.03 10.40
N HIS A 355 25.44 7.59 9.51
CA HIS A 355 25.11 8.41 8.35
C HIS A 355 24.38 9.71 8.67
N LEU A 356 23.62 9.73 9.77
CA LEU A 356 22.92 10.95 10.14
C LEU A 356 23.92 11.91 10.79
N LEU A 357 24.89 11.34 11.51
CA LEU A 357 25.91 12.16 12.15
C LEU A 357 26.70 12.87 11.05
N ARG A 358 27.08 12.13 10.03
CA ARG A 358 27.82 12.71 8.91
C ARG A 358 26.98 13.75 8.20
N GLN A 359 25.70 13.46 8.02
CA GLN A 359 24.80 14.37 7.34
C GLN A 359 24.57 15.64 8.17
N GLU A 360 24.42 15.49 9.48
CA GLU A 360 24.21 16.64 10.35
C GLU A 360 25.46 17.54 10.36
N ALA A 361 26.62 16.90 10.21
CA ALA A 361 27.88 17.62 10.19
C ALA A 361 28.03 18.35 8.86
N LEU A 362 27.50 17.76 7.80
CA LEU A 362 27.57 18.35 6.48
C LEU A 362 26.73 19.61 6.42
N LEU A 363 25.65 19.63 7.19
CA LEU A 363 24.76 20.78 7.20
C LEU A 363 25.44 21.96 7.88
N LYS A 364 26.20 21.67 8.94
CA LYS A 364 26.90 22.71 9.67
C LYS A 364 27.89 23.48 8.78
N GLU A 365 28.44 22.80 7.77
CA GLU A 365 29.38 23.45 6.85
C GLU A 365 28.65 24.59 6.17
N GLU A 366 27.33 24.59 6.34
CA GLU A 366 26.47 25.57 5.71
C GLU A 366 25.83 26.58 6.66
N LEU A 367 25.57 26.16 7.89
CA LEU A 367 24.94 27.02 8.88
C LEU A 367 25.96 27.99 9.49
N ALA B 2 23.65 -26.21 20.40
CA ALA B 2 23.00 -27.32 19.63
C ALA B 2 22.98 -27.02 18.13
N LEU B 3 22.91 -28.07 17.33
CA LEU B 3 22.85 -27.91 15.88
C LEU B 3 21.40 -27.70 15.49
N MET B 4 21.14 -26.64 14.72
CA MET B 4 19.78 -26.36 14.29
C MET B 4 19.71 -25.61 12.96
N THR B 5 18.54 -25.66 12.34
CA THR B 5 18.30 -24.99 11.07
C THR B 5 17.92 -23.55 11.41
N MET B 6 17.92 -22.68 10.40
CA MET B 6 17.56 -21.28 10.61
C MET B 6 16.17 -21.17 11.24
N VAL B 7 15.25 -22.02 10.81
CA VAL B 7 13.88 -22.02 11.33
C VAL B 7 13.89 -22.31 12.82
N GLN B 8 14.68 -23.28 13.22
CA GLN B 8 14.78 -23.66 14.61
C GLN B 8 15.36 -22.52 15.44
N ALA B 9 16.42 -21.92 14.93
CA ALA B 9 17.06 -20.81 15.62
C ALA B 9 16.06 -19.65 15.82
N LEU B 10 15.33 -19.31 14.78
CA LEU B 10 14.35 -18.22 14.84
C LEU B 10 13.25 -18.54 15.85
N ASN B 11 12.77 -19.78 15.81
CA ASN B 11 11.73 -20.22 16.71
C ASN B 11 12.25 -20.15 18.14
N ARG B 12 13.50 -20.55 18.32
CA ARG B 12 14.14 -20.54 19.62
C ARG B 12 14.20 -19.10 20.15
N ALA B 13 14.60 -18.18 19.29
CA ALA B 13 14.70 -16.78 19.65
C ALA B 13 13.34 -16.24 20.12
N LEU B 14 12.31 -16.46 19.33
CA LEU B 14 10.98 -16.00 19.68
C LEU B 14 10.54 -16.55 21.02
N ASP B 15 10.75 -17.85 21.21
CA ASP B 15 10.39 -18.53 22.44
C ASP B 15 11.14 -17.93 23.62
N GLU B 16 12.45 -17.69 23.44
CA GLU B 16 13.27 -17.12 24.51
C GLU B 16 12.78 -15.75 24.93
N GLU B 17 12.59 -14.87 23.96
CA GLU B 17 12.12 -13.52 24.25
C GLU B 17 10.71 -13.50 24.83
N MET B 18 9.85 -14.41 24.38
CA MET B 18 8.49 -14.47 24.89
C MET B 18 8.45 -14.96 26.34
N ALA B 19 9.35 -15.87 26.69
CA ALA B 19 9.40 -16.38 28.06
C ALA B 19 9.97 -15.27 28.95
N LYS B 20 10.87 -14.50 28.37
CA LYS B 20 11.53 -13.39 29.05
C LYS B 20 10.62 -12.19 29.30
N ASP B 21 9.84 -11.81 28.28
CA ASP B 21 8.98 -10.64 28.39
C ASP B 21 7.55 -10.88 27.92
N PRO B 22 6.57 -10.76 28.84
CA PRO B 22 5.14 -10.97 28.55
C PRO B 22 4.59 -10.06 27.45
N ARG B 23 5.22 -8.92 27.25
CA ARG B 23 4.79 -7.95 26.24
C ARG B 23 5.08 -8.41 24.82
N VAL B 24 5.93 -9.41 24.68
CA VAL B 24 6.27 -9.91 23.35
C VAL B 24 5.15 -10.78 22.80
N VAL B 25 4.60 -10.37 21.67
CA VAL B 25 3.52 -11.11 21.04
C VAL B 25 3.78 -11.30 19.56
N VAL B 26 3.26 -12.39 19.01
CA VAL B 26 3.42 -12.68 17.60
C VAL B 26 2.05 -12.60 16.94
N LEU B 27 1.99 -11.93 15.80
CA LEU B 27 0.73 -11.83 15.06
C LEU B 27 0.99 -11.88 13.58
N GLY B 28 0.05 -12.50 12.86
CA GLY B 28 0.19 -12.61 11.43
C GLY B 28 -0.72 -13.70 10.89
N GLU B 29 -0.65 -13.93 9.59
CA GLU B 29 -1.46 -14.94 8.94
C GLU B 29 -0.92 -16.34 9.18
N ASP B 30 -1.76 -17.21 9.74
CA ASP B 30 -1.38 -18.60 9.97
C ASP B 30 -0.20 -18.83 10.91
N VAL B 31 0.03 -17.90 11.83
CA VAL B 31 1.15 -18.06 12.75
C VAL B 31 0.80 -18.92 13.97
N GLY B 32 -0.49 -19.02 14.27
CA GLY B 32 -0.91 -19.77 15.44
C GLY B 32 -1.00 -21.28 15.31
N LYS B 33 -2.23 -21.79 15.37
CA LYS B 33 -2.47 -23.23 15.29
C LYS B 33 -1.59 -23.87 14.21
N ARG B 34 -1.45 -23.20 13.07
CA ARG B 34 -0.64 -23.72 11.98
C ARG B 34 0.84 -23.79 12.31
N GLY B 35 1.32 -22.84 13.10
CA GLY B 35 2.73 -22.80 13.46
C GLY B 35 3.54 -22.08 12.41
N GLY B 36 2.85 -21.42 11.48
CA GLY B 36 3.52 -20.70 10.41
C GLY B 36 3.67 -21.54 9.16
N VAL B 37 3.55 -20.93 7.99
CA VAL B 37 3.68 -21.69 6.75
C VAL B 37 5.10 -22.23 6.59
N PHE B 38 6.02 -21.73 7.42
CA PHE B 38 7.41 -22.19 7.38
C PHE B 38 7.82 -22.70 8.76
N LEU B 39 6.83 -22.90 9.62
CA LEU B 39 7.02 -23.42 10.96
C LEU B 39 7.83 -22.56 11.93
N VAL B 40 8.14 -21.33 11.54
CA VAL B 40 8.92 -20.46 12.41
C VAL B 40 8.25 -20.23 13.77
N THR B 41 6.92 -20.24 13.81
CA THR B 41 6.22 -20.01 15.07
C THR B 41 5.63 -21.27 15.68
N GLU B 42 6.04 -22.43 15.18
CA GLU B 42 5.54 -23.71 15.67
C GLU B 42 5.61 -23.88 17.19
N GLY B 43 4.48 -24.27 17.77
CA GLY B 43 4.42 -24.49 19.20
C GLY B 43 4.24 -23.30 20.11
N LEU B 44 4.50 -22.08 19.62
CA LEU B 44 4.35 -20.91 20.46
C LEU B 44 2.92 -20.73 20.97
N LEU B 45 1.95 -20.97 20.10
CA LEU B 45 0.55 -20.82 20.49
C LEU B 45 0.20 -21.75 21.65
N GLN B 46 0.55 -23.03 21.52
CA GLN B 46 0.25 -23.99 22.58
C GLN B 46 0.95 -23.63 23.88
N LYS B 47 2.10 -22.99 23.79
CA LYS B 47 2.84 -22.63 24.99
C LYS B 47 2.46 -21.28 25.60
N TYR B 48 2.28 -20.25 24.79
CA TYR B 48 1.96 -18.93 25.33
C TYR B 48 0.50 -18.49 25.27
N GLY B 49 -0.32 -19.22 24.54
CA GLY B 49 -1.73 -18.86 24.44
C GLY B 49 -2.08 -18.00 23.24
N PRO B 50 -3.37 -18.00 22.86
CA PRO B 50 -3.87 -17.22 21.71
C PRO B 50 -3.73 -15.71 21.83
N ASP B 51 -3.64 -15.20 23.06
CA ASP B 51 -3.48 -13.77 23.24
C ASP B 51 -2.05 -13.29 23.08
N ARG B 52 -1.16 -14.19 22.71
CA ARG B 52 0.23 -13.80 22.53
C ARG B 52 0.75 -14.26 21.18
N VAL B 53 0.00 -15.17 20.56
CA VAL B 53 0.33 -15.68 19.24
C VAL B 53 -1.01 -15.65 18.54
N MET B 54 -1.27 -14.61 17.77
CA MET B 54 -2.56 -14.50 17.13
C MET B 54 -2.66 -14.48 15.62
N ASP B 55 -3.53 -15.34 15.11
CA ASP B 55 -3.79 -15.41 13.68
C ASP B 55 -4.55 -14.13 13.36
N THR B 56 -4.23 -13.52 12.23
CA THR B 56 -4.88 -12.27 11.86
C THR B 56 -5.71 -12.42 10.60
N PRO B 57 -6.56 -11.43 10.32
CA PRO B 57 -7.35 -11.50 9.10
C PRO B 57 -6.30 -11.32 8.00
N LEU B 58 -6.67 -11.61 6.76
CA LEU B 58 -5.73 -11.50 5.65
C LEU B 58 -5.58 -10.04 5.18
N SER B 59 -4.85 -9.25 5.95
CA SER B 59 -4.63 -7.85 5.62
C SER B 59 -3.29 -7.35 6.16
N GLU B 60 -2.35 -7.10 5.25
CA GLU B 60 -1.04 -6.64 5.66
C GLU B 60 -1.09 -5.22 6.26
N ALA B 61 -2.09 -4.43 5.88
CA ALA B 61 -2.21 -3.09 6.44
C ALA B 61 -2.66 -3.23 7.90
N ALA B 62 -3.57 -4.16 8.15
CA ALA B 62 -4.05 -4.37 9.51
C ALA B 62 -2.91 -4.94 10.37
N ILE B 63 -2.16 -5.88 9.81
CA ILE B 63 -1.04 -6.47 10.54
C ILE B 63 0.00 -5.43 10.95
N VAL B 64 0.60 -4.76 9.96
CA VAL B 64 1.61 -3.74 10.23
C VAL B 64 1.07 -2.59 11.10
N GLY B 65 -0.07 -2.03 10.71
CA GLY B 65 -0.65 -0.93 11.47
C GLY B 65 -1.02 -1.27 12.90
N ALA B 66 -1.66 -2.42 13.11
CA ALA B 66 -2.03 -2.84 14.44
C ALA B 66 -0.76 -3.08 15.26
N ALA B 67 0.24 -3.65 14.61
CA ALA B 67 1.50 -3.91 15.28
C ALA B 67 2.05 -2.56 15.74
N LEU B 68 1.91 -1.54 14.89
CA LEU B 68 2.38 -0.21 15.22
C LEU B 68 1.64 0.31 16.44
N GLY B 69 0.31 0.21 16.41
CA GLY B 69 -0.50 0.66 17.53
C GLY B 69 -0.18 -0.06 18.83
N MET B 70 0.03 -1.36 18.75
CA MET B 70 0.37 -2.15 19.94
C MET B 70 1.71 -1.68 20.52
N ALA B 71 2.70 -1.51 19.65
CA ALA B 71 4.02 -1.06 20.07
C ALA B 71 3.97 0.32 20.73
N ALA B 72 3.17 1.21 20.16
CA ALA B 72 3.06 2.55 20.72
C ALA B 72 2.39 2.55 22.08
N HIS B 73 1.53 1.57 22.33
CA HIS B 73 0.80 1.52 23.59
C HIS B 73 1.43 0.75 24.75
N GLY B 74 2.17 -0.32 24.45
CA GLY B 74 2.77 -1.07 25.53
C GLY B 74 3.25 -2.48 25.24
N LEU B 75 2.92 -3.01 24.06
CA LEU B 75 3.36 -4.35 23.71
C LEU B 75 4.60 -4.28 22.84
N ARG B 76 5.23 -5.44 22.64
CA ARG B 76 6.42 -5.53 21.82
C ARG B 76 6.11 -6.62 20.80
N PRO B 77 5.37 -6.25 19.75
CA PRO B 77 4.94 -7.15 18.69
C PRO B 77 5.98 -7.54 17.65
N VAL B 78 5.85 -8.78 17.21
CA VAL B 78 6.70 -9.32 16.17
C VAL B 78 5.68 -9.71 15.12
N ALA B 79 5.50 -8.85 14.13
CA ALA B 79 4.54 -9.07 13.06
C ALA B 79 5.15 -9.91 11.96
N GLU B 80 4.34 -10.75 11.33
CA GLU B 80 4.85 -11.55 10.24
C GLU B 80 4.08 -11.24 8.97
N ILE B 81 4.83 -11.09 7.89
CA ILE B 81 4.27 -10.85 6.56
C ILE B 81 4.65 -12.18 5.91
N GLN B 82 3.65 -12.97 5.53
CA GLN B 82 3.88 -14.29 4.98
C GLN B 82 5.01 -14.42 3.96
N PHE B 83 5.11 -13.45 3.05
CA PHE B 83 6.17 -13.40 2.05
C PHE B 83 6.50 -11.94 1.85
N ALA B 84 7.79 -11.63 1.75
CA ALA B 84 8.22 -10.25 1.58
C ALA B 84 7.47 -9.57 0.41
N ASP B 85 7.06 -10.37 -0.56
CA ASP B 85 6.34 -9.86 -1.74
C ASP B 85 4.99 -9.25 -1.36
N TYR B 86 4.47 -9.67 -0.22
CA TYR B 86 3.17 -9.20 0.23
C TYR B 86 3.20 -8.07 1.25
N ILE B 87 4.31 -7.35 1.31
CA ILE B 87 4.40 -6.24 2.25
C ILE B 87 3.65 -5.02 1.69
N PHE B 88 3.55 -4.95 0.37
CA PHE B 88 2.92 -3.81 -0.31
C PHE B 88 1.51 -3.39 0.10
N PRO B 89 0.59 -4.34 0.30
CA PRO B 89 -0.75 -3.89 0.71
C PRO B 89 -0.66 -3.10 2.02
N GLY B 90 0.39 -3.34 2.80
CA GLY B 90 0.56 -2.63 4.05
C GLY B 90 1.69 -1.61 4.01
N PHE B 91 2.14 -1.28 2.80
CA PHE B 91 3.23 -0.36 2.61
C PHE B 91 3.07 1.00 3.29
N ASP B 92 1.89 1.61 3.12
CA ASP B 92 1.69 2.91 3.73
C ASP B 92 1.85 2.82 5.24
N GLN B 93 1.29 1.77 5.83
CA GLN B 93 1.41 1.58 7.26
C GLN B 93 2.88 1.48 7.66
N LEU B 94 3.67 0.78 6.86
CA LEU B 94 5.08 0.63 7.18
C LEU B 94 5.88 1.93 7.03
N VAL B 95 5.75 2.61 5.89
CA VAL B 95 6.50 3.83 5.64
C VAL B 95 5.91 5.13 6.18
N SER B 96 4.58 5.20 6.35
CA SER B 96 3.98 6.43 6.85
C SER B 96 3.74 6.43 8.35
N GLN B 97 3.29 5.30 8.88
CA GLN B 97 3.02 5.21 10.30
C GLN B 97 4.19 4.69 11.12
N VAL B 98 4.71 3.53 10.75
CA VAL B 98 5.80 2.92 11.47
C VAL B 98 7.10 3.71 11.44
N ALA B 99 7.60 3.96 10.24
CA ALA B 99 8.86 4.65 10.07
C ALA B 99 8.96 6.07 10.60
N LYS B 100 7.88 6.82 10.53
CA LYS B 100 7.91 8.21 10.95
C LYS B 100 7.32 8.56 12.31
N LEU B 101 6.81 7.58 13.04
CA LEU B 101 6.19 7.87 14.33
C LEU B 101 7.07 8.65 15.31
N ARG B 102 8.26 8.13 15.61
CA ARG B 102 9.15 8.80 16.54
C ARG B 102 9.44 10.21 16.07
N TYR B 103 9.77 10.33 14.79
CA TYR B 103 10.10 11.61 14.21
C TYR B 103 8.99 12.66 14.23
N ARG B 104 7.83 12.34 13.65
CA ARG B 104 6.74 13.30 13.59
C ARG B 104 6.12 13.65 14.94
N SER B 105 6.38 12.85 15.96
CA SER B 105 5.82 13.12 17.28
C SER B 105 6.85 13.75 18.20
N GLY B 106 7.99 14.16 17.63
CA GLY B 106 9.03 14.77 18.43
C GLY B 106 9.50 13.82 19.52
N GLY B 107 9.43 12.52 19.24
CA GLY B 107 9.85 11.52 20.19
C GLY B 107 8.81 11.15 21.24
N GLN B 108 7.62 11.73 21.15
CA GLN B 108 6.58 11.42 22.14
C GLN B 108 6.07 9.99 22.04
N PHE B 109 6.03 9.43 20.82
CA PHE B 109 5.56 8.07 20.61
C PHE B 109 6.63 7.22 19.95
N THR B 110 6.77 5.96 20.37
CA THR B 110 7.77 5.08 19.78
C THR B 110 7.19 3.81 19.17
N ALA B 111 7.98 3.17 18.32
CA ALA B 111 7.55 1.96 17.62
C ALA B 111 8.41 0.71 17.86
N PRO B 112 8.48 0.23 19.11
CA PRO B 112 9.30 -0.96 19.35
C PRO B 112 8.67 -2.21 18.74
N LEU B 113 8.77 -2.35 17.42
CA LEU B 113 8.18 -3.49 16.75
C LEU B 113 9.11 -4.14 15.74
N VAL B 114 8.82 -5.40 15.43
CA VAL B 114 9.62 -6.13 14.45
C VAL B 114 8.68 -6.68 13.39
N VAL B 115 9.09 -6.56 12.13
CA VAL B 115 8.30 -7.08 11.04
C VAL B 115 9.13 -8.14 10.32
N ARG B 116 8.81 -9.40 10.60
CA ARG B 116 9.50 -10.55 10.00
C ARG B 116 8.87 -10.90 8.66
N MET B 117 9.68 -11.41 7.73
CA MET B 117 9.17 -11.81 6.42
C MET B 117 10.15 -12.66 5.64
N PRO B 118 9.66 -13.75 5.04
CA PRO B 118 10.53 -14.64 4.24
C PRO B 118 10.82 -13.87 2.96
N SER B 119 12.01 -14.04 2.40
CA SER B 119 12.34 -13.33 1.16
C SER B 119 13.31 -14.09 0.27
N GLY B 120 13.70 -13.44 -0.83
CA GLY B 120 14.66 -14.03 -1.75
C GLY B 120 14.13 -15.07 -2.72
N GLY B 121 14.92 -15.32 -3.77
CA GLY B 121 14.52 -16.29 -4.77
C GLY B 121 15.18 -17.64 -4.63
N GLY B 122 15.25 -18.36 -5.75
CA GLY B 122 15.86 -19.69 -5.77
C GLY B 122 14.94 -20.77 -5.25
N VAL B 123 13.64 -20.46 -5.17
CA VAL B 123 12.65 -21.41 -4.68
C VAL B 123 11.45 -21.57 -5.60
N ARG B 124 11.64 -21.22 -6.87
CA ARG B 124 10.57 -21.30 -7.87
C ARG B 124 9.31 -20.61 -7.36
N GLY B 125 9.49 -19.38 -6.87
CA GLY B 125 8.36 -18.63 -6.33
C GLY B 125 7.67 -17.68 -7.30
N GLY B 126 8.23 -17.50 -8.49
CA GLY B 126 7.62 -16.60 -9.45
C GLY B 126 7.73 -15.14 -9.04
N HIS B 127 6.72 -14.34 -9.37
CA HIS B 127 6.73 -12.91 -9.03
C HIS B 127 6.52 -12.59 -7.56
N HIS B 128 5.67 -13.35 -6.88
CA HIS B 128 5.40 -13.03 -5.49
C HIS B 128 5.79 -14.01 -4.39
N HIS B 129 6.80 -14.82 -4.66
CA HIS B 129 7.33 -15.78 -3.69
C HIS B 129 8.84 -15.81 -3.88
N SER B 130 9.40 -14.69 -4.35
CA SER B 130 10.83 -14.62 -4.60
C SER B 130 11.46 -13.25 -4.35
N GLN B 131 10.64 -12.19 -4.32
CA GLN B 131 11.17 -10.85 -4.14
C GLN B 131 12.07 -10.59 -2.94
N SER B 132 12.95 -9.59 -3.12
CA SER B 132 13.89 -9.12 -2.10
C SER B 132 13.73 -7.61 -2.16
N PRO B 133 12.70 -7.09 -1.49
CA PRO B 133 12.37 -5.67 -1.44
C PRO B 133 13.12 -4.78 -0.45
N GLU B 134 14.24 -5.25 0.10
CA GLU B 134 14.99 -4.46 1.08
C GLU B 134 15.19 -2.99 0.71
N ALA B 135 15.46 -2.74 -0.58
CA ALA B 135 15.67 -1.36 -1.05
C ALA B 135 14.54 -0.43 -0.63
N HIS B 136 13.30 -0.90 -0.75
CA HIS B 136 12.14 -0.09 -0.38
C HIS B 136 12.24 0.35 1.08
N PHE B 137 12.75 -0.54 1.91
CA PHE B 137 12.88 -0.28 3.33
C PHE B 137 14.08 0.62 3.66
N VAL B 138 15.23 0.28 3.10
CA VAL B 138 16.44 1.07 3.33
C VAL B 138 16.24 2.50 2.89
N HIS B 139 15.44 2.72 1.86
CA HIS B 139 15.18 4.06 1.34
C HIS B 139 14.23 4.85 2.25
N THR B 140 13.58 4.16 3.17
CA THR B 140 12.65 4.80 4.09
C THR B 140 13.32 5.12 5.41
N ALA B 141 13.49 6.41 5.68
CA ALA B 141 14.12 6.84 6.92
C ALA B 141 13.27 6.41 8.10
N GLY B 142 13.92 5.92 9.15
CA GLY B 142 13.20 5.50 10.33
C GLY B 142 13.08 4.01 10.51
N LEU B 143 13.52 3.24 9.51
CA LEU B 143 13.45 1.79 9.62
C LEU B 143 14.83 1.16 9.65
N LYS B 144 14.99 0.15 10.48
CA LYS B 144 16.25 -0.57 10.54
C LYS B 144 15.94 -1.81 9.71
N VAL B 145 16.88 -2.22 8.87
CA VAL B 145 16.69 -3.38 8.01
C VAL B 145 17.77 -4.43 8.25
N VAL B 146 17.33 -5.65 8.53
CA VAL B 146 18.25 -6.76 8.79
C VAL B 146 17.91 -7.97 7.92
N ALA B 147 18.94 -8.54 7.29
CA ALA B 147 18.79 -9.73 6.44
C ALA B 147 19.83 -10.75 6.88
N VAL B 148 19.38 -11.87 7.45
CA VAL B 148 20.29 -12.89 7.96
C VAL B 148 20.55 -14.03 6.98
N SER B 149 21.65 -14.76 7.20
CA SER B 149 22.00 -15.87 6.31
C SER B 149 22.48 -17.14 7.03
N THR B 150 22.48 -17.13 8.36
CA THR B 150 22.91 -18.31 9.11
C THR B 150 22.02 -18.50 10.32
N PRO B 151 21.90 -19.75 10.81
CA PRO B 151 21.05 -19.98 11.98
C PRO B 151 21.58 -19.22 13.20
N TYR B 152 22.90 -19.14 13.30
CA TYR B 152 23.52 -18.45 14.44
C TYR B 152 23.11 -16.97 14.45
N ASP B 153 23.21 -16.30 13.30
CA ASP B 153 22.84 -14.89 13.21
C ASP B 153 21.33 -14.74 13.38
N ALA B 154 20.58 -15.70 12.86
CA ALA B 154 19.12 -15.67 12.96
C ALA B 154 18.67 -15.45 14.39
N LYS B 155 19.12 -16.31 15.31
CA LYS B 155 18.74 -16.19 16.71
C LYS B 155 19.28 -14.92 17.34
N GLY B 156 20.57 -14.70 17.19
CA GLY B 156 21.20 -13.53 17.78
C GLY B 156 20.63 -12.19 17.35
N LEU B 157 20.39 -12.02 16.06
CA LEU B 157 19.86 -10.76 15.54
C LEU B 157 18.35 -10.57 15.75
N LEU B 158 17.58 -11.65 15.76
CA LEU B 158 16.15 -11.50 15.98
C LEU B 158 15.95 -11.08 17.44
N LYS B 159 16.68 -11.72 18.34
CA LYS B 159 16.59 -11.39 19.76
C LYS B 159 16.99 -9.92 19.92
N ALA B 160 18.03 -9.51 19.19
CA ALA B 160 18.49 -8.13 19.24
C ALA B 160 17.38 -7.19 18.79
N ALA B 161 16.78 -7.52 17.65
CA ALA B 161 15.70 -6.74 17.07
C ALA B 161 14.55 -6.54 18.06
N ILE B 162 14.17 -7.63 18.73
CA ILE B 162 13.07 -7.60 19.69
C ILE B 162 13.36 -6.68 20.87
N ARG B 163 14.64 -6.52 21.18
CA ARG B 163 15.04 -5.67 22.30
C ARG B 163 15.24 -4.23 21.85
N ASP B 164 15.50 -4.04 20.56
CA ASP B 164 15.71 -2.71 20.00
C ASP B 164 14.37 -1.95 20.00
N GLU B 165 14.38 -0.71 20.47
CA GLU B 165 13.17 0.12 20.51
C GLU B 165 12.84 0.73 19.16
N ASP B 166 13.75 0.60 18.20
CA ASP B 166 13.54 1.14 16.86
C ASP B 166 12.89 0.08 15.97
N PRO B 167 12.01 0.50 15.06
CA PRO B 167 11.33 -0.43 14.15
C PRO B 167 12.36 -1.21 13.34
N VAL B 168 12.22 -2.53 13.31
CA VAL B 168 13.15 -3.37 12.56
C VAL B 168 12.44 -4.28 11.58
N VAL B 169 12.84 -4.21 10.30
CA VAL B 169 12.27 -5.07 9.29
C VAL B 169 13.29 -6.19 9.16
N PHE B 170 12.87 -7.39 9.58
CA PHE B 170 13.71 -8.58 9.61
C PHE B 170 13.46 -9.52 8.42
N LEU B 171 14.38 -9.56 7.46
CA LEU B 171 14.21 -10.45 6.30
C LEU B 171 14.90 -11.81 6.47
N GLU B 172 14.16 -12.86 6.13
CA GLU B 172 14.65 -14.23 6.24
C GLU B 172 14.65 -14.95 4.89
N PRO B 173 15.83 -15.11 4.27
CA PRO B 173 15.96 -15.79 2.96
C PRO B 173 15.41 -17.20 3.11
N LYS B 174 14.23 -17.44 2.55
CA LYS B 174 13.58 -18.74 2.69
C LYS B 174 14.36 -19.93 2.16
N ARG B 175 15.17 -19.75 1.13
CA ARG B 175 15.93 -20.87 0.59
C ARG B 175 16.92 -21.36 1.65
N LEU B 176 17.22 -20.49 2.61
CA LEU B 176 18.16 -20.82 3.68
C LEU B 176 17.48 -21.27 4.97
N TYR B 177 16.15 -21.35 4.96
CA TYR B 177 15.40 -21.76 6.14
C TYR B 177 15.86 -23.08 6.75
N ARG B 178 16.30 -24.01 5.89
CA ARG B 178 16.76 -25.33 6.34
C ARG B 178 17.95 -25.81 5.51
N SER B 179 18.67 -24.87 4.89
CA SER B 179 19.80 -25.23 4.06
C SER B 179 20.90 -25.95 4.83
N VAL B 180 21.01 -25.68 6.12
CA VAL B 180 22.05 -26.31 6.93
C VAL B 180 21.77 -26.26 8.43
N LYS B 181 22.39 -27.17 9.16
CA LYS B 181 22.23 -27.24 10.61
C LYS B 181 23.54 -26.82 11.26
N GLU B 182 23.65 -25.52 11.54
CA GLU B 182 24.84 -24.92 12.16
C GLU B 182 24.70 -24.95 13.68
N GLU B 183 25.80 -24.70 14.39
CA GLU B 183 25.81 -24.69 15.84
C GLU B 183 25.21 -23.40 16.39
N VAL B 184 24.20 -23.54 17.25
CA VAL B 184 23.53 -22.39 17.84
C VAL B 184 23.39 -22.58 19.35
N PRO B 185 24.08 -21.75 20.13
CA PRO B 185 24.03 -21.83 21.60
C PRO B 185 22.60 -21.74 22.13
N GLU B 186 22.27 -22.60 23.07
CA GLU B 186 20.93 -22.59 23.66
C GLU B 186 20.85 -21.50 24.71
N GLU B 187 22.01 -21.02 25.16
CA GLU B 187 22.06 -19.96 26.15
C GLU B 187 21.61 -18.66 25.50
N ASP B 188 21.26 -17.68 26.33
CA ASP B 188 20.81 -16.39 25.84
C ASP B 188 21.96 -15.50 25.37
N TYR B 189 21.90 -15.09 24.11
CA TYR B 189 22.90 -14.21 23.54
C TYR B 189 22.28 -13.37 22.44
N THR B 190 22.87 -12.22 22.15
CA THR B 190 22.37 -11.37 21.09
C THR B 190 23.53 -11.03 20.19
N LEU B 191 23.25 -10.35 19.09
CA LEU B 191 24.28 -9.94 18.15
C LEU B 191 24.02 -8.46 17.88
N PRO B 192 25.07 -7.69 17.57
CA PRO B 192 24.88 -6.27 17.31
C PRO B 192 24.28 -5.94 15.95
N ILE B 193 23.20 -5.18 15.96
CA ILE B 193 22.57 -4.75 14.72
C ILE B 193 23.47 -3.65 14.18
N GLY B 194 23.82 -3.72 12.91
CA GLY B 194 24.66 -2.69 12.34
C GLY B 194 26.12 -3.13 12.15
N LYS B 195 26.39 -4.40 12.43
CA LYS B 195 27.75 -4.91 12.26
C LYS B 195 27.83 -6.07 11.28
N ALA B 196 28.68 -5.92 10.27
CA ALA B 196 28.86 -6.97 9.28
C ALA B 196 29.57 -8.14 9.93
N ALA B 197 29.57 -9.28 9.26
CA ALA B 197 30.24 -10.46 9.76
C ALA B 197 31.24 -10.90 8.70
N LEU B 198 32.49 -11.04 9.11
CA LEU B 198 33.55 -11.46 8.20
C LEU B 198 33.50 -12.98 8.07
N ARG B 199 33.25 -13.46 6.87
CA ARG B 199 33.17 -14.91 6.63
C ARG B 199 34.53 -15.45 6.17
N ARG B 200 35.24 -14.65 5.38
CA ARG B 200 36.55 -15.05 4.87
C ARG B 200 37.48 -13.85 4.79
N GLU B 201 38.68 -14.00 5.34
CA GLU B 201 39.67 -12.95 5.31
C GLU B 201 40.49 -13.13 4.04
N GLY B 202 40.65 -12.05 3.28
CA GLY B 202 41.41 -12.11 2.04
C GLY B 202 42.07 -10.78 1.76
N LYS B 203 42.85 -10.70 0.68
CA LYS B 203 43.53 -9.45 0.35
C LYS B 203 43.59 -9.12 -1.13
N ASP B 204 43.05 -10.01 -1.97
CA ASP B 204 43.09 -9.77 -3.40
C ASP B 204 41.77 -9.25 -3.95
N LEU B 205 40.70 -9.46 -3.20
CA LEU B 205 39.38 -9.05 -3.64
C LEU B 205 38.39 -9.02 -2.49
N THR B 206 37.46 -8.08 -2.54
CA THR B 206 36.44 -7.98 -1.50
C THR B 206 35.10 -8.40 -2.08
N LEU B 207 34.40 -9.27 -1.38
CA LEU B 207 33.08 -9.73 -1.80
C LEU B 207 32.07 -9.27 -0.77
N ILE B 208 31.28 -8.27 -1.12
CA ILE B 208 30.26 -7.75 -0.22
C ILE B 208 28.92 -8.35 -0.62
N CYS B 209 28.23 -8.93 0.35
CA CYS B 209 26.96 -9.57 0.09
C CYS B 209 26.18 -9.77 1.38
N TYR B 210 25.04 -10.43 1.27
CA TYR B 210 24.17 -10.69 2.41
C TYR B 210 23.02 -11.56 1.96
N GLY B 211 22.30 -12.12 2.93
CA GLY B 211 21.14 -12.95 2.66
C GLY B 211 21.20 -14.05 1.62
N THR B 212 20.16 -14.07 0.79
CA THR B 212 19.95 -15.04 -0.26
C THR B 212 21.14 -15.59 -1.03
N VAL B 213 22.05 -14.72 -1.47
CA VAL B 213 23.19 -15.14 -2.28
C VAL B 213 24.43 -15.69 -1.58
N MET B 214 24.47 -15.70 -0.26
CA MET B 214 25.65 -16.19 0.45
C MET B 214 26.18 -17.56 -0.03
N PRO B 215 25.29 -18.53 -0.31
CA PRO B 215 25.75 -19.83 -0.77
C PRO B 215 26.67 -19.76 -1.99
N GLU B 216 26.21 -19.09 -3.03
CA GLU B 216 26.99 -18.96 -4.26
C GLU B 216 28.26 -18.11 -4.04
N VAL B 217 28.14 -17.07 -3.22
CA VAL B 217 29.26 -16.20 -2.95
C VAL B 217 30.38 -16.95 -2.23
N LEU B 218 30.04 -17.62 -1.13
CA LEU B 218 31.01 -18.39 -0.37
C LEU B 218 31.66 -19.44 -1.26
N GLN B 219 30.86 -20.06 -2.12
CA GLN B 219 31.37 -21.08 -3.03
C GLN B 219 32.28 -20.43 -4.06
N ALA B 220 31.95 -19.19 -4.44
CA ALA B 220 32.75 -18.47 -5.41
C ALA B 220 34.10 -18.19 -4.78
N ALA B 221 34.09 -17.87 -3.49
CA ALA B 221 35.33 -17.59 -2.77
C ALA B 221 36.19 -18.85 -2.78
N ALA B 222 35.58 -19.96 -2.39
CA ALA B 222 36.28 -21.24 -2.33
C ALA B 222 36.94 -21.56 -3.66
N GLU B 223 36.24 -21.34 -4.76
CA GLU B 223 36.81 -21.63 -6.06
C GLU B 223 37.91 -20.64 -6.45
N LEU B 224 37.87 -19.45 -5.86
CA LEU B 224 38.89 -18.45 -6.13
C LEU B 224 40.17 -18.87 -5.41
N ALA B 225 40.00 -19.52 -4.27
CA ALA B 225 41.12 -19.99 -3.47
C ALA B 225 41.90 -21.05 -4.24
N LYS B 226 41.19 -22.05 -4.76
CA LYS B 226 41.82 -23.12 -5.51
C LYS B 226 42.58 -22.53 -6.70
N ALA B 227 42.15 -21.37 -7.16
CA ALA B 227 42.79 -20.71 -8.29
C ALA B 227 43.87 -19.72 -7.87
N GLY B 228 44.18 -19.69 -6.58
CA GLY B 228 45.21 -18.79 -6.10
C GLY B 228 44.78 -17.38 -5.71
N VAL B 229 43.49 -17.09 -5.79
CA VAL B 229 43.00 -15.76 -5.42
C VAL B 229 42.45 -15.77 -4.01
N SER B 230 42.93 -14.84 -3.18
CA SER B 230 42.50 -14.74 -1.79
C SER B 230 41.43 -13.66 -1.64
N ALA B 231 40.16 -14.09 -1.67
CA ALA B 231 39.04 -13.17 -1.56
C ALA B 231 38.49 -13.06 -0.14
N GLU B 232 38.16 -11.84 0.24
CA GLU B 232 37.59 -11.59 1.56
C GLU B 232 36.08 -11.51 1.41
N VAL B 233 35.36 -12.35 2.16
CA VAL B 233 33.91 -12.38 2.09
C VAL B 233 33.29 -11.65 3.28
N LEU B 234 32.46 -10.65 2.97
CA LEU B 234 31.81 -9.85 3.99
C LEU B 234 30.29 -9.91 3.90
N ASP B 235 29.67 -10.46 4.94
CA ASP B 235 28.21 -10.56 5.03
C ASP B 235 27.76 -9.37 5.88
N LEU B 236 27.18 -8.36 5.23
CA LEU B 236 26.72 -7.15 5.92
C LEU B 236 25.74 -7.39 7.05
N ARG B 237 24.86 -8.38 6.87
CA ARG B 237 23.85 -8.71 7.87
C ARG B 237 22.83 -7.58 8.04
N THR B 238 23.30 -6.40 8.45
CA THR B 238 22.40 -5.28 8.62
C THR B 238 22.55 -4.34 7.44
N LEU B 239 21.43 -4.10 6.75
CA LEU B 239 21.43 -3.22 5.58
C LEU B 239 21.21 -1.76 5.97
N MET B 240 20.63 -1.54 7.14
CA MET B 240 20.37 -0.19 7.61
C MET B 240 20.25 -0.16 9.12
N PRO B 241 21.21 0.47 9.81
CA PRO B 241 22.38 1.17 9.25
C PRO B 241 23.47 0.14 8.96
N TRP B 242 24.06 0.20 7.76
CA TRP B 242 25.09 -0.77 7.42
C TRP B 242 26.48 -0.43 7.96
N ASP B 243 27.29 -1.46 8.15
CA ASP B 243 28.65 -1.37 8.67
C ASP B 243 29.61 -0.62 7.75
N TYR B 244 29.54 0.70 7.76
CA TYR B 244 30.39 1.53 6.91
C TYR B 244 31.89 1.22 7.09
N GLU B 245 32.32 1.12 8.35
CA GLU B 245 33.73 0.85 8.64
C GLU B 245 34.20 -0.49 8.07
N ALA B 246 33.48 -1.57 8.39
CA ALA B 246 33.84 -2.89 7.91
C ALA B 246 34.04 -2.88 6.41
N VAL B 247 33.10 -2.27 5.69
CA VAL B 247 33.17 -2.21 4.24
C VAL B 247 34.38 -1.43 3.72
N MET B 248 34.53 -0.19 4.17
CA MET B 248 35.64 0.65 3.72
C MET B 248 37.01 0.05 4.04
N ASN B 249 37.14 -0.53 5.23
CA ASN B 249 38.41 -1.15 5.63
C ASN B 249 38.78 -2.23 4.63
N SER B 250 37.88 -3.18 4.42
CA SER B 250 38.15 -4.27 3.50
C SER B 250 38.54 -3.75 2.11
N VAL B 251 37.70 -2.90 1.53
CA VAL B 251 37.98 -2.35 0.21
C VAL B 251 39.29 -1.59 0.20
N ALA B 252 39.59 -0.90 1.30
CA ALA B 252 40.84 -0.14 1.40
C ALA B 252 41.99 -1.10 1.20
N LYS B 253 41.93 -2.22 1.90
CA LYS B 253 42.95 -3.26 1.82
C LYS B 253 43.05 -3.87 0.42
N THR B 254 42.03 -4.61 0.03
CA THR B 254 42.01 -5.28 -1.27
C THR B 254 42.09 -4.39 -2.50
N GLY B 255 41.42 -3.24 -2.45
CA GLY B 255 41.47 -2.34 -3.59
C GLY B 255 40.49 -2.65 -4.72
N ARG B 256 39.83 -3.81 -4.66
CA ARG B 256 38.84 -4.18 -5.67
C ARG B 256 37.67 -4.91 -5.03
N VAL B 257 36.45 -4.49 -5.37
CA VAL B 257 35.25 -5.06 -4.77
C VAL B 257 34.14 -5.47 -5.75
N VAL B 258 33.41 -6.51 -5.35
CA VAL B 258 32.28 -7.03 -6.11
C VAL B 258 31.12 -7.16 -5.12
N LEU B 259 30.00 -6.52 -5.43
CA LEU B 259 28.82 -6.57 -4.55
C LEU B 259 27.77 -7.49 -5.17
N VAL B 260 27.28 -8.44 -4.36
CA VAL B 260 26.30 -9.41 -4.84
C VAL B 260 24.99 -9.43 -4.06
N SER B 261 23.88 -9.47 -4.80
CA SER B 261 22.53 -9.51 -4.23
C SER B 261 21.56 -9.98 -5.30
N ASP B 262 20.48 -10.62 -4.88
CA ASP B 262 19.49 -11.09 -5.83
C ASP B 262 18.41 -10.04 -6.05
N ALA B 263 18.50 -8.92 -5.35
CA ALA B 263 17.52 -7.85 -5.50
C ALA B 263 17.72 -7.15 -6.85
N PRO B 264 16.64 -6.64 -7.46
CA PRO B 264 16.76 -5.95 -8.75
C PRO B 264 17.86 -4.87 -8.69
N ARG B 265 18.56 -4.69 -9.80
CA ARG B 265 19.66 -3.74 -9.87
C ARG B 265 19.32 -2.26 -9.61
N HIS B 266 18.50 -1.68 -10.46
CA HIS B 266 18.17 -0.26 -10.32
C HIS B 266 17.71 0.23 -8.96
N ALA B 267 18.47 1.20 -8.43
CA ALA B 267 18.19 1.81 -7.14
C ALA B 267 18.17 0.79 -6.01
N SER B 268 18.96 -0.26 -6.13
CA SER B 268 19.00 -1.30 -5.12
C SER B 268 19.92 -0.92 -3.96
N PHE B 269 20.00 -1.80 -2.97
CA PHE B 269 20.84 -1.55 -1.81
C PHE B 269 22.32 -1.67 -2.17
N VAL B 270 22.70 -2.67 -2.96
CA VAL B 270 24.12 -2.78 -3.30
C VAL B 270 24.54 -1.58 -4.14
N SER B 271 23.58 -0.97 -4.83
CA SER B 271 23.89 0.21 -5.65
C SER B 271 24.27 1.34 -4.70
N GLU B 272 23.63 1.38 -3.53
CA GLU B 272 23.90 2.41 -2.55
C GLU B 272 25.32 2.26 -1.99
N VAL B 273 25.66 1.05 -1.57
CA VAL B 273 26.99 0.78 -1.04
C VAL B 273 28.05 1.05 -2.11
N ALA B 274 27.79 0.59 -3.33
CA ALA B 274 28.72 0.80 -4.43
C ALA B 274 28.97 2.28 -4.70
N ALA B 275 27.88 3.06 -4.72
CA ALA B 275 28.00 4.50 -4.97
C ALA B 275 28.75 5.18 -3.85
N THR B 276 28.59 4.64 -2.64
CA THR B 276 29.26 5.20 -1.47
C THR B 276 30.74 4.84 -1.47
N ILE B 277 31.06 3.67 -2.00
CA ILE B 277 32.46 3.26 -2.06
C ILE B 277 33.19 4.17 -3.05
N ALA B 278 32.56 4.42 -4.19
CA ALA B 278 33.14 5.27 -5.22
C ALA B 278 33.29 6.71 -4.75
N GLU B 279 32.42 7.14 -3.84
CA GLU B 279 32.44 8.50 -3.34
C GLU B 279 33.47 8.76 -2.24
N ASP B 280 33.72 7.76 -1.41
CA ASP B 280 34.67 7.91 -0.30
C ASP B 280 36.02 7.23 -0.46
N LEU B 281 36.14 6.28 -1.37
CA LEU B 281 37.42 5.58 -1.56
C LEU B 281 37.86 5.48 -3.01
N LEU B 282 37.59 6.49 -3.82
CA LEU B 282 37.99 6.43 -5.22
C LEU B 282 39.50 6.19 -5.28
N ASP B 283 40.23 6.87 -4.41
CA ASP B 283 41.68 6.78 -4.33
C ASP B 283 42.21 5.39 -3.97
N MET B 284 41.37 4.54 -3.40
CA MET B 284 41.80 3.20 -3.02
C MET B 284 41.36 2.14 -4.03
N LEU B 285 40.59 2.53 -5.03
CA LEU B 285 40.10 1.58 -6.02
C LEU B 285 41.10 1.27 -7.13
N LEU B 286 41.34 -0.02 -7.34
CA LEU B 286 42.25 -0.47 -8.38
C LEU B 286 41.40 -0.96 -9.54
N ALA B 287 40.11 -1.09 -9.30
CA ALA B 287 39.16 -1.54 -10.30
C ALA B 287 37.79 -0.96 -9.98
N PRO B 288 36.90 -0.90 -10.99
CA PRO B 288 35.55 -0.36 -10.78
C PRO B 288 34.74 -1.23 -9.83
N PRO B 289 33.87 -0.62 -9.03
CA PRO B 289 33.05 -1.40 -8.10
C PRO B 289 32.08 -2.17 -9.00
N ILE B 290 32.12 -3.50 -8.95
CA ILE B 290 31.24 -4.28 -9.80
C ILE B 290 30.05 -4.85 -9.02
N ARG B 291 28.87 -4.73 -9.60
CA ARG B 291 27.65 -5.21 -8.98
C ARG B 291 27.02 -6.39 -9.71
N VAL B 292 26.88 -7.51 -9.00
CA VAL B 292 26.25 -8.69 -9.55
C VAL B 292 24.90 -8.71 -8.82
N THR B 293 23.86 -8.31 -9.53
CA THR B 293 22.52 -8.22 -8.95
C THR B 293 21.47 -8.98 -9.75
N GLY B 294 20.23 -8.92 -9.26
CA GLY B 294 19.14 -9.55 -9.97
C GLY B 294 18.84 -8.63 -11.13
N PHE B 295 18.26 -9.16 -12.20
CA PHE B 295 17.94 -8.36 -13.38
C PHE B 295 16.75 -7.44 -13.12
N ASP B 296 16.69 -6.34 -13.84
CA ASP B 296 15.59 -5.38 -13.69
C ASP B 296 14.31 -5.87 -14.39
N THR B 297 13.79 -6.99 -13.89
CA THR B 297 12.59 -7.59 -14.43
C THR B 297 11.84 -8.21 -13.26
N PRO B 298 10.54 -8.51 -13.43
CA PRO B 298 9.83 -9.13 -12.31
C PRO B 298 10.48 -10.52 -12.17
N TYR B 299 10.40 -11.13 -11.00
CA TYR B 299 11.03 -12.44 -10.83
C TYR B 299 10.37 -13.50 -11.72
N PRO B 300 11.12 -14.02 -12.70
CA PRO B 300 10.63 -15.04 -13.62
C PRO B 300 10.57 -16.45 -13.04
N TYR B 301 9.52 -17.17 -13.38
CA TYR B 301 9.34 -18.53 -12.90
C TYR B 301 10.22 -19.50 -13.70
N ALA B 302 9.95 -19.59 -15.00
CA ALA B 302 10.68 -20.50 -15.86
C ALA B 302 12.19 -20.35 -15.75
N GLN B 303 12.68 -19.12 -15.88
CA GLN B 303 14.11 -18.86 -15.81
C GLN B 303 14.60 -18.56 -14.39
N ASP B 304 13.92 -19.14 -13.40
CA ASP B 304 14.30 -18.93 -12.00
C ASP B 304 15.80 -19.03 -11.76
N LYS B 305 16.38 -20.16 -12.14
CA LYS B 305 17.80 -20.38 -11.95
C LYS B 305 18.73 -19.48 -12.74
N LEU B 306 18.20 -18.84 -13.78
CA LEU B 306 19.03 -17.95 -14.58
C LEU B 306 18.99 -16.56 -13.97
N TYR B 307 17.96 -16.29 -13.19
CA TYR B 307 17.81 -14.98 -12.55
C TYR B 307 18.70 -14.87 -11.32
N LEU B 308 18.57 -15.82 -10.40
CA LEU B 308 19.38 -15.83 -9.18
C LEU B 308 20.86 -15.88 -9.57
N PRO B 309 21.70 -15.02 -8.95
CA PRO B 309 23.13 -15.01 -9.28
C PRO B 309 23.79 -16.39 -9.13
N THR B 310 24.49 -16.82 -10.17
CA THR B 310 25.17 -18.11 -10.15
C THR B 310 26.63 -17.92 -9.74
N VAL B 311 27.27 -18.99 -9.28
CA VAL B 311 28.68 -18.92 -8.89
C VAL B 311 29.48 -18.43 -10.10
N THR B 312 29.09 -18.89 -11.28
CA THR B 312 29.76 -18.50 -12.51
C THR B 312 29.69 -16.99 -12.70
N ARG B 313 28.47 -16.45 -12.61
CA ARG B 313 28.25 -15.02 -12.77
C ARG B 313 29.13 -14.21 -11.81
N ILE B 314 29.25 -14.69 -10.57
CA ILE B 314 30.06 -14.01 -9.57
C ILE B 314 31.54 -14.08 -9.94
N LEU B 315 31.99 -15.26 -10.38
CA LEU B 315 33.38 -15.43 -10.77
C LEU B 315 33.72 -14.53 -11.93
N ASN B 316 32.83 -14.44 -12.90
CA ASN B 316 33.08 -13.58 -14.05
C ASN B 316 33.32 -12.15 -13.57
N ALA B 317 32.47 -11.68 -12.64
CA ALA B 317 32.62 -10.33 -12.11
C ALA B 317 33.97 -10.20 -11.43
N ALA B 318 34.30 -11.20 -10.61
CA ALA B 318 35.56 -11.23 -9.89
C ALA B 318 36.72 -11.11 -10.88
N LYS B 319 36.61 -11.83 -11.99
CA LYS B 319 37.66 -11.80 -13.00
C LYS B 319 37.86 -10.40 -13.58
N ARG B 320 36.77 -9.70 -13.88
CA ARG B 320 36.88 -8.36 -14.42
C ARG B 320 37.59 -7.45 -13.43
N ALA B 321 37.26 -7.62 -12.15
CA ALA B 321 37.85 -6.81 -11.09
C ALA B 321 39.36 -7.08 -10.99
N LEU B 322 39.72 -8.36 -11.03
CA LEU B 322 41.12 -8.76 -10.94
C LEU B 322 41.93 -8.44 -12.19
N ASP B 323 41.31 -8.58 -13.37
CA ASP B 323 42.00 -8.31 -14.63
C ASP B 323 41.98 -6.84 -15.01
N TYR B 324 41.45 -5.99 -14.12
CA TYR B 324 41.37 -4.56 -14.42
C TYR B 324 42.71 -3.86 -14.20
N HIS C 6 -38.24 -14.60 -10.42
CA HIS C 6 -37.90 -13.32 -11.11
C HIS C 6 -36.75 -12.61 -10.41
N ARG C 7 -36.82 -12.50 -9.09
CA ARG C 7 -35.76 -11.84 -8.34
C ARG C 7 -35.51 -12.51 -7.00
N PHE C 8 -34.27 -12.91 -6.76
CA PHE C 8 -33.89 -13.56 -5.51
C PHE C 8 -33.87 -12.57 -4.36
N GLU C 9 -34.04 -13.10 -3.16
CA GLU C 9 -34.03 -12.27 -1.96
C GLU C 9 -32.59 -11.94 -1.56
N THR C 10 -32.39 -10.71 -1.10
CA THR C 10 -31.08 -10.28 -0.68
C THR C 10 -30.89 -10.51 0.81
N PHE C 11 -29.63 -10.64 1.23
CA PHE C 11 -29.27 -10.83 2.63
C PHE C 11 -30.14 -11.87 3.34
N THR C 12 -30.43 -12.98 2.68
CA THR C 12 -31.26 -13.98 3.32
C THR C 12 -30.58 -14.65 4.50
N GLU C 13 -31.42 -15.07 5.44
CA GLU C 13 -31.01 -15.74 6.66
C GLU C 13 -30.35 -17.08 6.31
N GLU C 14 -31.02 -17.85 5.45
CA GLU C 14 -30.50 -19.15 5.02
C GLU C 14 -29.97 -19.03 3.59
N PRO C 15 -28.87 -19.73 3.28
CA PRO C 15 -28.38 -19.62 1.90
C PRO C 15 -29.41 -20.09 0.88
N ILE C 16 -29.49 -19.39 -0.24
CA ILE C 16 -30.41 -19.72 -1.32
C ILE C 16 -30.05 -21.06 -1.94
N ARG C 17 -31.02 -21.96 -2.02
CA ARG C 17 -30.79 -23.28 -2.61
C ARG C 17 -31.96 -23.62 -3.54
N LEU C 18 -31.67 -24.30 -4.63
CA LEU C 18 -32.70 -24.66 -5.59
C LEU C 18 -32.84 -26.17 -5.77
N ILE C 19 -31.83 -26.91 -5.34
CA ILE C 19 -31.86 -28.36 -5.46
C ILE C 19 -32.16 -29.04 -4.13
N GLY C 20 -33.26 -29.76 -4.09
CA GLY C 20 -33.64 -30.46 -2.87
C GLY C 20 -32.68 -31.57 -2.50
N GLU C 21 -32.84 -32.07 -1.27
CA GLU C 21 -32.00 -33.14 -0.75
C GLU C 21 -32.16 -34.44 -1.55
N GLU C 22 -33.29 -34.59 -2.22
CA GLU C 22 -33.55 -35.78 -3.01
C GLU C 22 -33.61 -35.49 -4.50
N GLY C 23 -33.02 -34.37 -4.91
CA GLY C 23 -33.00 -33.99 -6.32
C GLY C 23 -34.21 -33.24 -6.84
N GLU C 24 -35.04 -32.71 -5.96
CA GLU C 24 -36.23 -31.98 -6.38
C GLU C 24 -35.95 -30.50 -6.60
N TRP C 25 -36.74 -29.88 -7.46
CA TRP C 25 -36.61 -28.45 -7.78
C TRP C 25 -37.33 -27.66 -6.70
N LEU C 26 -36.62 -26.71 -6.09
CA LEU C 26 -37.19 -25.89 -5.01
C LEU C 26 -37.51 -24.46 -5.40
N GLY C 27 -37.30 -24.12 -6.66
CA GLY C 27 -37.56 -22.76 -7.09
C GLY C 27 -39.02 -22.37 -7.19
N ASP C 28 -39.32 -21.10 -6.94
CA ASP C 28 -40.68 -20.62 -7.04
C ASP C 28 -41.02 -20.62 -8.51
N PHE C 29 -40.15 -20.00 -9.31
CA PHE C 29 -40.34 -19.94 -10.75
C PHE C 29 -40.07 -21.34 -11.29
N PRO C 30 -40.63 -21.65 -12.46
CA PRO C 30 -40.39 -22.98 -13.02
C PRO C 30 -39.01 -23.03 -13.67
N LEU C 31 -38.36 -24.18 -13.57
CA LEU C 31 -37.03 -24.37 -14.15
C LEU C 31 -37.12 -24.03 -15.64
N ASP C 32 -36.15 -23.29 -16.17
CA ASP C 32 -36.20 -22.94 -17.57
C ASP C 32 -34.94 -23.28 -18.38
N LEU C 33 -34.23 -24.31 -17.94
CA LEU C 33 -33.02 -24.78 -18.62
C LEU C 33 -33.28 -26.12 -19.30
N GLU C 34 -32.99 -26.20 -20.60
CA GLU C 34 -33.19 -27.44 -21.34
C GLU C 34 -32.37 -28.57 -20.75
N GLY C 35 -32.80 -29.80 -20.99
CA GLY C 35 -32.09 -30.95 -20.48
C GLY C 35 -30.65 -30.99 -20.94
N GLU C 36 -30.40 -30.56 -22.17
CA GLU C 36 -29.06 -30.55 -22.74
C GLU C 36 -28.16 -29.65 -21.87
N LYS C 37 -28.66 -28.47 -21.55
CA LYS C 37 -27.91 -27.50 -20.73
C LYS C 37 -27.62 -28.05 -19.34
N LEU C 38 -28.60 -28.71 -18.72
CA LEU C 38 -28.39 -29.27 -17.41
C LEU C 38 -27.26 -30.29 -17.43
N ARG C 39 -27.23 -31.10 -18.49
CA ARG C 39 -26.19 -32.10 -18.63
C ARG C 39 -24.84 -31.45 -18.86
N ARG C 40 -24.86 -30.29 -19.50
CA ARG C 40 -23.62 -29.55 -19.76
C ARG C 40 -23.02 -29.15 -18.42
N LEU C 41 -23.86 -28.60 -17.55
CA LEU C 41 -23.41 -28.18 -16.23
C LEU C 41 -22.74 -29.32 -15.48
N TYR C 42 -23.35 -30.50 -15.55
CA TYR C 42 -22.81 -31.66 -14.87
C TYR C 42 -21.47 -32.04 -15.50
N ARG C 43 -21.47 -32.09 -16.83
CA ARG C 43 -20.28 -32.45 -17.60
C ARG C 43 -19.12 -31.56 -17.16
N ASP C 44 -19.34 -30.26 -17.14
CA ASP C 44 -18.30 -29.32 -16.77
C ASP C 44 -17.82 -29.50 -15.33
N MET C 45 -18.73 -29.80 -14.42
CA MET C 45 -18.29 -30.01 -13.04
C MET C 45 -17.40 -31.24 -13.00
N LEU C 46 -17.81 -32.30 -13.69
CA LEU C 46 -17.00 -33.52 -13.72
C LEU C 46 -15.62 -33.22 -14.30
N ALA C 47 -15.59 -32.46 -15.39
CA ALA C 47 -14.33 -32.09 -16.01
C ALA C 47 -13.46 -31.31 -15.03
N ALA C 48 -14.08 -30.40 -14.27
CA ALA C 48 -13.35 -29.59 -13.29
C ALA C 48 -12.75 -30.49 -12.22
N ARG C 49 -13.56 -31.38 -11.66
CA ARG C 49 -13.12 -32.29 -10.63
C ARG C 49 -11.98 -33.17 -11.15
N MET C 50 -12.12 -33.67 -12.36
CA MET C 50 -11.08 -34.53 -12.93
C MET C 50 -9.80 -33.77 -13.26
N LEU C 51 -9.94 -32.49 -13.61
CA LEU C 51 -8.78 -31.67 -13.92
C LEU C 51 -7.98 -31.54 -12.62
N ASP C 52 -8.72 -31.31 -11.53
CA ASP C 52 -8.11 -31.15 -10.22
C ASP C 52 -7.33 -32.40 -9.84
N GLU C 53 -7.94 -33.57 -10.02
CA GLU C 53 -7.27 -34.81 -9.69
C GLU C 53 -6.07 -35.06 -10.60
N ARG C 54 -6.17 -34.58 -11.84
CA ARG C 54 -5.05 -34.73 -12.76
C ARG C 54 -3.92 -33.83 -12.28
N TYR C 55 -4.27 -32.71 -11.65
CA TYR C 55 -3.27 -31.79 -11.13
C TYR C 55 -2.51 -32.48 -10.01
N THR C 56 -3.24 -33.22 -9.18
CA THR C 56 -2.64 -33.94 -8.07
C THR C 56 -1.53 -34.85 -8.62
N ILE C 57 -1.83 -35.51 -9.74
CA ILE C 57 -0.86 -36.42 -10.36
C ILE C 57 0.35 -35.65 -10.90
N LEU C 58 0.13 -34.43 -11.40
CA LEU C 58 1.22 -33.62 -11.93
C LEU C 58 2.21 -33.30 -10.80
N ILE C 59 1.70 -33.18 -9.58
CA ILE C 59 2.54 -32.91 -8.43
C ILE C 59 3.36 -34.18 -8.15
N ARG C 60 2.66 -35.30 -8.00
CA ARG C 60 3.31 -36.58 -7.72
C ARG C 60 4.40 -36.94 -8.71
N THR C 61 4.20 -36.61 -9.98
CA THR C 61 5.19 -36.92 -11.02
C THR C 61 6.18 -35.79 -11.22
N GLY C 62 6.01 -34.70 -10.48
CA GLY C 62 6.92 -33.58 -10.59
C GLY C 62 6.77 -32.71 -11.82
N LYS C 63 5.74 -32.95 -12.63
CA LYS C 63 5.54 -32.14 -13.84
C LYS C 63 5.23 -30.68 -13.49
N THR C 64 4.62 -30.47 -12.33
CA THR C 64 4.31 -29.12 -11.87
C THR C 64 4.77 -28.98 -10.41
N SER C 65 5.13 -27.77 -10.02
CA SER C 65 5.63 -27.53 -8.66
C SER C 65 4.62 -27.03 -7.65
N PHE C 66 3.44 -26.67 -8.10
CA PHE C 66 2.44 -26.16 -7.18
C PHE C 66 1.01 -26.27 -7.70
N ILE C 67 0.08 -26.59 -6.81
CA ILE C 67 -1.33 -26.66 -7.18
C ILE C 67 -2.18 -26.17 -6.03
N ALA C 68 -3.37 -25.66 -6.37
CA ALA C 68 -4.31 -25.16 -5.40
C ALA C 68 -5.61 -25.95 -5.63
N PRO C 69 -5.78 -27.08 -4.93
CA PRO C 69 -6.98 -27.93 -5.07
C PRO C 69 -8.28 -27.16 -5.08
N ALA C 70 -9.06 -27.34 -6.14
CA ALA C 70 -10.33 -26.65 -6.29
C ALA C 70 -11.52 -27.58 -6.04
N ALA C 71 -11.23 -28.83 -5.70
CA ALA C 71 -12.29 -29.79 -5.42
C ALA C 71 -13.24 -29.22 -4.37
N GLY C 72 -14.52 -29.18 -4.68
CA GLY C 72 -15.50 -28.64 -3.76
C GLY C 72 -16.02 -27.31 -4.27
N HIS C 73 -15.26 -26.69 -5.16
CA HIS C 73 -15.63 -25.40 -5.73
C HIS C 73 -16.37 -25.52 -7.08
N GLU C 74 -16.42 -26.74 -7.62
CA GLU C 74 -17.03 -26.99 -8.94
C GLU C 74 -18.40 -26.37 -9.27
N ALA C 75 -19.37 -26.49 -8.38
CA ALA C 75 -20.69 -25.93 -8.66
C ALA C 75 -20.59 -24.42 -8.85
N ALA C 76 -19.83 -23.78 -7.96
CA ALA C 76 -19.66 -22.33 -8.03
C ALA C 76 -18.91 -21.90 -9.29
N GLN C 77 -17.78 -22.52 -9.56
CA GLN C 77 -16.98 -22.17 -10.72
C GLN C 77 -17.64 -22.44 -12.07
N VAL C 78 -18.30 -23.57 -12.21
CA VAL C 78 -18.96 -23.90 -13.46
C VAL C 78 -20.18 -22.99 -13.64
N ALA C 79 -20.88 -22.73 -12.54
CA ALA C 79 -22.06 -21.86 -12.62
C ALA C 79 -21.67 -20.47 -13.11
N ILE C 80 -20.57 -19.94 -12.58
CA ILE C 80 -20.11 -18.61 -12.97
C ILE C 80 -19.76 -18.58 -14.45
N ALA C 81 -19.06 -19.62 -14.91
CA ALA C 81 -18.65 -19.71 -16.30
C ALA C 81 -19.86 -19.68 -17.25
N HIS C 82 -20.99 -20.19 -16.78
CA HIS C 82 -22.19 -20.24 -17.61
C HIS C 82 -23.17 -19.09 -17.42
N ALA C 83 -22.92 -18.24 -16.45
CA ALA C 83 -23.80 -17.10 -16.20
C ALA C 83 -23.37 -15.90 -17.05
N ILE C 84 -22.17 -15.97 -17.62
CA ILE C 84 -21.67 -14.87 -18.45
C ILE C 84 -21.50 -15.34 -19.89
N ARG C 85 -21.12 -14.42 -20.76
CA ARG C 85 -20.93 -14.74 -22.17
C ARG C 85 -19.43 -14.80 -22.43
N PRO C 86 -18.88 -16.02 -22.47
CA PRO C 86 -17.44 -16.21 -22.70
C PRO C 86 -16.91 -15.55 -23.98
N GLY C 87 -15.83 -14.80 -23.84
CA GLY C 87 -15.25 -14.13 -24.98
C GLY C 87 -15.80 -12.73 -25.14
N PHE C 88 -16.89 -12.44 -24.43
CA PHE C 88 -17.51 -11.12 -24.49
C PHE C 88 -17.34 -10.42 -23.15
N ASP C 89 -17.86 -11.03 -22.08
CA ASP C 89 -17.72 -10.47 -20.76
C ASP C 89 -16.30 -10.75 -20.27
N TRP C 90 -15.87 -10.03 -19.23
CA TRP C 90 -14.54 -10.22 -18.68
C TRP C 90 -14.59 -10.95 -17.35
N VAL C 91 -13.52 -11.69 -17.05
CA VAL C 91 -13.41 -12.44 -15.82
C VAL C 91 -12.09 -12.09 -15.11
N PHE C 92 -12.18 -11.73 -13.84
CA PHE C 92 -10.99 -11.41 -13.05
C PHE C 92 -10.94 -12.46 -11.95
N PRO C 93 -10.24 -13.57 -12.20
CA PRO C 93 -10.11 -14.69 -11.25
C PRO C 93 -8.90 -14.67 -10.35
N TYR C 94 -8.81 -15.71 -9.52
CA TYR C 94 -7.67 -15.88 -8.64
C TYR C 94 -7.16 -17.31 -8.84
N TYR C 95 -6.01 -17.63 -8.24
CA TYR C 95 -5.35 -18.95 -8.39
C TYR C 95 -6.15 -20.24 -8.32
N ARG C 96 -7.23 -20.27 -7.53
CA ARG C 96 -7.99 -21.52 -7.40
C ARG C 96 -9.10 -21.70 -8.44
N ASP C 97 -9.21 -20.79 -9.40
CA ASP C 97 -10.27 -20.89 -10.40
C ASP C 97 -9.99 -21.68 -11.69
N HIS C 98 -9.14 -22.69 -11.65
CA HIS C 98 -8.89 -23.41 -12.90
C HIS C 98 -10.14 -24.13 -13.41
N GLY C 99 -11.07 -24.45 -12.50
CA GLY C 99 -12.30 -25.11 -12.90
C GLY C 99 -13.15 -24.15 -13.72
N LEU C 100 -13.18 -22.90 -13.26
CA LEU C 100 -13.90 -21.84 -13.94
C LEU C 100 -13.25 -21.59 -15.30
N ALA C 101 -11.91 -21.58 -15.31
CA ALA C 101 -11.16 -21.37 -16.54
C ALA C 101 -11.50 -22.46 -17.57
N LEU C 102 -11.57 -23.70 -17.09
CA LEU C 102 -11.88 -24.82 -17.98
C LEU C 102 -13.28 -24.72 -18.59
N ALA C 103 -14.28 -24.48 -17.73
CA ALA C 103 -15.66 -24.38 -18.20
C ALA C 103 -15.89 -23.16 -19.08
N LEU C 104 -15.03 -22.16 -18.92
CA LEU C 104 -15.13 -20.93 -19.69
C LEU C 104 -14.66 -21.15 -21.13
N GLY C 105 -13.89 -22.22 -21.34
CA GLY C 105 -13.42 -22.52 -22.68
C GLY C 105 -11.94 -22.36 -22.92
N ILE C 106 -11.16 -22.08 -21.89
CA ILE C 106 -9.73 -21.94 -22.10
C ILE C 106 -9.17 -23.31 -22.43
N PRO C 107 -8.44 -23.43 -23.54
CA PRO C 107 -7.84 -24.69 -23.98
C PRO C 107 -7.00 -25.36 -22.89
N LEU C 108 -7.15 -26.67 -22.74
CA LEU C 108 -6.38 -27.42 -21.77
C LEU C 108 -4.90 -27.20 -22.04
N LYS C 109 -4.56 -27.11 -23.31
CA LYS C 109 -3.18 -26.90 -23.75
C LYS C 109 -2.58 -25.69 -23.02
N GLU C 110 -3.33 -24.58 -22.98
CA GLU C 110 -2.87 -23.36 -22.33
C GLU C 110 -2.84 -23.46 -20.81
N LEU C 111 -3.82 -24.14 -20.22
CA LEU C 111 -3.84 -24.29 -18.77
C LEU C 111 -2.68 -25.17 -18.31
N LEU C 112 -2.57 -26.35 -18.90
CA LEU C 112 -1.51 -27.26 -18.53
C LEU C 112 -0.16 -26.67 -18.90
N GLY C 113 -0.14 -25.88 -19.97
CA GLY C 113 1.09 -25.26 -20.40
C GLY C 113 1.59 -24.28 -19.35
N GLN C 114 0.67 -23.59 -18.68
CA GLN C 114 1.04 -22.63 -17.65
C GLN C 114 1.45 -23.40 -16.40
N MET C 115 0.78 -24.53 -16.13
CA MET C 115 1.14 -25.34 -14.97
C MET C 115 2.55 -25.90 -15.10
N LEU C 116 2.92 -26.24 -16.34
CA LEU C 116 4.24 -26.80 -16.62
C LEU C 116 5.27 -25.80 -17.12
N ALA C 117 4.83 -24.57 -17.38
CA ALA C 117 5.72 -23.51 -17.85
C ALA C 117 6.40 -23.86 -19.19
N THR C 118 5.61 -24.30 -20.15
CA THR C 118 6.12 -24.64 -21.47
C THR C 118 5.67 -23.55 -22.45
N LYS C 119 6.13 -23.63 -23.69
CA LYS C 119 5.75 -22.65 -24.70
C LYS C 119 4.25 -22.62 -24.96
N ALA C 120 3.54 -23.64 -24.49
CA ALA C 120 2.10 -23.71 -24.67
C ALA C 120 1.37 -22.66 -23.82
N ASP C 121 2.08 -22.12 -22.84
CA ASP C 121 1.51 -21.12 -21.96
C ASP C 121 1.55 -19.75 -22.62
N PRO C 122 0.38 -19.16 -22.91
CA PRO C 122 0.37 -17.83 -23.54
C PRO C 122 1.00 -16.80 -22.60
N ASN C 123 1.09 -17.16 -21.32
CA ASN C 123 1.68 -16.28 -20.33
C ASN C 123 3.19 -16.51 -20.29
N LYS C 124 3.67 -17.29 -21.26
CA LYS C 124 5.09 -17.57 -21.44
C LYS C 124 5.88 -18.10 -20.26
N GLY C 125 5.22 -18.83 -19.37
CA GLY C 125 5.91 -19.40 -18.21
C GLY C 125 6.51 -18.36 -17.26
N ARG C 126 6.00 -17.14 -17.33
CA ARG C 126 6.50 -16.07 -16.48
C ARG C 126 6.16 -16.23 -15.00
N GLN C 127 5.10 -16.97 -14.69
CA GLN C 127 4.71 -17.15 -13.29
C GLN C 127 4.60 -18.60 -12.87
N MET C 128 4.49 -18.81 -11.56
CA MET C 128 4.37 -20.16 -11.03
C MET C 128 2.98 -20.70 -11.35
N PRO C 129 2.79 -22.03 -11.25
CA PRO C 129 1.51 -22.68 -11.54
C PRO C 129 0.30 -22.02 -10.89
N GLU C 130 -0.86 -22.26 -11.48
CA GLU C 130 -2.14 -21.72 -11.02
C GLU C 130 -2.24 -20.22 -11.29
N HIS C 131 -1.57 -19.78 -12.35
CA HIS C 131 -1.62 -18.38 -12.75
C HIS C 131 -2.03 -18.27 -14.22
N PRO C 132 -3.15 -18.89 -14.59
CA PRO C 132 -3.62 -18.85 -15.98
C PRO C 132 -4.05 -17.44 -16.41
N GLY C 133 -4.14 -17.24 -17.72
CA GLY C 133 -4.53 -15.96 -18.26
C GLY C 133 -4.79 -16.09 -19.75
N SER C 134 -5.89 -15.51 -20.23
CA SER C 134 -6.23 -15.60 -21.64
C SER C 134 -6.81 -14.33 -22.25
N LYS C 135 -6.11 -13.78 -23.22
CA LYS C 135 -6.55 -12.58 -23.91
C LYS C 135 -7.85 -12.86 -24.66
N ALA C 136 -7.83 -13.92 -25.46
CA ALA C 136 -8.97 -14.32 -26.27
C ALA C 136 -10.25 -14.50 -25.47
N LEU C 137 -10.14 -14.95 -24.22
CA LEU C 137 -11.32 -15.16 -23.40
C LEU C 137 -11.51 -14.16 -22.27
N ASN C 138 -10.83 -13.02 -22.38
CA ASN C 138 -10.92 -11.96 -21.36
C ASN C 138 -10.76 -12.50 -19.94
N PHE C 139 -9.82 -13.41 -19.75
CA PHE C 139 -9.54 -14.02 -18.46
C PHE C 139 -8.28 -13.31 -17.96
N PHE C 140 -8.46 -12.18 -17.27
CA PHE C 140 -7.36 -11.35 -16.77
C PHE C 140 -6.34 -12.18 -16.00
N THR C 141 -5.13 -12.30 -16.53
CA THR C 141 -4.08 -13.10 -15.93
C THR C 141 -3.96 -12.96 -14.41
N VAL C 142 -4.07 -14.09 -13.74
CA VAL C 142 -3.98 -14.16 -12.29
C VAL C 142 -2.74 -13.48 -11.73
N ALA C 143 -2.91 -12.82 -10.59
CA ALA C 143 -1.81 -12.16 -9.91
C ALA C 143 -1.81 -12.80 -8.52
N SER C 144 -0.64 -12.90 -7.89
CA SER C 144 -0.53 -13.55 -6.59
C SER C 144 -1.09 -12.79 -5.38
N PRO C 145 -0.82 -11.49 -5.27
CA PRO C 145 -1.36 -10.78 -4.10
C PRO C 145 -2.88 -10.83 -3.97
N ILE C 146 -3.34 -11.43 -2.87
CA ILE C 146 -4.75 -11.58 -2.56
C ILE C 146 -5.54 -10.29 -2.74
N ALA C 147 -6.65 -10.39 -3.48
CA ALA C 147 -7.55 -9.27 -3.74
C ALA C 147 -7.01 -8.16 -4.63
N SER C 148 -5.76 -8.26 -5.07
CA SER C 148 -5.17 -7.20 -5.89
C SER C 148 -5.86 -7.01 -7.24
N HIS C 149 -6.66 -7.99 -7.63
CA HIS C 149 -7.36 -7.90 -8.92
C HIS C 149 -8.77 -7.29 -8.80
N VAL C 150 -9.18 -6.94 -7.58
CA VAL C 150 -10.50 -6.34 -7.39
C VAL C 150 -10.56 -4.93 -7.95
N PRO C 151 -9.59 -4.06 -7.61
CA PRO C 151 -9.66 -2.70 -8.16
C PRO C 151 -9.64 -2.70 -9.71
N PRO C 152 -8.76 -3.52 -10.31
CA PRO C 152 -8.69 -3.59 -11.78
C PRO C 152 -10.03 -4.03 -12.39
N ALA C 153 -10.68 -4.99 -11.74
CA ALA C 153 -11.98 -5.47 -12.20
C ALA C 153 -12.95 -4.28 -12.21
N ALA C 154 -12.91 -3.49 -11.14
CA ALA C 154 -13.77 -2.32 -11.03
C ALA C 154 -13.48 -1.38 -12.20
N GLY C 155 -12.20 -1.21 -12.51
CA GLY C 155 -11.81 -0.33 -13.60
C GLY C 155 -12.31 -0.78 -14.96
N ALA C 156 -12.14 -2.06 -15.26
CA ALA C 156 -12.59 -2.58 -16.54
C ALA C 156 -14.08 -2.35 -16.66
N ALA C 157 -14.80 -2.58 -15.56
CA ALA C 157 -16.24 -2.40 -15.54
C ALA C 157 -16.58 -0.94 -15.84
N ILE C 158 -15.87 -0.01 -15.22
CA ILE C 158 -16.13 1.41 -15.45
C ILE C 158 -15.86 1.71 -16.93
N SER C 159 -14.87 1.04 -17.49
CA SER C 159 -14.54 1.23 -18.90
C SER C 159 -15.67 0.73 -19.77
N MET C 160 -16.21 -0.44 -19.43
CA MET C 160 -17.32 -0.99 -20.19
C MET C 160 -18.49 -0.02 -20.18
N LYS C 161 -18.69 0.63 -19.04
CA LYS C 161 -19.81 1.57 -18.91
C LYS C 161 -19.63 2.82 -19.75
N LEU C 162 -18.44 3.41 -19.69
CA LEU C 162 -18.17 4.62 -20.44
C LEU C 162 -18.18 4.37 -21.95
N LEU C 163 -17.65 3.22 -22.37
CA LEU C 163 -17.60 2.87 -23.78
C LEU C 163 -18.90 2.20 -24.22
N ARG C 164 -19.81 2.00 -23.28
CA ARG C 164 -21.10 1.39 -23.55
C ARG C 164 -20.98 0.13 -24.41
N THR C 165 -20.11 -0.78 -23.99
CA THR C 165 -19.89 -2.02 -24.72
C THR C 165 -20.96 -3.06 -24.40
N GLY C 166 -21.69 -2.85 -23.32
CA GLY C 166 -22.72 -3.80 -22.95
C GLY C 166 -22.13 -5.04 -22.31
N GLN C 167 -20.85 -4.99 -21.97
CA GLN C 167 -20.17 -6.12 -21.35
C GLN C 167 -20.33 -6.08 -19.84
N VAL C 168 -19.96 -7.19 -19.21
CA VAL C 168 -20.02 -7.29 -17.77
C VAL C 168 -18.68 -7.85 -17.33
N ALA C 169 -18.27 -7.49 -16.12
CA ALA C 169 -17.02 -7.99 -15.58
C ALA C 169 -17.30 -8.75 -14.29
N VAL C 170 -16.90 -10.01 -14.22
CA VAL C 170 -17.10 -10.79 -13.00
C VAL C 170 -15.75 -10.91 -12.32
N CYS C 171 -15.77 -10.83 -11.00
CA CYS C 171 -14.55 -10.89 -10.20
C CYS C 171 -14.73 -11.91 -9.07
N THR C 172 -13.91 -12.96 -9.10
CA THR C 172 -14.00 -14.01 -8.09
C THR C 172 -12.84 -13.93 -7.11
N PHE C 173 -13.10 -14.34 -5.86
CA PHE C 173 -12.09 -14.29 -4.81
C PHE C 173 -12.57 -15.14 -3.62
N GLY C 174 -11.64 -15.55 -2.77
CA GLY C 174 -11.99 -16.35 -1.60
C GLY C 174 -12.46 -15.51 -0.44
N ASP C 175 -12.78 -16.16 0.68
CA ASP C 175 -13.25 -15.45 1.85
C ASP C 175 -12.16 -14.58 2.47
N GLY C 176 -10.93 -15.10 2.50
CA GLY C 176 -9.82 -14.35 3.05
C GLY C 176 -9.61 -13.01 2.36
N ALA C 177 -9.79 -13.02 1.05
CA ALA C 177 -9.62 -11.82 0.25
C ALA C 177 -10.49 -10.64 0.69
N THR C 178 -11.64 -10.93 1.28
CA THR C 178 -12.54 -9.88 1.70
C THR C 178 -12.00 -9.05 2.85
N SER C 179 -10.88 -9.47 3.44
CA SER C 179 -10.29 -8.73 4.55
C SER C 179 -9.26 -7.69 4.10
N GLU C 180 -8.84 -7.77 2.85
CA GLU C 180 -7.85 -6.82 2.31
C GLU C 180 -8.48 -5.46 2.03
N GLY C 181 -7.70 -4.41 2.28
CA GLY C 181 -8.20 -3.07 2.03
C GLY C 181 -8.57 -2.84 0.58
N ASP C 182 -7.75 -3.34 -0.34
CA ASP C 182 -8.00 -3.16 -1.77
C ASP C 182 -9.31 -3.80 -2.22
N TRP C 183 -9.76 -4.82 -1.50
CA TRP C 183 -11.01 -5.49 -1.84
C TRP C 183 -12.12 -4.46 -1.64
N TYR C 184 -12.14 -3.85 -0.46
CA TYR C 184 -13.12 -2.84 -0.11
C TYR C 184 -13.03 -1.60 -1.01
N ALA C 185 -11.82 -1.08 -1.17
CA ALA C 185 -11.62 0.12 -1.99
C ALA C 185 -12.11 -0.05 -3.42
N GLY C 186 -11.74 -1.17 -4.04
CA GLY C 186 -12.14 -1.43 -5.41
C GLY C 186 -13.64 -1.49 -5.59
N ILE C 187 -14.31 -2.27 -4.76
CA ILE C 187 -15.75 -2.41 -4.86
C ILE C 187 -16.48 -1.10 -4.58
N ASN C 188 -16.00 -0.36 -3.58
CA ASN C 188 -16.62 0.93 -3.24
C ASN C 188 -16.68 1.83 -4.46
N PHE C 189 -15.58 1.91 -5.19
CA PHE C 189 -15.52 2.75 -6.37
C PHE C 189 -16.48 2.25 -7.45
N ALA C 190 -16.48 0.94 -7.69
CA ALA C 190 -17.35 0.35 -8.69
C ALA C 190 -18.80 0.66 -8.34
N ALA C 191 -19.13 0.55 -7.06
CA ALA C 191 -20.49 0.81 -6.59
C ALA C 191 -20.87 2.26 -6.80
N VAL C 192 -19.96 3.18 -6.50
CA VAL C 192 -20.25 4.60 -6.66
C VAL C 192 -20.50 4.92 -8.12
N GLN C 193 -19.76 4.28 -9.02
CA GLN C 193 -19.91 4.52 -10.45
C GLN C 193 -21.01 3.70 -11.11
N GLY C 194 -21.68 2.85 -10.34
CA GLY C 194 -22.73 2.03 -10.91
C GLY C 194 -22.20 1.16 -12.03
N ALA C 195 -20.94 0.72 -11.87
CA ALA C 195 -20.28 -0.09 -12.88
C ALA C 195 -20.82 -1.51 -13.02
N PRO C 196 -20.87 -2.03 -14.25
CA PRO C 196 -21.37 -3.39 -14.51
C PRO C 196 -20.34 -4.44 -14.07
N ALA C 197 -20.24 -4.64 -12.76
CA ALA C 197 -19.31 -5.61 -12.20
C ALA C 197 -20.03 -6.46 -11.17
N VAL C 198 -19.70 -7.75 -11.14
CA VAL C 198 -20.29 -8.67 -10.19
C VAL C 198 -19.15 -9.28 -9.38
N PHE C 199 -19.16 -9.02 -8.08
CA PHE C 199 -18.14 -9.54 -7.20
C PHE C 199 -18.67 -10.80 -6.55
N ILE C 200 -17.94 -11.89 -6.73
CA ILE C 200 -18.35 -13.18 -6.22
C ILE C 200 -17.35 -13.84 -5.28
N ALA C 201 -17.80 -14.14 -4.08
CA ALA C 201 -16.96 -14.79 -3.10
C ALA C 201 -17.15 -16.30 -3.11
N GLU C 202 -16.05 -17.03 -3.23
CA GLU C 202 -16.07 -18.48 -3.17
C GLU C 202 -15.61 -18.70 -1.74
N ASN C 203 -16.57 -18.64 -0.82
CA ASN C 203 -16.30 -18.78 0.60
C ASN C 203 -16.17 -20.24 1.04
N ASN C 204 -14.96 -20.66 1.33
CA ASN C 204 -14.76 -22.03 1.80
C ASN C 204 -14.40 -22.02 3.28
N PHE C 205 -14.70 -20.91 3.94
CA PHE C 205 -14.49 -20.74 5.38
C PHE C 205 -13.05 -20.83 5.87
N TYR C 206 -12.10 -20.81 4.95
CA TYR C 206 -10.69 -20.87 5.30
C TYR C 206 -9.83 -20.04 4.38
N ALA C 207 -8.78 -19.48 4.95
CA ALA C 207 -7.79 -18.68 4.23
C ALA C 207 -6.54 -19.43 4.70
N ILE C 208 -6.24 -20.52 4.00
CA ILE C 208 -5.15 -21.42 4.35
C ILE C 208 -5.56 -22.08 5.66
N SER C 209 -5.03 -21.62 6.79
CA SER C 209 -5.38 -22.22 8.09
C SER C 209 -6.28 -21.32 8.94
N VAL C 210 -6.34 -20.04 8.61
CA VAL C 210 -7.18 -19.12 9.38
C VAL C 210 -8.65 -19.34 9.01
N ASP C 211 -9.49 -19.66 10.00
CA ASP C 211 -10.92 -19.89 9.75
C ASP C 211 -11.73 -18.60 9.69
N TYR C 212 -12.94 -18.73 9.15
CA TYR C 212 -13.82 -17.58 8.98
C TYR C 212 -14.02 -16.79 10.27
N ARG C 213 -14.10 -17.47 11.40
CA ARG C 213 -14.31 -16.82 12.70
C ARG C 213 -13.21 -15.81 13.02
N HIS C 214 -11.99 -16.10 12.57
CA HIS C 214 -10.85 -15.22 12.83
C HIS C 214 -10.56 -14.32 11.64
N GLN C 215 -11.36 -14.47 10.58
CA GLN C 215 -11.17 -13.68 9.37
C GLN C 215 -11.94 -12.36 9.41
N THR C 216 -13.18 -12.43 9.85
CA THR C 216 -14.03 -11.25 9.92
C THR C 216 -15.14 -11.51 10.93
N HIS C 217 -15.66 -10.44 11.52
CA HIS C 217 -16.72 -10.54 12.51
C HIS C 217 -18.12 -10.47 11.91
N SER C 218 -18.26 -10.09 10.65
CA SER C 218 -19.58 -10.06 10.04
C SER C 218 -20.02 -11.52 9.88
N PRO C 219 -21.27 -11.82 10.25
CA PRO C 219 -21.76 -13.20 10.13
C PRO C 219 -21.62 -13.80 8.73
N THR C 220 -21.76 -12.98 7.70
CA THR C 220 -21.62 -13.44 6.32
C THR C 220 -20.81 -12.45 5.50
N ILE C 221 -20.42 -12.86 4.31
CA ILE C 221 -19.68 -11.98 3.43
C ILE C 221 -20.71 -11.10 2.71
N ALA C 222 -21.87 -11.69 2.41
CA ALA C 222 -22.95 -10.98 1.74
C ALA C 222 -23.30 -9.71 2.49
N ASP C 223 -23.29 -9.77 3.82
CA ASP C 223 -23.61 -8.60 4.64
C ASP C 223 -22.73 -7.40 4.29
N LYS C 224 -21.47 -7.67 3.96
CA LYS C 224 -20.53 -6.61 3.61
C LYS C 224 -21.07 -5.71 2.50
N ALA C 225 -22.02 -6.23 1.73
CA ALA C 225 -22.61 -5.45 0.64
C ALA C 225 -23.22 -4.14 1.14
N HIS C 226 -23.70 -4.14 2.39
CA HIS C 226 -24.30 -2.94 2.96
C HIS C 226 -23.31 -1.77 3.00
N ALA C 227 -22.02 -2.08 3.08
CA ALA C 227 -21.00 -1.05 3.12
C ALA C 227 -20.89 -0.26 1.81
N PHE C 228 -21.47 -0.82 0.75
CA PHE C 228 -21.42 -0.19 -0.57
C PHE C 228 -22.80 0.24 -1.06
N GLY C 229 -23.83 -0.15 -0.34
CA GLY C 229 -25.17 0.19 -0.77
C GLY C 229 -25.58 -0.64 -1.98
N ILE C 230 -24.96 -1.81 -2.17
CA ILE C 230 -25.32 -2.68 -3.28
C ILE C 230 -25.96 -3.94 -2.72
N PRO C 231 -26.69 -4.68 -3.56
CA PRO C 231 -27.32 -5.90 -3.06
C PRO C 231 -26.32 -7.02 -2.77
N GLY C 232 -26.59 -7.78 -1.71
CA GLY C 232 -25.74 -8.90 -1.34
C GLY C 232 -26.56 -10.17 -1.31
N TYR C 233 -25.99 -11.27 -1.82
CA TYR C 233 -26.70 -12.54 -1.87
C TYR C 233 -25.95 -13.67 -1.16
N LEU C 234 -26.70 -14.45 -0.38
CA LEU C 234 -26.13 -15.59 0.34
C LEU C 234 -26.62 -16.81 -0.41
N VAL C 235 -25.70 -17.59 -0.96
CA VAL C 235 -26.05 -18.75 -1.75
C VAL C 235 -25.35 -20.05 -1.37
N ASP C 236 -26.02 -21.17 -1.61
CA ASP C 236 -25.43 -22.47 -1.35
C ASP C 236 -24.51 -22.71 -2.55
N GLY C 237 -23.20 -22.58 -2.35
CA GLY C 237 -22.26 -22.78 -3.43
C GLY C 237 -22.07 -24.22 -3.86
N MET C 238 -22.75 -25.14 -3.19
CA MET C 238 -22.64 -26.56 -3.54
C MET C 238 -23.83 -26.92 -4.42
N ASP C 239 -24.66 -25.93 -4.68
CA ASP C 239 -25.85 -26.07 -5.51
C ASP C 239 -25.57 -25.34 -6.84
N VAL C 240 -25.26 -26.10 -7.88
CA VAL C 240 -24.94 -25.50 -9.17
C VAL C 240 -26.08 -24.67 -9.78
N LEU C 241 -27.32 -25.03 -9.48
CA LEU C 241 -28.44 -24.27 -10.03
C LEU C 241 -28.66 -22.96 -9.28
N ALA C 242 -28.63 -23.02 -7.95
CA ALA C 242 -28.81 -21.82 -7.15
C ALA C 242 -27.71 -20.81 -7.48
N SER C 243 -26.50 -21.32 -7.68
CA SER C 243 -25.35 -20.48 -7.99
C SER C 243 -25.47 -19.82 -9.37
N TYR C 244 -25.88 -20.62 -10.35
CA TYR C 244 -26.05 -20.14 -11.71
C TYR C 244 -27.13 -19.05 -11.78
N TYR C 245 -28.28 -19.33 -11.18
CA TYR C 245 -29.38 -18.36 -11.22
C TYR C 245 -29.14 -17.05 -10.49
N VAL C 246 -28.52 -17.10 -9.31
CA VAL C 246 -28.27 -15.87 -8.58
C VAL C 246 -27.18 -15.05 -9.29
N VAL C 247 -26.10 -15.72 -9.69
CA VAL C 247 -25.04 -14.99 -10.39
C VAL C 247 -25.60 -14.43 -11.71
N LYS C 248 -26.41 -15.24 -12.39
CA LYS C 248 -27.03 -14.84 -13.65
C LYS C 248 -27.83 -13.56 -13.46
N GLU C 249 -28.64 -13.54 -12.40
CA GLU C 249 -29.45 -12.37 -12.11
C GLU C 249 -28.58 -11.16 -11.84
N ALA C 250 -27.53 -11.34 -11.06
CA ALA C 250 -26.61 -10.25 -10.74
C ALA C 250 -25.98 -9.72 -12.01
N VAL C 251 -25.57 -10.64 -12.88
CA VAL C 251 -24.96 -10.27 -14.15
C VAL C 251 -25.92 -9.48 -15.04
N GLU C 252 -27.19 -9.91 -15.08
CA GLU C 252 -28.18 -9.22 -15.90
C GLU C 252 -28.44 -7.82 -15.34
N ARG C 253 -28.46 -7.72 -14.01
CA ARG C 253 -28.67 -6.45 -13.35
C ARG C 253 -27.56 -5.49 -13.75
N ALA C 254 -26.32 -5.97 -13.68
CA ALA C 254 -25.17 -5.15 -14.05
C ALA C 254 -25.22 -4.77 -15.53
N ARG C 255 -25.54 -5.73 -16.38
CA ARG C 255 -25.57 -5.49 -17.81
C ARG C 255 -26.57 -4.41 -18.20
N ARG C 256 -27.69 -4.32 -17.49
CA ARG C 256 -28.68 -3.32 -17.83
C ARG C 256 -28.40 -1.97 -17.17
N GLY C 257 -27.21 -1.82 -16.60
CA GLY C 257 -26.81 -0.57 -15.97
C GLY C 257 -27.25 -0.33 -14.54
N GLU C 258 -27.70 -1.37 -13.85
CA GLU C 258 -28.15 -1.20 -12.47
C GLU C 258 -27.06 -1.30 -11.40
N GLY C 259 -25.82 -1.43 -11.82
CA GLY C 259 -24.74 -1.48 -10.85
C GLY C 259 -24.28 -2.86 -10.41
N PRO C 260 -23.24 -2.91 -9.56
CA PRO C 260 -22.69 -4.17 -9.06
C PRO C 260 -23.47 -4.84 -7.94
N SER C 261 -23.11 -6.10 -7.67
CA SER C 261 -23.72 -6.90 -6.61
C SER C 261 -22.60 -7.73 -5.99
N LEU C 262 -22.84 -8.22 -4.78
CA LEU C 262 -21.87 -9.06 -4.10
C LEU C 262 -22.56 -10.39 -3.87
N VAL C 263 -22.06 -11.44 -4.52
CA VAL C 263 -22.65 -12.75 -4.39
C VAL C 263 -21.72 -13.69 -3.61
N GLU C 264 -22.22 -14.23 -2.50
CA GLU C 264 -21.44 -15.14 -1.68
C GLU C 264 -21.86 -16.58 -1.96
N LEU C 265 -20.93 -17.35 -2.52
CA LEU C 265 -21.18 -18.74 -2.83
C LEU C 265 -20.50 -19.58 -1.76
N ARG C 266 -21.28 -20.17 -0.86
CA ARG C 266 -20.71 -20.98 0.21
C ARG C 266 -20.30 -22.35 -0.30
N VAL C 267 -19.00 -22.63 -0.23
CA VAL C 267 -18.47 -23.91 -0.70
C VAL C 267 -17.54 -24.49 0.35
N TYR C 268 -16.83 -25.56 -0.02
CA TYR C 268 -15.88 -26.17 0.91
C TYR C 268 -14.66 -26.67 0.14
N ARG C 269 -13.48 -26.44 0.70
CA ARG C 269 -12.22 -26.83 0.09
C ARG C 269 -11.88 -28.26 0.55
N TYR C 270 -12.13 -29.26 -0.29
CA TYR C 270 -11.86 -30.64 0.09
C TYR C 270 -10.37 -30.99 0.21
N GLY C 271 -9.55 -30.36 -0.61
CA GLY C 271 -8.13 -30.64 -0.54
C GLY C 271 -7.43 -29.68 0.40
N PRO C 272 -6.12 -29.79 0.55
CA PRO C 272 -5.39 -28.87 1.44
C PRO C 272 -5.36 -27.52 0.74
N HIS C 273 -4.97 -26.46 1.45
CA HIS C 273 -4.93 -25.15 0.84
C HIS C 273 -4.17 -25.22 -0.50
N SER C 274 -3.03 -25.90 -0.48
CA SER C 274 -2.21 -26.07 -1.68
C SER C 274 -1.31 -27.28 -1.48
N SER C 275 -0.53 -27.60 -2.50
CA SER C 275 0.39 -28.73 -2.43
C SER C 275 1.49 -28.50 -1.39
N ALA C 276 1.61 -27.26 -0.92
CA ALA C 276 2.61 -26.93 0.09
C ALA C 276 1.90 -26.65 1.41
N ASP C 277 0.99 -27.54 1.78
CA ASP C 277 0.20 -27.39 3.01
C ASP C 277 -0.21 -28.74 3.60
N ASP C 278 -0.76 -28.70 4.81
CA ASP C 278 -1.24 -29.91 5.51
C ASP C 278 -2.63 -29.64 6.08
N ASP C 279 -3.66 -29.87 5.25
CA ASP C 279 -5.06 -29.65 5.63
C ASP C 279 -5.46 -30.39 6.90
N SER C 280 -5.19 -31.69 6.93
CA SER C 280 -5.52 -32.51 8.09
C SER C 280 -4.57 -32.20 9.24
N ARG C 281 -4.31 -30.91 9.45
CA ARG C 281 -3.42 -30.45 10.51
C ARG C 281 -4.05 -29.29 11.27
N TYR C 282 -5.23 -28.86 10.85
CA TYR C 282 -5.93 -27.75 11.51
C TYR C 282 -7.44 -27.77 11.29
N ARG C 283 -7.95 -28.87 10.75
CA ARG C 283 -9.38 -29.00 10.51
C ARG C 283 -9.98 -30.27 11.13
N PRO C 284 -11.12 -30.12 11.82
CA PRO C 284 -11.80 -31.25 12.47
C PRO C 284 -12.42 -32.22 11.47
N LYS C 285 -12.04 -33.50 11.56
CA LYS C 285 -12.54 -34.53 10.66
C LYS C 285 -14.08 -34.53 10.60
N GLU C 286 -14.72 -34.11 11.68
CA GLU C 286 -16.18 -34.05 11.72
C GLU C 286 -16.66 -33.06 10.69
N GLU C 287 -15.97 -31.93 10.61
CA GLU C 287 -16.29 -30.86 9.68
C GLU C 287 -16.07 -31.31 8.23
N VAL C 288 -14.91 -31.90 7.96
CA VAL C 288 -14.60 -32.35 6.61
C VAL C 288 -15.57 -33.43 6.15
N ALA C 289 -15.81 -34.41 7.02
CA ALA C 289 -16.73 -35.50 6.70
C ALA C 289 -18.10 -34.92 6.42
N PHE C 290 -18.57 -34.08 7.33
CA PHE C 290 -19.87 -33.44 7.19
C PHE C 290 -20.01 -32.81 5.80
N TRP C 291 -19.02 -32.00 5.41
CA TRP C 291 -19.08 -31.35 4.10
C TRP C 291 -18.81 -32.24 2.90
N ARG C 292 -18.10 -33.35 3.11
CA ARG C 292 -17.83 -34.25 1.99
C ARG C 292 -19.13 -34.88 1.49
N LYS C 293 -20.16 -34.88 2.35
CA LYS C 293 -21.46 -35.45 1.98
C LYS C 293 -22.31 -34.41 1.25
N LYS C 294 -21.75 -33.21 1.10
CA LYS C 294 -22.44 -32.11 0.41
C LYS C 294 -21.82 -31.87 -0.96
N ASP C 295 -20.96 -32.79 -1.39
CA ASP C 295 -20.29 -32.69 -2.69
C ASP C 295 -21.28 -32.27 -3.77
N PRO C 296 -21.01 -31.16 -4.48
CA PRO C 296 -21.90 -30.68 -5.54
C PRO C 296 -22.15 -31.68 -6.68
N ILE C 297 -21.14 -32.45 -7.04
CA ILE C 297 -21.32 -33.40 -8.13
C ILE C 297 -22.37 -34.47 -7.86
N PRO C 298 -22.21 -35.26 -6.78
CA PRO C 298 -23.22 -36.29 -6.50
C PRO C 298 -24.59 -35.65 -6.27
N ARG C 299 -24.59 -34.43 -5.77
CA ARG C 299 -25.83 -33.73 -5.50
C ARG C 299 -26.61 -33.36 -6.76
N PHE C 300 -25.90 -32.93 -7.81
CA PHE C 300 -26.56 -32.57 -9.06
C PHE C 300 -26.85 -33.85 -9.83
N ARG C 301 -26.02 -34.87 -9.62
CA ARG C 301 -26.20 -36.15 -10.27
C ARG C 301 -27.59 -36.67 -9.91
N ARG C 302 -27.95 -36.59 -8.63
CA ARG C 302 -29.26 -37.05 -8.18
C ARG C 302 -30.37 -36.24 -8.82
N PHE C 303 -30.14 -34.93 -9.01
CA PHE C 303 -31.13 -34.06 -9.63
C PHE C 303 -31.37 -34.48 -11.08
N LEU C 304 -30.30 -34.82 -11.79
CA LEU C 304 -30.44 -35.24 -13.18
C LEU C 304 -31.08 -36.61 -13.26
N GLU C 305 -30.63 -37.52 -12.40
CA GLU C 305 -31.16 -38.87 -12.39
C GLU C 305 -32.67 -38.88 -12.20
N ALA C 306 -33.17 -38.04 -11.30
CA ALA C 306 -34.60 -37.98 -11.03
C ALA C 306 -35.41 -37.49 -12.24
N ARG C 307 -34.73 -36.92 -13.23
CA ARG C 307 -35.41 -36.41 -14.42
C ARG C 307 -35.06 -37.19 -15.67
N GLY C 308 -34.42 -38.35 -15.50
CA GLY C 308 -34.04 -39.16 -16.63
C GLY C 308 -32.89 -38.56 -17.41
N LEU C 309 -32.22 -37.60 -16.81
CA LEU C 309 -31.10 -36.95 -17.49
C LEU C 309 -29.75 -37.53 -17.13
N TRP C 310 -29.75 -38.60 -16.35
CA TRP C 310 -28.50 -39.25 -15.96
C TRP C 310 -28.65 -40.75 -15.82
N ASN C 311 -27.55 -41.46 -16.08
CA ASN C 311 -27.50 -42.90 -15.90
C ASN C 311 -26.03 -43.28 -15.85
N GLU C 312 -25.75 -44.44 -15.24
CA GLU C 312 -24.40 -44.94 -15.06
C GLU C 312 -23.58 -45.01 -16.36
N GLU C 313 -24.20 -45.46 -17.45
CA GLU C 313 -23.49 -45.57 -18.72
C GLU C 313 -23.04 -44.22 -19.29
N TRP C 314 -23.85 -43.20 -19.10
CA TRP C 314 -23.49 -41.87 -19.60
C TRP C 314 -22.32 -41.38 -18.76
N GLU C 315 -22.39 -41.64 -17.45
CA GLU C 315 -21.36 -41.26 -16.50
C GLU C 315 -20.00 -41.80 -16.98
N GLU C 316 -19.99 -43.06 -17.39
CA GLU C 316 -18.77 -43.70 -17.86
C GLU C 316 -18.21 -43.06 -19.13
N ASP C 317 -19.09 -42.84 -20.10
CA ASP C 317 -18.66 -42.26 -21.37
C ASP C 317 -18.11 -40.86 -21.16
N VAL C 318 -18.81 -40.06 -20.37
CA VAL C 318 -18.39 -38.70 -20.08
C VAL C 318 -17.00 -38.70 -19.43
N ARG C 319 -16.83 -39.54 -18.42
CA ARG C 319 -15.56 -39.63 -17.72
C ARG C 319 -14.44 -40.06 -18.67
N GLU C 320 -14.73 -41.02 -19.54
CA GLU C 320 -13.72 -41.47 -20.48
C GLU C 320 -13.37 -40.42 -21.53
N GLU C 321 -14.35 -39.64 -21.96
CA GLU C 321 -14.09 -38.59 -22.93
C GLU C 321 -13.18 -37.57 -22.27
N ILE C 322 -13.54 -37.18 -21.05
CA ILE C 322 -12.77 -36.21 -20.29
C ILE C 322 -11.33 -36.69 -20.10
N ARG C 323 -11.16 -37.94 -19.69
CA ARG C 323 -9.83 -38.47 -19.48
C ARG C 323 -8.99 -38.41 -20.76
N ALA C 324 -9.61 -38.70 -21.89
CA ALA C 324 -8.90 -38.66 -23.17
C ALA C 324 -8.47 -37.25 -23.48
N GLU C 325 -9.35 -36.28 -23.23
CA GLU C 325 -9.04 -34.89 -23.51
C GLU C 325 -7.87 -34.43 -22.64
N LEU C 326 -7.89 -34.81 -21.37
CA LEU C 326 -6.81 -34.46 -20.46
C LEU C 326 -5.47 -34.93 -21.00
N GLU C 327 -5.42 -36.18 -21.47
CA GLU C 327 -4.18 -36.72 -22.02
C GLU C 327 -3.72 -35.98 -23.25
N ARG C 328 -4.66 -35.65 -24.13
CA ARG C 328 -4.36 -34.93 -25.36
C ARG C 328 -3.81 -33.56 -25.00
N GLY C 329 -4.50 -32.87 -24.09
CA GLY C 329 -4.07 -31.56 -23.66
C GLY C 329 -2.68 -31.58 -23.05
N LEU C 330 -2.45 -32.48 -22.11
CA LEU C 330 -1.15 -32.59 -21.47
C LEU C 330 -0.05 -32.85 -22.49
N LYS C 331 -0.33 -33.75 -23.43
CA LYS C 331 0.63 -34.11 -24.46
C LYS C 331 1.01 -32.89 -25.29
N GLU C 332 0.01 -32.09 -25.67
CA GLU C 332 0.26 -30.91 -26.48
C GLU C 332 1.06 -29.87 -25.71
N ALA C 333 0.76 -29.73 -24.42
CA ALA C 333 1.45 -28.77 -23.58
C ALA C 333 2.92 -29.16 -23.46
N GLU C 334 3.18 -30.44 -23.25
CA GLU C 334 4.53 -30.93 -23.11
C GLU C 334 5.35 -30.84 -24.38
N GLU C 335 4.71 -31.16 -25.50
CA GLU C 335 5.40 -31.12 -26.79
C GLU C 335 5.72 -29.72 -27.26
N ALA C 336 5.11 -28.72 -26.61
CA ALA C 336 5.36 -27.33 -26.97
C ALA C 336 6.80 -26.95 -26.67
N GLY C 337 7.41 -27.66 -25.72
CA GLY C 337 8.79 -27.38 -25.37
C GLY C 337 8.97 -26.34 -24.29
N PRO C 338 10.17 -26.23 -23.70
CA PRO C 338 10.51 -25.27 -22.65
C PRO C 338 10.58 -23.85 -23.20
N VAL C 339 10.21 -22.86 -22.38
CA VAL C 339 10.26 -21.49 -22.85
C VAL C 339 11.72 -21.06 -22.99
N PRO C 340 12.04 -20.34 -24.06
CA PRO C 340 13.41 -19.86 -24.30
C PRO C 340 13.92 -19.00 -23.14
N PRO C 341 15.22 -19.13 -22.81
CA PRO C 341 15.81 -18.34 -21.72
C PRO C 341 15.71 -16.83 -21.96
N GLU C 342 15.86 -16.41 -23.21
CA GLU C 342 15.81 -15.00 -23.56
C GLU C 342 14.49 -14.34 -23.20
N TRP C 343 13.42 -15.13 -23.17
CA TRP C 343 12.09 -14.60 -22.86
C TRP C 343 12.04 -13.92 -21.51
N MET C 344 13.05 -14.17 -20.69
CA MET C 344 13.14 -13.58 -19.37
C MET C 344 13.21 -12.05 -19.43
N PHE C 345 13.76 -11.52 -20.54
CA PHE C 345 13.89 -10.07 -20.69
C PHE C 345 12.80 -9.43 -21.55
N GLU C 346 11.92 -10.26 -22.10
CA GLU C 346 10.84 -9.79 -22.96
C GLU C 346 9.59 -9.38 -22.17
N ASP C 347 8.82 -8.47 -22.76
CA ASP C 347 7.57 -7.98 -22.18
C ASP C 347 7.62 -7.15 -20.89
N VAL C 348 8.79 -6.74 -20.43
CA VAL C 348 8.84 -5.92 -19.23
C VAL C 348 8.20 -4.59 -19.67
N PHE C 349 8.51 -4.22 -20.91
CA PHE C 349 7.98 -3.02 -21.56
C PHE C 349 7.67 -3.51 -22.98
N ALA C 350 7.03 -2.68 -23.78
CA ALA C 350 6.73 -3.04 -25.16
C ALA C 350 8.03 -3.42 -25.87
N GLU C 351 9.08 -2.65 -25.61
CA GLU C 351 10.39 -2.91 -26.20
C GLU C 351 11.45 -2.90 -25.10
N LYS C 352 12.52 -3.65 -25.28
CA LYS C 352 13.58 -3.72 -24.28
C LYS C 352 14.47 -2.48 -24.26
N PRO C 353 14.55 -1.79 -23.11
CA PRO C 353 15.37 -0.59 -22.97
C PRO C 353 16.85 -0.98 -22.93
N TRP C 354 17.74 0.01 -22.93
CA TRP C 354 19.17 -0.25 -22.93
C TRP C 354 19.67 -1.17 -21.82
N HIS C 355 19.24 -0.94 -20.58
CA HIS C 355 19.71 -1.76 -19.47
C HIS C 355 19.30 -3.23 -19.54
N LEU C 356 18.16 -3.54 -20.17
CA LEU C 356 17.77 -4.93 -20.29
C LEU C 356 18.56 -5.58 -21.41
N LEU C 357 18.79 -4.83 -22.49
CA LEU C 357 19.57 -5.35 -23.61
C LEU C 357 20.95 -5.70 -23.08
N ARG C 358 21.50 -4.81 -22.26
CA ARG C 358 22.82 -5.04 -21.68
C ARG C 358 22.81 -6.27 -20.77
N GLN C 359 21.82 -6.32 -19.88
CA GLN C 359 21.71 -7.45 -18.96
C GLN C 359 21.52 -8.75 -19.72
N GLU C 360 20.71 -8.72 -20.77
CA GLU C 360 20.48 -9.90 -21.58
C GLU C 360 21.80 -10.31 -22.25
N ALA C 361 22.49 -9.31 -22.81
CA ALA C 361 23.76 -9.57 -23.48
C ALA C 361 24.75 -10.17 -22.50
N LEU C 362 24.85 -9.61 -21.30
CA LEU C 362 25.76 -10.12 -20.28
C LEU C 362 25.47 -11.58 -20.00
N LEU C 363 24.18 -11.88 -19.83
CA LEU C 363 23.76 -13.26 -19.54
C LEU C 363 24.09 -14.19 -20.70
N LYS C 364 23.94 -13.71 -21.92
CA LYS C 364 24.22 -14.51 -23.10
C LYS C 364 25.69 -14.94 -23.12
N GLU C 365 26.58 -14.05 -22.67
CA GLU C 365 28.02 -14.34 -22.63
C GLU C 365 28.27 -15.45 -21.62
N GLU C 366 27.21 -15.84 -20.91
CA GLU C 366 27.30 -16.89 -19.89
C GLU C 366 26.81 -18.23 -20.45
N ALA D 2 3.56 30.72 -27.25
CA ALA D 2 2.90 31.45 -26.12
C ALA D 2 3.60 31.16 -24.80
N LEU D 3 3.75 32.19 -23.98
CA LEU D 3 4.38 32.02 -22.67
C LEU D 3 3.39 31.44 -21.69
N MET D 4 3.85 30.51 -20.87
CA MET D 4 2.98 29.88 -19.89
C MET D 4 3.74 29.14 -18.79
N THR D 5 3.07 28.99 -17.65
CA THR D 5 3.64 28.29 -16.50
C THR D 5 3.52 26.79 -16.75
N MET D 6 4.08 25.99 -15.85
CA MET D 6 4.02 24.54 -15.97
C MET D 6 2.56 24.08 -15.88
N VAL D 7 1.81 24.64 -14.94
CA VAL D 7 0.40 24.29 -14.79
C VAL D 7 -0.32 24.44 -16.11
N GLN D 8 -0.12 25.60 -16.74
CA GLN D 8 -0.74 25.89 -18.04
C GLN D 8 -0.32 24.89 -19.11
N ALA D 9 0.97 24.54 -19.14
CA ALA D 9 1.46 23.59 -20.13
C ALA D 9 0.83 22.21 -19.91
N LEU D 10 0.84 21.74 -18.67
CA LEU D 10 0.26 20.45 -18.34
C LEU D 10 -1.22 20.43 -18.71
N ASN D 11 -1.92 21.53 -18.39
CA ASN D 11 -3.34 21.63 -18.70
C ASN D 11 -3.59 21.57 -20.20
N ARG D 12 -2.76 22.28 -20.97
CA ARG D 12 -2.89 22.30 -22.42
C ARG D 12 -2.60 20.94 -23.02
N ALA D 13 -1.64 20.23 -22.43
CA ALA D 13 -1.28 18.89 -22.90
C ALA D 13 -2.49 17.97 -22.74
N LEU D 14 -3.12 18.01 -21.57
CA LEU D 14 -4.28 17.17 -21.33
C LEU D 14 -5.41 17.55 -22.29
N ASP D 15 -5.70 18.85 -22.39
CA ASP D 15 -6.75 19.32 -23.28
C ASP D 15 -6.50 18.80 -24.70
N GLU D 16 -5.29 19.00 -25.19
CA GLU D 16 -4.91 18.57 -26.54
C GLU D 16 -5.10 17.07 -26.76
N GLU D 17 -4.55 16.26 -25.85
CA GLU D 17 -4.67 14.82 -25.98
C GLU D 17 -6.11 14.34 -25.87
N MET D 18 -6.89 14.98 -25.02
CA MET D 18 -8.29 14.59 -24.86
C MET D 18 -9.08 14.93 -26.11
N ALA D 19 -8.70 16.01 -26.78
CA ALA D 19 -9.40 16.41 -28.01
C ALA D 19 -9.07 15.43 -29.13
N LYS D 20 -7.84 14.91 -29.13
CA LYS D 20 -7.41 13.96 -30.16
C LYS D 20 -7.96 12.55 -29.98
N ASP D 21 -8.05 12.10 -28.73
CA ASP D 21 -8.51 10.74 -28.44
C ASP D 21 -9.60 10.69 -27.38
N PRO D 22 -10.79 10.19 -27.75
CA PRO D 22 -11.91 10.09 -26.81
C PRO D 22 -11.60 9.12 -25.68
N ARG D 23 -10.65 8.22 -25.90
CA ARG D 23 -10.27 7.23 -24.89
C ARG D 23 -9.48 7.81 -23.73
N VAL D 24 -8.94 9.01 -23.91
CA VAL D 24 -8.16 9.64 -22.84
C VAL D 24 -9.12 10.20 -21.80
N VAL D 25 -8.98 9.72 -20.57
CA VAL D 25 -9.85 10.18 -19.48
C VAL D 25 -8.99 10.54 -18.27
N VAL D 26 -9.48 11.48 -17.48
CA VAL D 26 -8.78 11.91 -16.28
C VAL D 26 -9.58 11.50 -15.06
N LEU D 27 -8.92 10.90 -14.07
CA LEU D 27 -9.62 10.51 -12.85
C LEU D 27 -8.72 10.74 -11.64
N GLY D 28 -9.35 11.07 -10.51
CA GLY D 28 -8.62 11.30 -9.29
C GLY D 28 -9.42 12.13 -8.30
N GLU D 29 -8.81 12.43 -7.15
CA GLU D 29 -9.47 13.22 -6.13
C GLU D 29 -9.50 14.71 -6.49
N ASP D 30 -10.70 15.29 -6.52
CA ASP D 30 -10.88 16.72 -6.81
C ASP D 30 -10.35 17.22 -8.16
N VAL D 31 -10.38 16.38 -9.19
CA VAL D 31 -9.87 16.80 -10.50
C VAL D 31 -10.95 17.42 -11.39
N GLY D 32 -12.22 17.16 -11.08
CA GLY D 32 -13.30 17.68 -11.91
C GLY D 32 -13.75 19.10 -11.62
N LYS D 33 -14.86 19.21 -10.91
CA LYS D 33 -15.44 20.50 -10.56
C LYS D 33 -14.38 21.48 -10.08
N ARG D 34 -13.53 21.07 -9.15
CA ARG D 34 -12.49 21.96 -8.64
C ARG D 34 -11.37 22.24 -9.62
N GLY D 35 -11.18 21.33 -10.58
CA GLY D 35 -10.12 21.52 -11.56
C GLY D 35 -8.76 21.16 -10.97
N GLY D 36 -8.76 20.43 -9.86
CA GLY D 36 -7.50 20.04 -9.22
C GLY D 36 -7.03 21.03 -8.17
N VAL D 37 -6.33 20.53 -7.15
CA VAL D 37 -5.86 21.41 -6.10
C VAL D 37 -4.77 22.37 -6.60
N PHE D 38 -4.24 22.09 -7.78
CA PHE D 38 -3.22 22.96 -8.38
C PHE D 38 -3.73 23.49 -9.72
N LEU D 39 -4.99 23.19 -10.01
CA LEU D 39 -5.65 23.64 -11.24
C LEU D 39 -5.11 23.03 -12.52
N VAL D 40 -4.42 21.91 -12.42
CA VAL D 40 -3.88 21.28 -13.62
C VAL D 40 -4.98 20.76 -14.54
N THR D 41 -6.13 20.41 -13.98
CA THR D 41 -7.24 19.90 -14.77
C THR D 41 -8.39 20.90 -14.90
N GLU D 42 -8.11 22.16 -14.61
CA GLU D 42 -9.11 23.20 -14.69
C GLU D 42 -9.82 23.27 -16.05
N GLY D 43 -11.14 23.39 -16.01
CA GLY D 43 -11.92 23.49 -17.23
C GLY D 43 -12.12 22.23 -18.04
N LEU D 44 -11.37 21.18 -17.75
CA LEU D 44 -11.53 19.93 -18.50
C LEU D 44 -12.90 19.28 -18.33
N LEU D 45 -13.41 19.22 -17.10
CA LEU D 45 -14.71 18.60 -16.87
C LEU D 45 -15.80 19.38 -17.62
N GLN D 46 -15.71 20.70 -17.51
CA GLN D 46 -16.66 21.57 -18.16
C GLN D 46 -16.70 21.32 -19.66
N LYS D 47 -15.54 21.05 -20.24
CA LYS D 47 -15.45 20.83 -21.68
C LYS D 47 -15.69 19.40 -22.16
N TYR D 48 -15.21 18.41 -21.40
CA TYR D 48 -15.36 17.04 -21.84
C TYR D 48 -16.42 16.19 -21.13
N GLY D 49 -16.96 16.71 -20.03
CA GLY D 49 -17.99 15.97 -19.32
C GLY D 49 -17.54 15.00 -18.24
N PRO D 50 -18.47 14.59 -17.38
CA PRO D 50 -18.24 13.66 -16.26
C PRO D 50 -17.76 12.27 -16.67
N ASP D 51 -17.93 11.90 -17.93
CA ASP D 51 -17.47 10.59 -18.39
C ASP D 51 -16.04 10.64 -18.86
N ARG D 52 -15.47 11.84 -18.96
CA ARG D 52 -14.09 12.02 -19.42
C ARG D 52 -13.19 12.51 -18.29
N VAL D 53 -13.78 13.21 -17.32
CA VAL D 53 -13.03 13.73 -16.20
C VAL D 53 -13.84 13.37 -14.96
N MET D 54 -13.32 12.46 -14.14
CA MET D 54 -14.09 12.06 -12.97
C MET D 54 -13.46 12.05 -11.60
N ASP D 55 -14.13 12.72 -10.67
CA ASP D 55 -13.70 12.79 -9.28
C ASP D 55 -13.88 11.38 -8.75
N THR D 56 -12.92 10.89 -7.98
CA THR D 56 -13.01 9.54 -7.46
C THR D 56 -13.12 9.54 -5.96
N PRO D 57 -13.47 8.38 -5.38
CA PRO D 57 -13.58 8.30 -3.93
C PRO D 57 -12.14 8.49 -3.42
N LEU D 58 -12.00 8.73 -2.13
CA LEU D 58 -10.67 8.97 -1.56
C LEU D 58 -9.93 7.64 -1.32
N SER D 59 -9.39 7.06 -2.39
CA SER D 59 -8.66 5.80 -2.30
C SER D 59 -7.66 5.70 -3.43
N GLU D 60 -6.38 5.72 -3.10
CA GLU D 60 -5.33 5.63 -4.12
C GLU D 60 -5.29 4.23 -4.74
N ALA D 61 -5.66 3.22 -3.95
CA ALA D 61 -5.68 1.86 -4.47
C ALA D 61 -6.74 1.78 -5.58
N ALA D 62 -7.90 2.38 -5.30
CA ALA D 62 -8.98 2.39 -6.25
C ALA D 62 -8.60 3.19 -7.50
N ILE D 63 -7.87 4.29 -7.31
CA ILE D 63 -7.48 5.10 -8.44
C ILE D 63 -6.49 4.39 -9.35
N VAL D 64 -5.38 3.94 -8.78
CA VAL D 64 -4.36 3.25 -9.55
C VAL D 64 -4.91 1.96 -10.14
N GLY D 65 -5.61 1.19 -9.30
CA GLY D 65 -6.17 -0.08 -9.75
C GLY D 65 -7.21 0.00 -10.85
N ALA D 66 -8.17 0.91 -10.69
CA ALA D 66 -9.23 1.09 -11.70
C ALA D 66 -8.61 1.59 -12.99
N ALA D 67 -7.62 2.47 -12.88
CA ALA D 67 -6.94 2.99 -14.05
C ALA D 67 -6.33 1.82 -14.83
N LEU D 68 -5.71 0.90 -14.10
CA LEU D 68 -5.11 -0.27 -14.71
C LEU D 68 -6.18 -1.07 -15.44
N GLY D 69 -7.33 -1.24 -14.79
CA GLY D 69 -8.43 -1.97 -15.40
C GLY D 69 -8.96 -1.26 -16.63
N MET D 70 -9.11 0.06 -16.55
CA MET D 70 -9.57 0.84 -17.69
C MET D 70 -8.59 0.71 -18.85
N ALA D 71 -7.30 0.84 -18.56
CA ALA D 71 -6.27 0.74 -19.56
C ALA D 71 -6.23 -0.64 -20.21
N ALA D 72 -6.40 -1.68 -19.41
CA ALA D 72 -6.36 -3.03 -19.94
C ALA D 72 -7.57 -3.27 -20.84
N HIS D 73 -8.68 -2.62 -20.53
CA HIS D 73 -9.90 -2.81 -21.29
C HIS D 73 -10.08 -1.94 -22.53
N GLY D 74 -9.90 -0.63 -22.43
CA GLY D 74 -10.08 0.17 -23.62
C GLY D 74 -9.81 1.67 -23.55
N LEU D 75 -9.64 2.20 -22.35
CA LEU D 75 -9.38 3.63 -22.19
C LEU D 75 -7.90 3.96 -22.03
N ARG D 76 -7.60 5.25 -22.09
CA ARG D 76 -6.24 5.75 -21.92
C ARG D 76 -6.35 6.67 -20.71
N PRO D 77 -6.38 6.09 -19.50
CA PRO D 77 -6.50 6.89 -18.28
C PRO D 77 -5.26 7.63 -17.80
N VAL D 78 -5.49 8.86 -17.36
CA VAL D 78 -4.44 9.70 -16.80
C VAL D 78 -4.93 9.88 -15.37
N ALA D 79 -4.38 9.09 -14.46
CA ALA D 79 -4.77 9.15 -13.05
C ALA D 79 -3.93 10.14 -12.29
N GLU D 80 -4.53 10.77 -11.29
CA GLU D 80 -3.81 11.71 -10.48
C GLU D 80 -3.77 11.27 -9.02
N ILE D 81 -2.58 11.32 -8.43
CA ILE D 81 -2.41 11.01 -7.02
C ILE D 81 -2.15 12.42 -6.49
N GLN D 82 -3.04 12.92 -5.64
CA GLN D 82 -2.93 14.30 -5.16
C GLN D 82 -1.55 14.77 -4.75
N PHE D 83 -0.75 13.86 -4.21
CA PHE D 83 0.62 14.17 -3.81
C PHE D 83 1.41 12.88 -3.91
N ALA D 84 2.64 12.99 -4.38
CA ALA D 84 3.50 11.83 -4.54
C ALA D 84 3.54 10.94 -3.27
N ASP D 85 3.54 11.59 -2.10
CA ASP D 85 3.57 10.90 -0.80
C ASP D 85 2.42 9.92 -0.62
N TYR D 86 1.27 10.27 -1.18
CA TYR D 86 0.07 9.48 -1.02
C TYR D 86 -0.12 8.34 -2.01
N ILE D 87 0.95 7.96 -2.69
CA ILE D 87 0.88 6.85 -3.64
C ILE D 87 0.87 5.53 -2.87
N PHE D 88 1.44 5.57 -1.67
CA PHE D 88 1.55 4.37 -0.85
C PHE D 88 0.28 3.58 -0.55
N PRO D 89 -0.83 4.26 -0.25
CA PRO D 89 -2.04 3.47 0.01
C PRO D 89 -2.38 2.55 -1.17
N GLY D 90 -1.97 2.95 -2.37
CA GLY D 90 -2.24 2.12 -3.54
C GLY D 90 -0.95 1.59 -4.13
N PHE D 91 0.05 1.38 -3.28
CA PHE D 91 1.34 0.90 -3.74
C PHE D 91 1.29 -0.48 -4.36
N ASP D 92 0.54 -1.39 -3.78
CA ASP D 92 0.48 -2.73 -4.33
C ASP D 92 -0.14 -2.72 -5.72
N GLN D 93 -1.17 -1.92 -5.92
CA GLN D 93 -1.79 -1.83 -7.24
C GLN D 93 -0.75 -1.40 -8.25
N LEU D 94 0.05 -0.40 -7.89
CA LEU D 94 1.10 0.11 -8.79
C LEU D 94 2.20 -0.89 -9.10
N VAL D 95 2.75 -1.53 -8.08
CA VAL D 95 3.86 -2.47 -8.30
C VAL D 95 3.49 -3.91 -8.63
N SER D 96 2.37 -4.39 -8.11
CA SER D 96 1.96 -5.77 -8.37
C SER D 96 1.02 -5.95 -9.55
N GLN D 97 0.19 -4.94 -9.83
CA GLN D 97 -0.74 -5.04 -10.93
C GLN D 97 -0.31 -4.26 -12.16
N VAL D 98 -0.10 -2.96 -12.01
CA VAL D 98 0.30 -2.12 -13.12
C VAL D 98 1.65 -2.49 -13.72
N ALA D 99 2.69 -2.45 -12.89
CA ALA D 99 4.05 -2.74 -13.33
C ALA D 99 4.28 -4.09 -13.98
N LYS D 100 3.63 -5.12 -13.47
CA LYS D 100 3.85 -6.46 -13.98
C LYS D 100 2.80 -7.04 -14.94
N LEU D 101 1.78 -6.27 -15.29
CA LEU D 101 0.74 -6.78 -16.18
C LEU D 101 1.24 -7.37 -17.49
N ARG D 102 2.00 -6.59 -18.25
CA ARG D 102 2.52 -7.06 -19.53
C ARG D 102 3.39 -8.31 -19.37
N TYR D 103 4.31 -8.23 -18.41
CA TYR D 103 5.23 -9.33 -18.16
C TYR D 103 4.53 -10.63 -17.75
N ARG D 104 3.74 -10.57 -16.68
CA ARG D 104 3.07 -11.77 -16.18
C ARG D 104 2.05 -12.36 -17.14
N SER D 105 1.53 -11.55 -18.07
CA SER D 105 0.53 -12.06 -19.00
C SER D 105 1.16 -12.46 -20.34
N GLY D 106 2.48 -12.46 -20.39
CA GLY D 106 3.16 -12.81 -21.62
C GLY D 106 2.82 -11.86 -22.76
N GLY D 107 2.43 -10.64 -22.41
CA GLY D 107 2.07 -9.65 -23.41
C GLY D 107 0.61 -9.62 -23.83
N GLN D 108 -0.21 -10.49 -23.23
CA GLN D 108 -1.63 -10.53 -23.57
C GLN D 108 -2.40 -9.31 -23.08
N PHE D 109 -1.93 -8.72 -21.97
CA PHE D 109 -2.59 -7.55 -21.41
C PHE D 109 -1.59 -6.41 -21.24
N THR D 110 -2.01 -5.20 -21.59
CA THR D 110 -1.15 -4.04 -21.49
C THR D 110 -1.75 -2.97 -20.59
N ALA D 111 -0.91 -2.03 -20.16
CA ALA D 111 -1.35 -0.97 -19.26
C ALA D 111 -1.01 0.43 -19.75
N PRO D 112 -1.69 0.88 -20.83
CA PRO D 112 -1.43 2.22 -21.37
C PRO D 112 -2.05 3.26 -20.44
N LEU D 113 -1.41 3.50 -19.31
CA LEU D 113 -1.91 4.47 -18.35
C LEU D 113 -0.82 5.40 -17.83
N VAL D 114 -1.25 6.56 -17.36
CA VAL D 114 -0.35 7.54 -16.81
C VAL D 114 -0.80 7.93 -15.41
N VAL D 115 0.15 7.97 -14.48
CA VAL D 115 -0.15 8.36 -13.11
C VAL D 115 0.67 9.61 -12.80
N ARG D 116 0.03 10.76 -12.78
CA ARG D 116 0.75 11.98 -12.47
C ARG D 116 0.58 12.37 -11.01
N MET D 117 1.51 13.17 -10.50
CA MET D 117 1.49 13.58 -9.11
C MET D 117 2.47 14.70 -8.81
N PRO D 118 2.09 15.61 -7.89
CA PRO D 118 2.96 16.72 -7.50
C PRO D 118 3.96 16.13 -6.51
N SER D 119 5.18 16.66 -6.44
CA SER D 119 6.17 16.16 -5.50
C SER D 119 7.14 17.23 -5.02
N GLY D 120 7.94 16.86 -4.02
CA GLY D 120 8.92 17.76 -3.47
C GLY D 120 8.32 18.86 -2.61
N GLY D 121 9.20 19.60 -1.94
CA GLY D 121 8.77 20.70 -1.10
C GLY D 121 9.33 21.96 -1.74
N GLY D 122 10.13 22.71 -1.00
CA GLY D 122 10.74 23.91 -1.54
C GLY D 122 9.84 25.10 -1.77
N VAL D 123 8.63 25.06 -1.21
CA VAL D 123 7.70 26.18 -1.35
C VAL D 123 6.61 26.06 -0.29
N ARG D 124 6.36 27.18 0.38
CA ARG D 124 5.35 27.19 1.43
C ARG D 124 4.10 27.95 0.99
N GLY D 125 3.32 27.31 0.12
CA GLY D 125 2.09 27.93 -0.36
C GLY D 125 0.90 27.42 0.41
N GLY D 126 1.17 26.75 1.52
CA GLY D 126 0.11 26.21 2.35
C GLY D 126 -0.22 24.78 2.00
N HIS D 127 0.54 24.21 1.05
CA HIS D 127 0.32 22.83 0.64
C HIS D 127 1.34 21.87 1.20
N HIS D 128 0.95 20.60 1.23
CA HIS D 128 1.76 19.50 1.74
C HIS D 128 3.11 19.39 1.02
N HIS D 129 4.18 19.18 1.78
CA HIS D 129 5.52 19.02 1.20
C HIS D 129 5.64 17.51 0.93
N SER D 130 5.89 17.17 -0.33
CA SER D 130 5.98 15.77 -0.74
C SER D 130 7.39 15.20 -0.88
N GLN D 131 7.72 14.19 -0.07
CA GLN D 131 9.03 13.57 -0.17
C GLN D 131 9.02 12.77 -1.48
N SER D 132 9.93 13.09 -2.39
CA SER D 132 10.01 12.42 -3.69
C SER D 132 10.26 10.92 -3.58
N PRO D 133 9.29 10.11 -4.04
CA PRO D 133 9.40 8.65 -3.97
C PRO D 133 9.82 7.94 -5.27
N GLU D 134 10.39 8.67 -6.23
CA GLU D 134 10.76 8.05 -7.50
C GLU D 134 11.60 6.78 -7.40
N ALA D 135 12.48 6.70 -6.42
CA ALA D 135 13.31 5.51 -6.26
C ALA D 135 12.44 4.24 -6.20
N HIS D 136 11.34 4.31 -5.45
CA HIS D 136 10.43 3.18 -5.31
C HIS D 136 9.94 2.72 -6.67
N PHE D 137 9.71 3.66 -7.55
CA PHE D 137 9.21 3.36 -8.89
C PHE D 137 10.32 2.81 -9.79
N VAL D 138 11.47 3.48 -9.78
CA VAL D 138 12.58 3.05 -10.61
C VAL D 138 13.01 1.63 -10.24
N HIS D 139 12.96 1.32 -8.95
CA HIS D 139 13.34 0.00 -8.46
C HIS D 139 12.37 -1.08 -8.94
N THR D 140 11.16 -0.67 -9.30
CA THR D 140 10.12 -1.59 -9.77
C THR D 140 10.10 -1.77 -11.28
N ALA D 141 10.53 -2.94 -11.75
CA ALA D 141 10.56 -3.20 -13.20
C ALA D 141 9.17 -3.12 -13.82
N GLY D 142 9.08 -2.41 -14.95
CA GLY D 142 7.80 -2.31 -15.64
C GLY D 142 7.17 -0.92 -15.63
N LEU D 143 7.75 0.00 -14.87
CA LEU D 143 7.23 1.35 -14.79
C LEU D 143 8.20 2.35 -15.41
N LYS D 144 7.70 3.24 -16.25
CA LYS D 144 8.55 4.28 -16.82
C LYS D 144 8.37 5.44 -15.86
N VAL D 145 9.46 6.15 -15.57
CA VAL D 145 9.39 7.26 -14.63
C VAL D 145 9.92 8.55 -15.22
N VAL D 146 9.11 9.60 -15.16
CA VAL D 146 9.48 10.91 -15.68
C VAL D 146 9.25 12.01 -14.65
N ALA D 147 10.19 12.96 -14.61
CA ALA D 147 10.13 14.11 -13.71
C ALA D 147 10.50 15.32 -14.54
N VAL D 148 9.55 16.25 -14.68
CA VAL D 148 9.78 17.45 -15.48
C VAL D 148 10.15 18.67 -14.63
N SER D 149 10.75 19.67 -15.27
CA SER D 149 11.18 20.88 -14.57
C SER D 149 10.97 22.17 -15.35
N THR D 150 10.38 22.08 -16.54
CA THR D 150 10.11 23.28 -17.34
C THR D 150 8.75 23.17 -18.00
N PRO D 151 8.08 24.30 -18.23
CA PRO D 151 6.77 24.27 -18.87
C PRO D 151 6.84 23.59 -20.23
N TYR D 152 7.92 23.86 -20.97
CA TYR D 152 8.10 23.28 -22.29
C TYR D 152 8.16 21.75 -22.21
N ASP D 153 8.94 21.23 -21.27
CA ASP D 153 9.07 19.80 -21.09
C ASP D 153 7.79 19.18 -20.56
N ALA D 154 7.13 19.90 -19.65
CA ALA D 154 5.89 19.42 -19.07
C ALA D 154 4.92 19.02 -20.17
N LYS D 155 4.67 19.93 -21.10
CA LYS D 155 3.75 19.64 -22.19
C LYS D 155 4.23 18.54 -23.11
N GLY D 156 5.46 18.69 -23.60
CA GLY D 156 6.02 17.69 -24.51
C GLY D 156 6.02 16.27 -23.96
N LEU D 157 6.48 16.11 -22.73
CA LEU D 157 6.55 14.80 -22.12
C LEU D 157 5.21 14.20 -21.67
N LEU D 158 4.31 15.01 -21.12
CA LEU D 158 3.03 14.48 -20.69
C LEU D 158 2.29 13.92 -21.90
N LYS D 159 2.36 14.65 -23.02
CA LYS D 159 1.72 14.20 -24.23
C LYS D 159 2.38 12.90 -24.69
N ALA D 160 3.70 12.83 -24.53
CA ALA D 160 4.44 11.63 -24.92
C ALA D 160 4.01 10.44 -24.07
N ALA D 161 3.86 10.67 -22.78
CA ALA D 161 3.45 9.62 -21.86
C ALA D 161 2.07 9.10 -22.24
N ILE D 162 1.15 10.01 -22.53
CA ILE D 162 -0.22 9.64 -22.90
C ILE D 162 -0.27 8.80 -24.17
N ARG D 163 0.74 8.93 -25.01
CA ARG D 163 0.76 8.16 -26.26
C ARG D 163 1.54 6.88 -26.07
N ASP D 164 2.39 6.85 -25.04
CA ASP D 164 3.20 5.69 -24.74
C ASP D 164 2.30 4.57 -24.20
N GLU D 165 2.52 3.35 -24.67
CA GLU D 165 1.72 2.20 -24.24
C GLU D 165 2.16 1.65 -22.90
N ASP D 166 3.39 1.92 -22.50
CA ASP D 166 3.91 1.44 -21.24
C ASP D 166 3.46 2.36 -20.11
N PRO D 167 3.24 1.79 -18.91
CA PRO D 167 2.81 2.58 -17.76
C PRO D 167 3.84 3.68 -17.47
N VAL D 168 3.37 4.90 -17.25
CA VAL D 168 4.28 5.99 -16.95
C VAL D 168 3.88 6.73 -15.68
N VAL D 169 4.83 6.85 -14.76
CA VAL D 169 4.61 7.58 -13.51
C VAL D 169 5.18 8.97 -13.82
N PHE D 170 4.32 9.98 -13.76
CA PHE D 170 4.71 11.35 -14.10
C PHE D 170 4.78 12.29 -12.89
N LEU D 171 6.00 12.67 -12.51
CA LEU D 171 6.19 13.56 -11.37
C LEU D 171 6.31 15.04 -11.75
N GLU D 172 5.51 15.85 -11.06
CA GLU D 172 5.45 17.29 -11.28
C GLU D 172 5.86 18.03 -10.01
N PRO D 173 7.07 18.61 -9.98
CA PRO D 173 7.56 19.35 -8.80
C PRO D 173 6.66 20.55 -8.50
N LYS D 174 5.93 20.48 -7.39
CA LYS D 174 4.99 21.56 -7.06
C LYS D 174 5.60 22.96 -7.03
N ARG D 175 6.84 23.07 -6.56
CA ARG D 175 7.48 24.38 -6.49
C ARG D 175 7.64 24.99 -7.89
N LEU D 176 7.61 24.16 -8.92
CA LEU D 176 7.78 24.64 -10.29
C LEU D 176 6.49 24.83 -11.07
N TYR D 177 5.35 24.65 -10.43
CA TYR D 177 4.06 24.79 -11.11
C TYR D 177 3.82 26.17 -11.72
N ARG D 178 4.30 27.20 -11.03
CA ARG D 178 4.13 28.57 -11.50
C ARG D 178 5.39 29.42 -11.28
N SER D 179 6.50 28.76 -10.94
CA SER D 179 7.77 29.44 -10.67
C SER D 179 8.37 30.24 -11.83
N VAL D 180 7.93 29.99 -13.05
CA VAL D 180 8.48 30.71 -14.20
C VAL D 180 7.75 30.37 -15.48
N LYS D 181 7.54 31.38 -16.32
CA LYS D 181 6.86 31.18 -17.59
C LYS D 181 7.89 30.89 -18.65
N GLU D 182 7.46 30.23 -19.73
CA GLU D 182 8.37 29.90 -20.81
C GLU D 182 7.56 29.83 -22.09
N GLU D 183 8.22 29.97 -23.23
CA GLU D 183 7.53 29.89 -24.51
C GLU D 183 7.16 28.43 -24.74
N VAL D 184 5.86 28.17 -24.86
CA VAL D 184 5.39 26.81 -25.09
C VAL D 184 4.52 26.83 -26.34
N PRO D 185 5.01 26.22 -27.44
CA PRO D 185 4.26 26.18 -28.69
C PRO D 185 2.85 25.63 -28.47
N GLU D 186 1.87 26.21 -29.16
CA GLU D 186 0.50 25.74 -29.03
C GLU D 186 0.29 24.61 -30.03
N GLU D 187 1.19 24.54 -31.00
CA GLU D 187 1.14 23.50 -32.03
C GLU D 187 1.44 22.15 -31.37
N ASP D 188 0.95 21.08 -31.96
CA ASP D 188 1.17 19.75 -31.41
C ASP D 188 2.62 19.33 -31.52
N TYR D 189 3.21 18.89 -30.42
CA TYR D 189 4.60 18.44 -30.41
C TYR D 189 4.83 17.57 -29.19
N THR D 190 5.80 16.67 -29.27
CA THR D 190 6.11 15.81 -28.14
C THR D 190 7.60 15.78 -27.93
N LEU D 191 8.02 15.30 -26.77
CA LEU D 191 9.44 15.18 -26.45
C LEU D 191 9.67 13.69 -26.24
N PRO D 192 10.90 13.23 -26.46
CA PRO D 192 11.17 11.79 -26.28
C PRO D 192 11.45 11.34 -24.85
N ILE D 193 10.70 10.34 -24.42
CA ILE D 193 10.87 9.77 -23.09
C ILE D 193 12.14 8.94 -23.12
N GLY D 194 13.01 9.15 -22.14
CA GLY D 194 14.26 8.41 -22.11
C GLY D 194 15.47 9.26 -22.52
N LYS D 195 15.21 10.50 -22.90
CA LYS D 195 16.29 11.39 -23.32
C LYS D 195 16.48 12.59 -22.38
N ALA D 196 17.71 12.81 -21.95
CA ALA D 196 18.02 13.92 -21.07
C ALA D 196 18.02 15.22 -21.87
N ALA D 197 18.07 16.34 -21.16
CA ALA D 197 18.09 17.65 -21.81
C ALA D 197 19.31 18.41 -21.32
N LEU D 198 20.06 18.95 -22.26
CA LEU D 198 21.27 19.71 -21.94
C LEU D 198 20.85 21.16 -21.67
N ARG D 199 20.85 21.56 -20.39
CA ARG D 199 20.45 22.91 -20.00
C ARG D 199 21.55 23.94 -20.23
N ARG D 200 22.78 23.50 -20.00
CA ARG D 200 23.93 24.38 -20.15
C ARG D 200 25.16 23.53 -20.44
N GLU D 201 25.94 23.95 -21.43
CA GLU D 201 27.16 23.22 -21.80
C GLU D 201 28.34 23.69 -20.96
N GLY D 202 29.18 22.74 -20.58
CA GLY D 202 30.35 23.07 -19.77
C GLY D 202 31.41 22.02 -20.01
N LYS D 203 32.61 22.26 -19.54
CA LYS D 203 33.70 21.32 -19.74
C LYS D 203 34.49 20.97 -18.48
N ASP D 204 34.22 21.66 -17.38
CA ASP D 204 34.96 21.39 -16.15
C ASP D 204 34.21 20.54 -15.15
N LEU D 205 32.89 20.61 -15.17
CA LEU D 205 32.09 19.86 -14.21
C LEU D 205 30.74 19.47 -14.78
N THR D 206 30.30 18.25 -14.49
CA THR D 206 29.00 17.78 -14.93
C THR D 206 28.07 17.78 -13.72
N LEU D 207 26.93 18.45 -13.88
CA LEU D 207 25.93 18.50 -12.82
C LEU D 207 24.72 17.72 -13.31
N ILE D 208 24.57 16.50 -12.80
CA ILE D 208 23.44 15.65 -13.17
C ILE D 208 22.30 15.94 -12.22
N CYS D 209 21.12 16.22 -12.77
CA CYS D 209 19.98 16.56 -11.94
C CYS D 209 18.66 16.37 -12.68
N TYR D 210 17.58 16.78 -12.03
CA TYR D 210 16.23 16.69 -12.61
C TYR D 210 15.22 17.20 -11.60
N GLY D 211 14.03 17.52 -12.10
CA GLY D 211 12.96 17.99 -11.24
C GLY D 211 13.17 19.09 -10.21
N THR D 212 12.67 18.81 -9.01
CA THR D 212 12.70 19.72 -7.88
C THR D 212 13.92 20.62 -7.64
N VAL D 213 15.12 20.06 -7.74
CA VAL D 213 16.34 20.82 -7.48
C VAL D 213 16.82 21.74 -8.61
N MET D 214 16.21 21.63 -9.78
CA MET D 214 16.61 22.42 -10.94
C MET D 214 17.03 23.87 -10.65
N PRO D 215 16.19 24.66 -9.96
CA PRO D 215 16.51 26.06 -9.65
C PRO D 215 17.88 26.24 -8.98
N GLU D 216 18.11 25.55 -7.87
CA GLU D 216 19.37 25.67 -7.17
C GLU D 216 20.55 25.21 -8.02
N VAL D 217 20.35 24.15 -8.80
CA VAL D 217 21.42 23.63 -9.63
C VAL D 217 21.82 24.64 -10.70
N LEU D 218 20.84 25.28 -11.33
CA LEU D 218 21.14 26.26 -12.36
C LEU D 218 21.87 27.48 -11.79
N GLN D 219 21.43 27.97 -10.64
CA GLN D 219 22.08 29.12 -10.04
C GLN D 219 23.49 28.74 -9.61
N ALA D 220 23.69 27.50 -9.17
CA ALA D 220 25.00 27.07 -8.75
C ALA D 220 25.96 27.11 -9.93
N ALA D 221 25.47 26.73 -11.10
CA ALA D 221 26.29 26.75 -12.31
C ALA D 221 26.68 28.20 -12.61
N ALA D 222 25.74 29.11 -12.40
CA ALA D 222 25.97 30.53 -12.64
C ALA D 222 27.07 31.02 -11.71
N GLU D 223 26.99 30.64 -10.44
CA GLU D 223 27.99 31.05 -9.46
C GLU D 223 29.34 30.53 -9.91
N LEU D 224 29.38 29.25 -10.30
CA LEU D 224 30.62 28.64 -10.75
C LEU D 224 31.20 29.42 -11.94
N ALA D 225 30.35 29.88 -12.84
CA ALA D 225 30.81 30.64 -14.00
C ALA D 225 31.54 31.91 -13.54
N LYS D 226 31.04 32.53 -12.48
CA LYS D 226 31.67 33.74 -11.96
C LYS D 226 33.10 33.44 -11.50
N ALA D 227 33.37 32.18 -11.17
CA ALA D 227 34.71 31.81 -10.72
C ALA D 227 35.53 31.16 -11.83
N GLY D 228 35.09 31.30 -13.06
CA GLY D 228 35.83 30.72 -14.18
C GLY D 228 35.64 29.24 -14.39
N VAL D 229 34.63 28.64 -13.75
CA VAL D 229 34.36 27.21 -13.90
C VAL D 229 33.13 26.99 -14.77
N SER D 230 33.27 26.23 -15.85
CA SER D 230 32.15 25.97 -16.73
C SER D 230 31.53 24.62 -16.37
N ALA D 231 30.30 24.67 -15.87
CA ALA D 231 29.59 23.47 -15.49
C ALA D 231 28.56 23.09 -16.54
N GLU D 232 28.44 21.81 -16.79
CA GLU D 232 27.47 21.32 -17.76
C GLU D 232 26.28 20.81 -16.96
N VAL D 233 25.13 21.46 -17.10
CA VAL D 233 23.95 21.05 -16.37
C VAL D 233 23.12 20.11 -17.24
N LEU D 234 22.92 18.90 -16.74
CA LEU D 234 22.16 17.90 -17.48
C LEU D 234 20.90 17.46 -16.73
N ASP D 235 19.75 17.83 -17.27
CA ASP D 235 18.45 17.48 -16.70
C ASP D 235 18.02 16.13 -17.30
N LEU D 236 18.11 15.07 -16.52
CA LEU D 236 17.76 13.74 -17.01
C LEU D 236 16.33 13.64 -17.54
N ARG D 237 15.39 14.27 -16.84
CA ARG D 237 13.97 14.24 -17.20
C ARG D 237 13.35 12.85 -17.02
N THR D 238 13.84 11.86 -17.75
CA THR D 238 13.34 10.50 -17.64
C THR D 238 14.26 9.72 -16.71
N LEU D 239 13.71 9.20 -15.61
CA LEU D 239 14.52 8.44 -14.66
C LEU D 239 14.57 6.96 -15.03
N MET D 240 13.63 6.51 -15.85
CA MET D 240 13.57 5.12 -16.26
C MET D 240 12.76 4.97 -17.54
N PRO D 241 13.42 4.60 -18.64
CA PRO D 241 14.86 4.34 -18.71
C PRO D 241 15.61 5.66 -18.87
N TRP D 242 16.66 5.88 -18.08
CA TRP D 242 17.42 7.13 -18.16
C TRP D 242 18.44 7.16 -19.30
N ASP D 243 18.78 8.36 -19.72
CA ASP D 243 19.71 8.61 -20.82
C ASP D 243 21.16 8.25 -20.50
N TYR D 244 21.46 6.96 -20.58
CA TYR D 244 22.81 6.46 -20.30
C TYR D 244 23.87 7.18 -21.13
N GLU D 245 23.64 7.26 -22.44
CA GLU D 245 24.58 7.91 -23.35
C GLU D 245 24.91 9.34 -22.91
N ALA D 246 23.86 10.15 -22.75
CA ALA D 246 24.04 11.55 -22.35
C ALA D 246 24.88 11.68 -21.10
N VAL D 247 24.58 10.87 -20.10
CA VAL D 247 25.31 10.91 -18.85
C VAL D 247 26.77 10.61 -19.06
N MET D 248 27.06 9.43 -19.57
CA MET D 248 28.43 9.00 -19.80
C MET D 248 29.24 9.91 -20.72
N ASN D 249 28.60 10.49 -21.74
CA ASN D 249 29.34 11.38 -22.63
C ASN D 249 29.76 12.65 -21.91
N SER D 250 28.91 13.13 -21.01
CA SER D 250 29.22 14.34 -20.27
C SER D 250 30.33 14.08 -19.24
N VAL D 251 30.18 13.01 -18.46
CA VAL D 251 31.19 12.69 -17.46
C VAL D 251 32.54 12.40 -18.12
N ALA D 252 32.50 11.75 -19.28
CA ALA D 252 33.72 11.44 -20.00
C ALA D 252 34.45 12.72 -20.34
N LYS D 253 33.68 13.73 -20.76
CA LYS D 253 34.24 15.03 -21.11
C LYS D 253 34.85 15.76 -19.92
N THR D 254 34.02 16.06 -18.92
CA THR D 254 34.45 16.80 -17.74
C THR D 254 35.33 16.04 -16.76
N GLY D 255 35.10 14.74 -16.61
CA GLY D 255 35.93 13.97 -15.70
C GLY D 255 35.51 14.08 -14.24
N ARG D 256 34.61 15.00 -13.93
CA ARG D 256 34.14 15.15 -12.56
C ARG D 256 32.64 15.46 -12.52
N VAL D 257 31.91 14.79 -11.64
CA VAL D 257 30.47 14.96 -11.58
C VAL D 257 29.84 15.06 -10.19
N VAL D 258 28.78 15.86 -10.11
CA VAL D 258 28.02 16.04 -8.89
C VAL D 258 26.57 15.75 -9.26
N LEU D 259 25.92 14.84 -8.54
CA LEU D 259 24.52 14.49 -8.81
C LEU D 259 23.65 15.12 -7.74
N VAL D 260 22.57 15.78 -8.16
CA VAL D 260 21.68 16.46 -7.20
C VAL D 260 20.21 16.07 -7.31
N SER D 261 19.59 15.89 -6.15
CA SER D 261 18.17 15.54 -6.04
C SER D 261 17.70 15.80 -4.62
N ASP D 262 16.39 15.98 -4.44
CA ASP D 262 15.86 16.22 -3.10
C ASP D 262 15.33 14.93 -2.47
N ALA D 263 15.50 13.82 -3.19
CA ALA D 263 15.05 12.53 -2.69
C ALA D 263 16.02 12.04 -1.62
N PRO D 264 15.52 11.23 -0.66
CA PRO D 264 16.38 10.71 0.41
C PRO D 264 17.60 10.02 -0.22
N ARG D 265 18.73 10.13 0.46
CA ARG D 265 19.97 9.56 -0.06
C ARG D 265 20.00 8.05 -0.30
N HIS D 266 19.85 7.28 0.77
CA HIS D 266 19.92 5.82 0.67
C HIS D 266 19.08 5.10 -0.36
N ALA D 267 19.77 4.38 -1.25
CA ALA D 267 19.13 3.61 -2.32
C ALA D 267 18.32 4.53 -3.23
N SER D 268 18.73 5.79 -3.34
CA SER D 268 18.02 6.72 -4.18
C SER D 268 18.39 6.49 -5.65
N PHE D 269 17.65 7.16 -6.54
CA PHE D 269 17.93 7.04 -7.95
C PHE D 269 19.32 7.60 -8.32
N VAL D 270 19.70 8.74 -7.74
CA VAL D 270 21.01 9.30 -8.06
C VAL D 270 22.11 8.34 -7.62
N SER D 271 21.82 7.54 -6.60
CA SER D 271 22.80 6.58 -6.11
C SER D 271 23.03 5.56 -7.22
N GLU D 272 21.96 5.22 -7.94
CA GLU D 272 22.05 4.27 -9.02
C GLU D 272 22.93 4.81 -10.13
N VAL D 273 22.65 6.04 -10.54
CA VAL D 273 23.42 6.67 -11.60
C VAL D 273 24.89 6.77 -11.18
N ALA D 274 25.12 7.17 -9.94
CA ALA D 274 26.48 7.32 -9.42
C ALA D 274 27.21 6.00 -9.46
N ALA D 275 26.57 4.94 -8.99
CA ALA D 275 27.17 3.62 -8.97
C ALA D 275 27.44 3.08 -10.37
N THR D 276 26.64 3.51 -11.33
CA THR D 276 26.80 3.06 -12.70
C THR D 276 27.93 3.82 -13.38
N ILE D 277 28.13 5.07 -12.99
CA ILE D 277 29.20 5.88 -13.53
C ILE D 277 30.53 5.29 -13.04
N ALA D 278 30.56 4.87 -11.78
CA ALA D 278 31.75 4.32 -11.18
C ALA D 278 32.10 2.96 -11.75
N GLU D 279 31.08 2.19 -12.09
CA GLU D 279 31.29 0.87 -12.63
C GLU D 279 31.72 0.88 -14.09
N ASP D 280 31.34 1.92 -14.81
CA ASP D 280 31.66 2.02 -16.23
C ASP D 280 32.67 3.08 -16.66
N LEU D 281 32.77 4.19 -15.94
CA LEU D 281 33.72 5.23 -16.32
C LEU D 281 34.78 5.51 -15.26
N LEU D 282 35.17 4.49 -14.50
CA LEU D 282 36.18 4.69 -13.46
C LEU D 282 37.42 5.35 -14.07
N ASP D 283 37.83 4.84 -15.23
CA ASP D 283 39.00 5.34 -15.95
C ASP D 283 38.85 6.77 -16.45
N MET D 284 37.65 7.32 -16.38
CA MET D 284 37.43 8.69 -16.85
C MET D 284 37.20 9.68 -15.72
N LEU D 285 37.22 9.19 -14.48
CA LEU D 285 37.00 10.07 -13.33
C LEU D 285 38.26 10.74 -12.81
N LEU D 286 38.18 12.03 -12.59
CA LEU D 286 39.28 12.81 -12.05
C LEU D 286 38.96 13.13 -10.60
N ALA D 287 37.73 12.80 -10.20
CA ALA D 287 37.24 13.03 -8.84
C ALA D 287 36.12 12.03 -8.57
N PRO D 288 35.81 11.81 -7.29
CA PRO D 288 34.74 10.86 -6.93
C PRO D 288 33.37 11.44 -7.27
N PRO D 289 32.44 10.59 -7.76
CA PRO D 289 31.11 11.09 -8.09
C PRO D 289 30.49 11.50 -6.76
N ILE D 290 30.13 12.78 -6.64
CA ILE D 290 29.56 13.29 -5.40
C ILE D 290 28.05 13.48 -5.48
N ARG D 291 27.35 12.99 -4.46
CA ARG D 291 25.89 13.08 -4.42
C ARG D 291 25.37 14.08 -3.41
N VAL D 292 24.58 15.03 -3.89
CA VAL D 292 23.95 16.04 -3.04
C VAL D 292 22.48 15.64 -3.05
N THR D 293 21.98 15.14 -1.93
CA THR D 293 20.60 14.69 -1.86
C THR D 293 19.85 15.13 -0.62
N GLY D 294 18.58 14.75 -0.55
CA GLY D 294 17.79 15.05 0.62
C GLY D 294 18.38 14.17 1.71
N PHE D 295 18.25 14.57 2.96
CA PHE D 295 18.80 13.79 4.05
C PHE D 295 17.97 12.53 4.31
N ASP D 296 18.56 11.55 4.97
CA ASP D 296 17.85 10.32 5.29
C ASP D 296 16.96 10.50 6.52
N THR D 297 16.00 11.41 6.41
CA THR D 297 15.06 11.68 7.48
C THR D 297 13.72 11.96 6.81
N PRO D 298 12.62 11.90 7.57
CA PRO D 298 11.34 12.18 6.95
C PRO D 298 11.43 13.65 6.53
N TYR D 299 10.55 14.12 5.66
CA TYR D 299 10.63 15.51 5.22
C TYR D 299 10.22 16.45 6.34
N PRO D 300 11.15 17.28 6.84
CA PRO D 300 10.91 18.23 7.93
C PRO D 300 10.22 19.50 7.44
N TYR D 301 9.11 19.86 8.07
CA TYR D 301 8.37 21.05 7.69
C TYR D 301 9.08 22.34 8.04
N ALA D 302 9.55 22.43 9.27
CA ALA D 302 10.23 23.63 9.75
C ALA D 302 11.53 23.90 9.00
N GLN D 303 12.34 22.86 8.80
CA GLN D 303 13.62 23.00 8.13
C GLN D 303 13.58 22.68 6.64
N ASP D 304 12.45 22.97 6.00
CA ASP D 304 12.30 22.71 4.57
C ASP D 304 13.41 23.40 3.77
N LYS D 305 13.73 24.64 4.16
CA LYS D 305 14.78 25.43 3.50
C LYS D 305 16.12 24.71 3.51
N LEU D 306 16.38 23.96 4.58
CA LEU D 306 17.63 23.24 4.74
C LEU D 306 17.64 21.86 4.12
N TYR D 307 16.51 21.16 4.16
CA TYR D 307 16.44 19.82 3.60
C TYR D 307 16.65 19.85 2.08
N LEU D 308 15.89 20.70 1.40
CA LEU D 308 16.02 20.85 -0.04
C LEU D 308 17.45 21.36 -0.26
N PRO D 309 18.23 20.67 -1.11
CA PRO D 309 19.61 21.12 -1.34
C PRO D 309 19.67 22.60 -1.68
N THR D 310 20.61 23.31 -1.06
CA THR D 310 20.77 24.74 -1.32
C THR D 310 21.87 24.95 -2.36
N VAL D 311 21.96 26.17 -2.87
CA VAL D 311 22.98 26.51 -3.84
C VAL D 311 24.33 26.29 -3.17
N THR D 312 24.41 26.68 -1.91
CA THR D 312 25.64 26.52 -1.14
C THR D 312 26.06 25.07 -0.99
N ARG D 313 25.10 24.20 -0.64
CA ARG D 313 25.39 22.79 -0.46
C ARG D 313 25.88 22.20 -1.77
N ILE D 314 25.30 22.66 -2.88
CA ILE D 314 25.70 22.18 -4.18
C ILE D 314 27.09 22.69 -4.53
N LEU D 315 27.38 23.95 -4.22
CA LEU D 315 28.69 24.52 -4.49
C LEU D 315 29.79 23.85 -3.67
N ASN D 316 29.52 23.56 -2.40
CA ASN D 316 30.51 22.90 -1.55
C ASN D 316 30.89 21.55 -2.14
N ALA D 317 29.94 20.87 -2.77
CA ALA D 317 30.21 19.58 -3.36
C ALA D 317 30.99 19.79 -4.66
N ALA D 318 30.67 20.85 -5.39
CA ALA D 318 31.35 21.15 -6.64
C ALA D 318 32.81 21.44 -6.35
N LYS D 319 33.06 22.25 -5.32
CA LYS D 319 34.40 22.62 -4.93
C LYS D 319 35.19 21.36 -4.60
N ARG D 320 34.59 20.49 -3.79
CA ARG D 320 35.25 19.26 -3.40
C ARG D 320 35.62 18.43 -4.63
N ALA D 321 34.73 18.44 -5.63
CA ALA D 321 34.99 17.68 -6.85
C ALA D 321 36.07 18.34 -7.69
N LEU D 322 36.08 19.67 -7.72
CA LEU D 322 37.06 20.42 -8.47
C LEU D 322 38.45 20.39 -7.84
N ASP D 323 38.51 20.57 -6.52
CA ASP D 323 39.80 20.58 -5.81
C ASP D 323 40.40 19.20 -5.65
N TYR D 324 39.65 18.17 -5.98
CA TYR D 324 40.14 16.80 -5.84
C TYR D 324 41.31 16.52 -6.77
MG MG E . -15.51 15.27 4.96
N1' TPP F . -4.71 10.96 -0.09
C2' TPP F . -4.15 10.54 1.11
CM2 TPP F . -3.82 9.10 1.34
N3' TPP F . -3.87 11.40 2.10
C4' TPP F . -4.17 12.77 1.93
N4' TPP F . -3.87 13.55 2.95
C5' TPP F . -4.76 13.24 0.70
C6' TPP F . -5.00 12.29 -0.25
C7' TPP F . -5.10 14.72 0.47
N3 TPP F . -6.32 15.09 1.32
C2 TPP F . -6.13 15.78 2.43
S1 TPP F . -7.50 16.13 3.30
C5 TPP F . -8.47 15.32 2.14
C4 TPP F . -7.68 14.81 1.12
CM4 TPP F . -8.19 14.06 -0.05
C6 TPP F . -9.94 15.26 2.37
C7 TPP F . -10.39 14.28 3.43
O7 TPP F . -11.74 14.43 3.78
PA TPP F . -12.62 13.86 4.97
O1A TPP F . -14.05 13.87 4.64
O2A TPP F . -11.97 12.58 5.38
O3A TPP F . -12.34 14.94 6.07
PB TPP F . -12.73 16.49 6.25
O1B TPP F . -13.22 16.66 7.68
O2B TPP F . -11.55 17.21 5.80
O3B TPP F . -13.91 16.64 5.32
MG MG G . -11.08 -19.40 1.59
N1' TPP H . -0.90 -11.84 1.53
C2' TPP H . -1.14 -11.38 0.24
CM2 TPP H . -1.38 -9.92 -0.03
N3' TPP H . -1.15 -12.21 -0.79
C4' TPP H . -0.93 -13.57 -0.60
N4' TPP H . -0.96 -14.31 -1.70
C5' TPP H . -0.68 -14.10 0.71
C6' TPP H . -0.68 -13.19 1.72
C7' TPP H . -0.43 -15.58 0.96
N3 TPP H . -1.72 -16.35 0.72
C2 TPP H . -1.86 -17.03 -0.41
S1 TPP H . -3.30 -17.82 -0.60
C5 TPP H . -3.85 -17.26 0.93
C4 TPP H . -2.87 -16.47 1.52
CM4 TPP H . -3.01 -15.82 2.85
C6 TPP H . -5.21 -17.63 1.38
C7 TPP H . -6.33 -16.86 0.74
O7 TPP H . -7.59 -17.38 1.08
PA TPP H . -9.04 -17.20 0.48
O1A TPP H . -9.08 -15.81 -0.07
O2A TPP H . -10.08 -17.62 1.42
O3A TPP H . -8.95 -18.20 -0.73
PB TPP H . -8.87 -19.80 -0.86
O1B TPP H . -9.46 -20.28 0.46
O2B TPP H . -9.81 -20.21 -1.97
O3B TPP H . -7.45 -20.07 -0.96
CA 4MV I . -3.55 18.38 3.41
CB 4MV I . -4.04 17.65 4.63
CG 4MV I . -2.92 17.34 5.62
CD1 4MV I . -3.37 16.38 6.71
CD2 4MV I . -2.39 18.64 6.21
C 4MV I . -2.61 17.54 2.57
O 4MV I . -1.86 18.12 1.76
OXT 4MV I . -2.61 16.31 2.73
#